data_2ZBA
#
_entry.id   2ZBA
#
_cell.length_a   100.973
_cell.length_b   81.966
_cell.length_c   113.506
_cell.angle_alpha   90.00
_cell.angle_beta   109.15
_cell.angle_gamma   90.00
#
_symmetry.space_group_name_H-M   'P 1 21 1'
#
loop_
_entity.id
_entity.type
_entity.pdbx_description
1 polymer 'Trichothecene 3-O-acetyltransferase'
2 non-polymer 'COENZYME A'
3 non-polymer 12,13-Epoxytrichothec-9-ene-3,4,8,15-tetrol-4,15-diacetate-8-isovalerate
4 non-polymer 'CALCIUM ION'
5 non-polymer 'DIMETHYL SULFOXIDE'
6 non-polymer GLYCEROL
7 water water
#
_entity_poly.entity_id   1
_entity_poly.type   'polypeptide(L)'
_entity_poly.pdbx_seq_one_letter_code
;(MSE)AATSSTSSQSFDIELDIIGQQPPLLSIYTQISLVYPVSDPSQYPTIVSTLEEGLKRLSQTFPWVAGQVKTEGISE
GNTGTSKIIPYEETPRLVVKDLRDDSSAPTIEGLRKAGFPLE(MSE)FDENVVAPRKTLAIGPGNGPNDPKPVLLLQLNF
IKGGLILTVNGQHGA(MSE)D(MSE)TGQDAIIRLLSKACRNESFTEEEISA(MSE)NLDRKTVVPLLENYKVGPELDHQ
IAKPAPAGDAPPAPAKATWAFFSFTPKALSELKDAATKTLDASSKFVSTDDALSAFIWQSTSRVRLARLDASTPTEFCRA
VD(MSE)RGP(MSE)GVSSTYPGLLQN(MSE)TYHDSTVAEIANEPLGATASRLRSELNSDRLRRRTQALATY(MSE)HG
LPDKSSVSLTADANPSSSI(MSE)LSSWAKVGCWEYDFGFGLGKPESVRRPRFEPFESL(MSE)YF(MSE)PKKPDGEFT
ASISLRDED(MSE)ERLKADEEWTKYAKYIG
;
_entity_poly.pdbx_strand_id   A,B,C,D
#
loop_
_chem_comp.id
_chem_comp.type
_chem_comp.name
_chem_comp.formula
CA non-polymer 'CALCIUM ION' 'Ca 2'
COA non-polymer 'COENZYME A' 'C21 H36 N7 O16 P3 S'
DMS non-polymer 'DIMETHYL SULFOXIDE' 'C2 H6 O S'
GOL non-polymer GLYCEROL 'C3 H8 O3'
ZBA non-polymer 12,13-Epoxytrichothec-9-ene-3,4,8,15-tetrol-4,15-diacetate-8-isovalerate 'C24 H32 O9'
#
# COMPACT_ATOMS: atom_id res chain seq x y z
N SER A 11 1.72 16.86 56.03
CA SER A 11 0.25 17.09 56.03
C SER A 11 -0.59 15.85 55.68
N PHE A 12 0.06 14.78 55.20
CA PHE A 12 -0.64 13.47 55.07
C PHE A 12 0.23 12.21 55.25
N ASP A 13 -0.39 11.19 55.84
CA ASP A 13 0.24 9.92 56.11
C ASP A 13 -0.81 8.81 55.96
N ILE A 14 -1.03 8.36 54.73
CA ILE A 14 -2.20 7.54 54.39
C ILE A 14 -1.85 6.06 54.11
N GLU A 15 -2.19 5.18 55.06
CA GLU A 15 -1.89 3.75 54.88
C GLU A 15 -2.70 3.18 53.71
N LEU A 16 -2.06 2.33 52.90
CA LEU A 16 -2.72 1.74 51.73
C LEU A 16 -3.85 0.82 52.17
N ASP A 17 -4.77 0.53 51.25
CA ASP A 17 -5.75 -0.52 51.43
C ASP A 17 -5.00 -1.77 51.92
N ILE A 18 -5.45 -2.41 53.00
CA ILE A 18 -4.76 -3.64 53.46
C ILE A 18 -4.56 -4.61 52.32
N ILE A 19 -5.55 -4.75 51.45
CA ILE A 19 -5.44 -5.62 50.28
C ILE A 19 -4.36 -5.16 49.27
N GLY A 20 -4.02 -3.87 49.28
CA GLY A 20 -3.01 -3.34 48.36
C GLY A 20 -1.59 -3.53 48.88
N GLN A 21 -1.47 -4.08 50.09
CA GLN A 21 -0.17 -4.29 50.72
C GLN A 21 0.51 -5.57 50.26
N GLN A 22 0.05 -6.14 49.14
CA GLN A 22 0.66 -7.33 48.55
C GLN A 22 1.97 -6.94 47.85
N PRO A 23 3.07 -7.65 48.14
CA PRO A 23 4.32 -7.24 47.50
C PRO A 23 4.27 -7.20 45.95
N PRO A 24 3.49 -8.09 45.28
CA PRO A 24 3.38 -7.86 43.82
C PRO A 24 2.80 -6.49 43.40
N LEU A 25 1.73 -6.04 44.06
CA LEU A 25 1.08 -4.78 43.72
C LEU A 25 2.02 -3.60 43.94
N LEU A 26 2.93 -3.76 44.89
CA LEU A 26 3.84 -2.68 45.26
C LEU A 26 5.00 -2.52 44.28
N SER A 27 5.14 -3.49 43.37
CA SER A 27 6.14 -3.46 42.29
C SER A 27 5.58 -3.09 40.90
N ILE A 28 4.31 -2.74 40.83
CA ILE A 28 3.64 -2.58 39.53
C ILE A 28 3.07 -1.17 39.33
N TYR A 29 3.26 -0.63 38.13
CA TYR A 29 2.52 0.55 37.68
C TYR A 29 1.50 0.18 36.62
N THR A 30 0.25 0.55 36.88
CA THR A 30 -0.79 0.46 35.84
C THR A 30 -0.67 1.62 34.88
N GLN A 31 -0.66 1.32 33.58
CA GLN A 31 -0.50 2.32 32.52
C GLN A 31 -1.72 2.36 31.57
N ILE A 32 -2.11 3.57 31.12
CA ILE A 32 -3.17 3.71 30.12
CA ILE A 32 -3.19 3.72 30.13
C ILE A 32 -2.87 4.92 29.22
N SER A 33 -3.08 4.76 27.91
CA SER A 33 -2.76 5.84 26.97
C SER A 33 -3.99 6.32 26.25
N LEU A 34 -4.17 7.64 26.21
CA LEU A 34 -5.28 8.26 25.48
C LEU A 34 -4.71 9.04 24.30
N VAL A 35 -5.11 8.66 23.08
CA VAL A 35 -4.64 9.29 21.84
C VAL A 35 -5.68 10.25 21.24
N TYR A 36 -5.21 11.45 20.86
CA TYR A 36 -6.02 12.52 20.26
C TYR A 36 -5.31 13.06 18.99
N PRO A 37 -6.10 13.44 17.95
CA PRO A 37 -5.50 14.16 16.81
C PRO A 37 -5.20 15.61 17.22
N VAL A 38 -4.17 16.20 16.63
CA VAL A 38 -3.87 17.62 16.85
C VAL A 38 -3.76 18.30 15.50
N SER A 39 -4.65 19.27 15.30
CA SER A 39 -4.83 19.93 14.02
C SER A 39 -3.58 20.77 13.73
N ASP A 40 -3.17 21.57 14.71
CA ASP A 40 -2.01 22.43 14.57
C ASP A 40 -1.09 22.40 15.78
N PRO A 41 0.24 22.29 15.54
CA PRO A 41 1.26 22.25 16.59
C PRO A 41 1.30 23.48 17.50
N SER A 42 0.77 24.61 17.02
CA SER A 42 0.59 25.80 17.85
C SER A 42 -0.24 25.48 19.10
N GLN A 43 -1.02 24.40 19.04
CA GLN A 43 -1.86 23.98 20.15
C GLN A 43 -1.07 23.31 21.28
N TYR A 44 0.08 22.71 20.94
CA TYR A 44 0.84 21.92 21.92
C TYR A 44 1.11 22.66 23.24
N PRO A 45 1.74 23.86 23.18
CA PRO A 45 2.04 24.58 24.44
C PRO A 45 0.81 24.87 25.28
N THR A 46 -0.31 25.11 24.60
CA THR A 46 -1.60 25.35 25.25
C THR A 46 -2.13 24.07 25.95
N ILE A 47 -1.91 22.92 25.32
CA ILE A 47 -2.32 21.61 25.88
C ILE A 47 -1.55 21.29 27.18
N VAL A 48 -0.24 21.57 27.14
CA VAL A 48 0.67 21.42 28.28
C VAL A 48 0.24 22.32 29.44
N SER A 49 0.02 23.60 29.17
CA SER A 49 -0.41 24.55 30.21
CA SER A 49 -0.41 24.56 30.20
C SER A 49 -1.73 24.18 30.85
N THR A 50 -2.67 23.72 30.03
CA THR A 50 -3.98 23.28 30.50
C THR A 50 -3.87 22.06 31.43
N LEU A 51 -2.97 21.13 31.11
CA LEU A 51 -2.81 19.95 31.97
C LEU A 51 -2.11 20.30 33.27
N GLU A 52 -1.08 21.14 33.18
CA GLU A 52 -0.34 21.61 34.35
C GLU A 52 -1.27 22.25 35.39
N GLU A 53 -2.25 23.01 34.89
CA GLU A 53 -3.20 23.75 35.75
C GLU A 53 -4.26 22.85 36.37
N GLY A 54 -4.70 21.84 35.61
CA GLY A 54 -5.56 20.80 36.13
C GLY A 54 -4.88 19.99 37.22
N LEU A 55 -3.60 19.66 36.99
CA LEU A 55 -2.74 18.99 37.98
C LEU A 55 -2.65 19.76 39.29
N LYS A 56 -2.49 21.08 39.20
CA LYS A 56 -2.45 21.93 40.40
C LYS A 56 -3.79 21.97 41.12
N ARG A 57 -4.86 22.13 40.34
CA ARG A 57 -6.23 22.22 40.85
C ARG A 57 -6.66 20.96 41.59
N LEU A 58 -6.33 19.80 41.00
CA LEU A 58 -6.59 18.49 41.62
C LEU A 58 -5.77 18.29 42.91
N SER A 59 -4.48 18.59 42.85
CA SER A 59 -3.59 18.57 44.04
C SER A 59 -3.96 19.51 45.17
N GLN A 60 -4.65 20.61 44.87
CA GLN A 60 -5.06 21.57 45.90
C GLN A 60 -6.25 21.05 46.68
N THR A 61 -7.18 20.40 45.98
CA THR A 61 -8.32 19.78 46.62
C THR A 61 -7.91 18.47 47.32
N PHE A 62 -7.06 17.68 46.65
CA PHE A 62 -6.62 16.37 47.15
C PHE A 62 -5.11 16.20 47.13
N PRO A 63 -4.40 16.78 48.12
CA PRO A 63 -2.92 16.76 48.15
C PRO A 63 -2.25 15.40 47.92
N TRP A 64 -2.86 14.35 48.45
CA TRP A 64 -2.26 13.01 48.40
C TRP A 64 -1.99 12.45 46.98
N VAL A 65 -2.75 12.91 45.98
CA VAL A 65 -2.54 12.45 44.60
C VAL A 65 -1.13 12.71 44.14
N ALA A 66 -0.51 13.73 44.74
CA ALA A 66 0.85 14.18 44.42
C ALA A 66 1.91 13.46 45.27
N GLY A 67 1.45 12.57 46.15
CA GLY A 67 2.32 11.86 47.08
C GLY A 67 3.13 10.73 46.47
N GLN A 68 3.76 9.96 47.36
CA GLN A 68 4.59 8.83 47.00
C GLN A 68 4.32 7.67 47.97
N VAL A 69 4.55 6.45 47.50
CA VAL A 69 4.38 5.26 48.32
C VAL A 69 5.71 4.93 49.02
N LYS A 70 5.62 4.77 50.33
CA LYS A 70 6.77 4.44 51.16
C LYS A 70 6.41 3.19 51.97
N THR A 71 7.35 2.23 52.05
CA THR A 71 7.15 1.01 52.81
C THR A 71 8.02 1.01 54.07
N GLU A 72 7.37 0.97 55.23
CA GLU A 72 8.03 1.04 56.54
C GLU A 72 8.12 -0.31 57.24
N GLY A 73 9.20 -0.50 58.01
CA GLY A 73 9.31 -1.62 58.93
C GLY A 73 9.63 -2.95 58.27
N ILE A 74 10.42 -2.91 57.21
CA ILE A 74 10.86 -4.13 56.54
C ILE A 74 11.97 -4.77 57.39
N SER A 75 11.95 -6.10 57.46
CA SER A 75 13.01 -6.89 58.09
C SER A 75 12.81 -8.33 57.67
N GLU A 76 13.68 -9.22 58.13
CA GLU A 76 13.45 -10.64 57.92
C GLU A 76 12.16 -10.99 58.71
N GLY A 77 11.19 -11.60 58.03
CA GLY A 77 9.94 -11.95 58.69
C GLY A 77 8.83 -10.90 58.62
N ASN A 78 9.13 -9.72 58.10
CA ASN A 78 8.17 -8.63 58.00
C ASN A 78 8.38 -7.86 56.69
N THR A 79 7.42 -8.04 55.79
CA THR A 79 7.42 -7.41 54.47
C THR A 79 6.99 -5.95 54.52
N GLY A 80 6.69 -5.45 55.71
CA GLY A 80 6.44 -4.03 55.92
C GLY A 80 5.01 -3.55 55.70
N THR A 81 4.81 -2.26 55.96
CA THR A 81 3.52 -1.63 55.81
C THR A 81 3.73 -0.34 55.03
N SER A 82 2.88 -0.14 54.05
CA SER A 82 3.06 0.94 53.09
C SER A 82 2.00 2.02 53.29
N LYS A 83 2.39 3.23 52.94
CA LYS A 83 1.59 4.42 53.16
C LYS A 83 1.91 5.47 52.08
N ILE A 84 0.99 6.42 51.89
CA ILE A 84 1.18 7.53 50.97
C ILE A 84 1.64 8.76 51.78
N ILE A 85 2.80 9.30 51.43
CA ILE A 85 3.39 10.48 52.10
C ILE A 85 3.72 11.55 51.06
N PRO A 86 3.93 12.82 51.50
CA PRO A 86 4.31 13.90 50.59
C PRO A 86 5.52 13.63 49.71
N TYR A 87 5.47 14.19 48.51
CA TYR A 87 6.56 14.08 47.58
C TYR A 87 6.73 15.46 46.92
N GLU A 88 6.27 15.63 45.69
CA GLU A 88 6.25 16.95 45.05
C GLU A 88 4.85 17.57 45.18
N GLU A 89 4.71 18.85 44.78
CA GLU A 89 3.43 19.58 44.88
C GLU A 89 2.37 19.06 43.93
N THR A 90 2.80 18.54 42.80
CA THR A 90 1.87 17.96 41.82
C THR A 90 2.40 16.59 41.39
N PRO A 91 1.48 15.74 40.88
CA PRO A 91 1.90 14.52 40.18
C PRO A 91 2.89 14.86 39.06
N ARG A 92 3.99 14.14 39.01
CA ARG A 92 5.06 14.44 38.07
C ARG A 92 4.58 14.30 36.63
N LEU A 93 4.80 15.34 35.84
CA LEU A 93 4.45 15.31 34.43
C LEU A 93 5.70 15.37 33.57
N VAL A 94 5.85 14.39 32.67
CA VAL A 94 6.89 14.39 31.62
C VAL A 94 6.27 14.86 30.31
N VAL A 95 6.94 15.80 29.63
CA VAL A 95 6.53 16.25 28.30
C VAL A 95 7.57 15.76 27.30
N LYS A 96 7.15 14.87 26.41
CA LYS A 96 8.06 14.24 25.45
C LYS A 96 7.60 14.46 24.00
N ASP A 97 8.48 15.05 23.19
CA ASP A 97 8.21 15.39 21.79
C ASP A 97 8.79 14.32 20.87
N LEU A 98 7.93 13.44 20.39
CA LEU A 98 8.35 12.29 19.58
C LEU A 98 8.42 12.60 18.09
N ARG A 99 8.02 13.81 17.72
CA ARG A 99 7.89 14.21 16.32
C ARG A 99 9.21 14.14 15.56
N ASP A 100 10.32 14.33 16.27
CA ASP A 100 11.66 14.15 15.70
C ASP A 100 12.06 12.67 15.75
N SER A 103 12.05 5.46 15.11
CA SER A 103 11.05 6.40 14.62
C SER A 103 9.72 6.15 15.37
N ALA A 104 9.21 7.22 15.96
CA ALA A 104 8.04 7.18 16.82
C ALA A 104 6.76 6.89 16.03
N PRO A 105 5.68 6.46 16.72
CA PRO A 105 4.39 6.35 16.04
C PRO A 105 3.87 7.70 15.60
N THR A 106 3.18 7.73 14.46
CA THR A 106 2.48 8.92 14.03
C THR A 106 0.98 8.62 14.07
N ILE A 107 0.14 9.64 14.13
CA ILE A 107 -1.34 9.47 13.97
C ILE A 107 -1.76 8.69 12.72
N GLU A 108 -1.14 8.98 11.57
CA GLU A 108 -1.50 8.29 10.35
C GLU A 108 -1.00 6.86 10.38
N GLY A 109 0.19 6.67 10.97
CA GLY A 109 0.72 5.31 11.16
C GLY A 109 -0.18 4.49 12.08
N LEU A 110 -0.65 5.12 13.14
CA LEU A 110 -1.59 4.50 14.09
C LEU A 110 -2.94 4.13 13.47
N ARG A 111 -3.51 5.06 12.71
CA ARG A 111 -4.78 4.83 12.01
C ARG A 111 -4.70 3.69 10.99
N LYS A 112 -3.63 3.65 10.21
CA LYS A 112 -3.53 2.68 9.14
C LYS A 112 -3.32 1.24 9.65
N ALA A 113 -2.74 1.11 10.84
CA ALA A 113 -2.47 -0.19 11.45
C ALA A 113 -3.52 -0.57 12.49
N GLY A 114 -4.39 0.37 12.81
CA GLY A 114 -5.50 0.12 13.74
C GLY A 114 -5.15 0.32 15.20
N PHE A 115 -4.21 1.24 15.47
CA PHE A 115 -3.75 1.54 16.84
C PHE A 115 -3.27 0.26 17.54
N PRO A 116 -2.31 -0.47 16.93
CA PRO A 116 -1.87 -1.76 17.44
C PRO A 116 -0.98 -1.65 18.69
N LEU A 117 -0.86 -2.74 19.43
CA LEU A 117 -0.04 -2.77 20.67
C LEU A 117 1.43 -2.50 20.35
N GLU A 118 1.92 -3.02 19.22
CA GLU A 118 3.27 -2.78 18.68
C GLU A 118 3.71 -1.32 18.82
N MSE A 119 2.78 -0.40 18.57
CA MSE A 119 3.07 1.03 18.49
C MSE A 119 2.89 1.76 19.82
O MSE A 119 2.96 3.00 19.88
CB MSE A 119 2.21 1.66 17.39
CG MSE A 119 2.53 1.10 16.02
SE MSE A 119 1.56 2.07 14.62
N PHE A 120 2.62 1.01 20.89
CA PHE A 120 2.49 1.62 22.21
C PHE A 120 3.53 1.01 23.14
N ASP A 121 4.80 1.08 22.71
CA ASP A 121 5.95 0.70 23.54
C ASP A 121 5.93 1.53 24.81
N GLU A 122 5.91 0.89 25.98
CA GLU A 122 5.86 1.64 27.24
C GLU A 122 7.12 2.49 27.42
N ASN A 123 8.20 2.05 26.78
CA ASN A 123 9.48 2.72 26.85
C ASN A 123 9.41 4.04 26.10
N VAL A 124 8.59 4.05 25.05
CA VAL A 124 8.38 5.23 24.21
C VAL A 124 7.31 6.18 24.80
N VAL A 125 6.19 5.62 25.27
CA VAL A 125 5.04 6.46 25.64
C VAL A 125 4.76 6.70 27.13
N ALA A 126 5.38 5.93 28.01
CA ALA A 126 5.08 5.97 29.44
C ALA A 126 6.24 6.51 30.30
N PRO A 127 5.93 7.23 31.40
CA PRO A 127 6.98 7.85 32.21
C PRO A 127 7.78 6.85 33.07
N ARG A 128 7.17 5.71 33.37
CA ARG A 128 7.83 4.62 34.08
C ARG A 128 7.31 3.28 33.57
N LYS A 129 8.11 2.24 33.78
CA LYS A 129 7.75 0.88 33.33
C LYS A 129 6.66 0.22 34.19
N THR A 130 5.96 -0.74 33.60
CA THR A 130 4.93 -1.51 34.32
C THR A 130 5.55 -2.32 35.46
N LEU A 131 6.65 -3.01 35.17
CA LEU A 131 7.30 -3.92 36.12
C LEU A 131 8.59 -3.33 36.69
N ALA A 132 8.84 -3.59 37.97
CA ALA A 132 10.07 -3.09 38.63
C ALA A 132 11.33 -3.86 38.19
N ILE A 133 11.70 -3.65 36.93
CA ILE A 133 12.95 -4.14 36.37
C ILE A 133 13.80 -2.92 36.06
N GLY A 134 15.11 -3.04 36.28
CA GLY A 134 16.01 -1.90 36.13
C GLY A 134 15.83 -0.93 37.29
N PRO A 135 16.39 0.29 37.15
CA PRO A 135 16.25 1.31 38.21
C PRO A 135 15.02 2.20 37.98
N GLY A 136 14.37 2.67 39.05
CA GLY A 136 14.72 2.35 40.43
C GLY A 136 13.57 1.68 41.17
N PRO A 139 14.90 0.27 48.18
CA PRO A 139 13.63 0.96 48.43
C PRO A 139 13.77 2.45 48.77
N ASN A 140 14.86 3.09 48.32
CA ASN A 140 15.05 4.52 48.59
C ASN A 140 14.87 5.40 47.36
N ASP A 141 14.48 4.75 46.27
CA ASP A 141 14.08 5.41 45.03
C ASP A 141 12.60 5.79 45.10
N PRO A 142 12.25 7.00 44.63
CA PRO A 142 10.86 7.45 44.69
C PRO A 142 9.88 6.50 43.96
N LYS A 143 8.70 6.37 44.55
CA LYS A 143 7.63 5.57 43.99
C LYS A 143 6.35 6.41 43.98
N PRO A 144 6.23 7.34 43.02
CA PRO A 144 5.07 8.24 43.01
C PRO A 144 3.77 7.48 42.83
N VAL A 145 2.70 8.03 43.38
CA VAL A 145 1.34 7.49 43.30
C VAL A 145 0.82 7.58 41.84
N LEU A 146 1.11 8.71 41.21
CA LEU A 146 0.59 9.01 39.88
C LEU A 146 1.66 9.75 39.07
N LEU A 147 1.89 9.31 37.85
CA LEU A 147 2.81 10.01 36.92
C LEU A 147 2.10 10.18 35.59
N LEU A 148 2.43 11.25 34.87
CA LEU A 148 1.81 11.50 33.57
C LEU A 148 2.89 11.73 32.53
N GLN A 149 2.66 11.21 31.33
CA GLN A 149 3.46 11.59 30.20
C GLN A 149 2.60 12.13 29.08
N LEU A 150 2.94 13.33 28.62
CA LEU A 150 2.29 13.95 27.49
C LEU A 150 3.26 13.84 26.33
N ASN A 151 2.90 13.04 25.33
CA ASN A 151 3.76 12.82 24.18
C ASN A 151 3.23 13.61 22.99
N PHE A 152 4.13 14.31 22.28
CA PHE A 152 3.76 14.96 21.02
C PHE A 152 4.07 14.00 19.89
N ILE A 153 3.08 13.65 19.08
CA ILE A 153 3.34 12.81 17.90
C ILE A 153 2.88 13.55 16.64
N LYS A 154 3.33 13.13 15.46
CA LYS A 154 2.98 13.81 14.22
C LYS A 154 1.46 13.74 14.01
N GLY A 155 0.80 14.89 14.09
CA GLY A 155 -0.64 15.00 13.84
C GLY A 155 -1.50 14.74 15.07
N GLY A 156 -0.85 14.52 16.21
CA GLY A 156 -1.56 14.08 17.39
C GLY A 156 -0.86 14.25 18.74
N LEU A 157 -1.35 13.46 19.69
CA LEU A 157 -0.99 13.59 21.09
C LEU A 157 -1.36 12.31 21.80
N ILE A 158 -0.39 11.72 22.51
CA ILE A 158 -0.64 10.59 23.42
C ILE A 158 -0.42 11.00 24.88
N LEU A 159 -1.48 10.93 25.67
CA LEU A 159 -1.37 11.13 27.09
C LEU A 159 -1.36 9.77 27.76
N THR A 160 -0.31 9.51 28.55
CA THR A 160 -0.17 8.26 29.27
C THR A 160 -0.22 8.53 30.76
N VAL A 161 -1.06 7.78 31.47
CA VAL A 161 -1.18 7.93 32.93
C VAL A 161 -0.76 6.66 33.68
N ASN A 162 0.16 6.83 34.64
CA ASN A 162 0.70 5.72 35.47
C ASN A 162 0.20 5.80 36.90
N GLY A 163 -0.23 4.66 37.44
CA GLY A 163 -0.70 4.61 38.83
C GLY A 163 -0.06 3.44 39.56
N GLN A 164 0.55 3.70 40.72
CA GLN A 164 1.16 2.66 41.55
C GLN A 164 0.07 1.68 42.01
N HIS A 165 0.23 0.41 41.70
CA HIS A 165 -0.87 -0.53 41.86
C HIS A 165 -1.35 -0.81 43.31
N GLY A 166 -0.50 -0.61 44.32
CA GLY A 166 -0.94 -0.79 45.72
C GLY A 166 -1.81 0.34 46.18
N ALA A 167 -1.59 1.50 45.55
CA ALA A 167 -2.32 2.73 45.77
C ALA A 167 -3.65 2.78 45.00
N MSE A 168 -3.73 2.09 43.88
CA MSE A 168 -4.96 2.14 43.09
C MSE A 168 -5.09 0.95 42.16
O MSE A 168 -4.09 0.50 41.61
CB MSE A 168 -5.03 3.46 42.26
CG MSE A 168 -3.89 3.68 41.27
SE MSE A 168 -3.91 5.51 40.58
CE MSE A 168 -3.00 6.28 42.02
N ASP A 169 -6.32 0.46 42.00
CA ASP A 169 -6.64 -0.44 40.88
C ASP A 169 -7.04 0.43 39.66
N MSE A 170 -7.32 -0.16 38.49
CA MSE A 170 -7.66 0.67 37.30
C MSE A 170 -8.99 1.47 37.43
O MSE A 170 -9.11 2.58 36.90
CB MSE A 170 -7.58 -0.13 36.00
CG MSE A 170 -7.67 0.71 34.73
SE MSE A 170 -6.25 2.07 34.47
CE MSE A 170 -7.33 3.61 34.22
N THR A 171 -9.97 0.89 38.11
CA THR A 171 -11.19 1.63 38.53
C THR A 171 -10.87 2.91 39.31
N GLY A 172 -9.97 2.80 40.29
CA GLY A 172 -9.56 3.93 41.09
C GLY A 172 -8.73 4.92 40.29
N GLN A 173 -7.88 4.41 39.40
CA GLN A 173 -7.07 5.27 38.54
C GLN A 173 -7.99 6.06 37.59
N ASP A 174 -8.99 5.37 37.02
CA ASP A 174 -9.98 6.01 36.14
C ASP A 174 -10.76 7.10 36.85
N ALA A 175 -11.17 6.85 38.09
CA ALA A 175 -11.86 7.85 38.90
C ALA A 175 -11.00 9.10 39.10
N ILE A 176 -9.72 8.89 39.40
CA ILE A 176 -8.78 10.00 39.56
C ILE A 176 -8.62 10.76 38.25
N ILE A 177 -8.47 10.01 37.16
CA ILE A 177 -8.32 10.58 35.83
C ILE A 177 -9.56 11.39 35.40
N ARG A 178 -10.76 10.86 35.70
CA ARG A 178 -12.02 11.58 35.50
C ARG A 178 -12.00 12.93 36.21
N LEU A 179 -11.55 12.93 37.47
CA LEU A 179 -11.48 14.16 38.27
C LEU A 179 -10.41 15.15 37.80
N LEU A 180 -9.30 14.64 37.28
CA LEU A 180 -8.29 15.47 36.63
C LEU A 180 -8.86 16.15 35.37
N SER A 181 -9.74 15.45 34.65
CA SER A 181 -10.37 16.03 33.48
C SER A 181 -11.28 17.19 33.86
N LYS A 182 -12.11 16.98 34.89
CA LYS A 182 -12.93 18.05 35.49
C LYS A 182 -12.10 19.25 35.94
N ALA A 183 -11.04 18.98 36.71
CA ALA A 183 -10.08 19.99 37.18
C ALA A 183 -9.39 20.77 36.05
N CYS A 184 -9.23 20.12 34.90
CA CYS A 184 -8.58 20.69 33.72
C CYS A 184 -9.48 21.67 32.95
N ARG A 185 -10.80 21.43 32.99
CA ARG A 185 -11.81 22.38 32.49
C ARG A 185 -12.44 23.23 33.61
N ASN A 186 -11.76 23.27 34.75
CA ASN A 186 -12.13 24.17 35.85
C ASN A 186 -13.58 23.97 36.32
N GLU A 187 -13.98 22.70 36.43
CA GLU A 187 -15.25 22.36 37.05
C GLU A 187 -14.97 21.95 38.49
N SER A 188 -15.79 22.45 39.41
CA SER A 188 -15.63 22.12 40.82
C SER A 188 -16.09 20.69 41.09
N PHE A 189 -15.50 20.06 42.10
CA PHE A 189 -15.83 18.68 42.45
C PHE A 189 -17.06 18.67 43.32
N THR A 190 -17.90 17.66 43.14
CA THR A 190 -19.14 17.55 43.90
C THR A 190 -18.85 17.14 45.34
N GLU A 191 -19.87 17.21 46.20
CA GLU A 191 -19.80 16.71 47.57
C GLU A 191 -19.50 15.21 47.56
N GLU A 192 -20.25 14.46 46.75
CA GLU A 192 -20.04 13.02 46.58
C GLU A 192 -18.58 12.63 46.23
N GLU A 193 -17.98 13.33 45.26
CA GLU A 193 -16.62 13.06 44.81
C GLU A 193 -15.55 13.36 45.86
N ILE A 194 -15.74 14.45 46.59
CA ILE A 194 -14.87 14.79 47.71
C ILE A 194 -14.92 13.69 48.77
N SER A 195 -16.12 13.24 49.11
CA SER A 195 -16.27 12.12 50.06
C SER A 195 -15.50 10.85 49.67
N ALA A 196 -15.65 10.41 48.42
CA ALA A 196 -15.01 9.20 47.92
C ALA A 196 -13.50 9.30 47.96
N MSE A 197 -12.98 10.44 47.50
CA MSE A 197 -11.55 10.72 47.48
C MSE A 197 -10.95 10.72 48.88
O MSE A 197 -9.76 10.45 49.04
CB MSE A 197 -11.26 12.09 46.82
CG MSE A 197 -11.36 12.10 45.30
SE MSE A 197 -10.01 11.06 44.33
CE MSE A 197 -8.51 12.28 44.28
N ASN A 198 -11.80 11.00 49.87
CA ASN A 198 -11.37 11.11 51.26
C ASN A 198 -11.76 9.91 52.16
N LEU A 199 -12.37 8.88 51.57
CA LEU A 199 -12.74 7.68 52.33
C LEU A 199 -11.53 7.08 53.03
N ASP A 200 -11.72 6.71 54.29
CA ASP A 200 -10.66 6.05 55.05
C ASP A 200 -10.41 4.66 54.43
N ARG A 201 -9.20 4.46 53.91
CA ARG A 201 -8.82 3.18 53.25
C ARG A 201 -8.79 1.98 54.20
N LYS A 202 -8.56 2.26 55.49
CA LYS A 202 -8.49 1.24 56.54
C LYS A 202 -9.87 0.65 56.82
N THR A 203 -10.91 1.44 56.58
CA THR A 203 -12.26 1.07 56.97
C THR A 203 -13.05 0.42 55.86
N VAL A 204 -12.53 0.50 54.64
CA VAL A 204 -13.29 0.25 53.43
C VAL A 204 -13.72 -1.23 53.29
N VAL A 205 -12.88 -2.13 53.80
CA VAL A 205 -13.20 -3.55 53.90
C VAL A 205 -13.21 -3.88 55.40
N PRO A 206 -14.41 -4.02 56.00
CA PRO A 206 -14.50 -4.35 57.43
C PRO A 206 -13.85 -5.68 57.77
N LEU A 207 -13.06 -5.70 58.84
CA LEU A 207 -12.38 -6.93 59.24
C LEU A 207 -13.36 -7.89 59.91
N LEU A 208 -13.11 -9.18 59.79
CA LEU A 208 -13.96 -10.21 60.40
C LEU A 208 -13.63 -10.40 61.87
N GLU A 209 -14.65 -10.42 62.73
CA GLU A 209 -14.45 -10.42 64.20
C GLU A 209 -13.68 -11.64 64.70
N ASN A 210 -14.07 -12.83 64.25
CA ASN A 210 -13.31 -14.04 64.49
C ASN A 210 -13.09 -14.68 63.15
N TYR A 211 -11.83 -15.02 62.89
CA TYR A 211 -11.41 -15.56 61.60
C TYR A 211 -10.11 -16.34 61.70
N LYS A 212 -10.12 -17.54 61.12
CA LYS A 212 -8.93 -18.37 60.91
C LYS A 212 -8.90 -18.74 59.44
N VAL A 213 -7.71 -18.65 58.83
CA VAL A 213 -7.58 -18.90 57.41
C VAL A 213 -7.94 -20.36 57.11
N GLY A 214 -8.71 -20.56 56.04
CA GLY A 214 -9.06 -21.89 55.56
C GLY A 214 -9.06 -21.94 54.04
N PRO A 215 -9.72 -22.97 53.45
CA PRO A 215 -9.73 -23.21 51.98
C PRO A 215 -10.13 -22.04 51.10
N GLU A 216 -10.84 -21.06 51.65
CA GLU A 216 -11.34 -19.92 50.88
C GLU A 216 -10.18 -19.04 50.34
N LEU A 217 -9.02 -19.11 51.00
CA LEU A 217 -7.85 -18.33 50.56
C LEU A 217 -6.78 -19.12 49.81
N ASP A 218 -7.06 -20.38 49.53
CA ASP A 218 -6.15 -21.27 48.80
C ASP A 218 -5.63 -20.62 47.49
N HIS A 219 -6.53 -20.14 46.65
CA HIS A 219 -6.13 -19.53 45.36
C HIS A 219 -5.23 -18.29 45.49
N GLN A 220 -5.17 -17.72 46.68
CA GLN A 220 -4.35 -16.53 46.90
C GLN A 220 -3.15 -16.78 47.82
N ILE A 221 -2.84 -18.04 48.09
CA ILE A 221 -1.65 -18.42 48.89
C ILE A 221 -0.87 -19.54 48.21
N ALA A 222 0.45 -19.38 48.11
CA ALA A 222 1.38 -20.38 47.53
C ALA A 222 2.77 -19.98 48.08
N LYS A 223 3.85 -20.78 48.11
CA LYS A 223 4.45 -21.67 47.08
C LYS A 223 5.79 -21.00 46.74
N PRO A 234 10.72 -19.37 31.39
CA PRO A 234 9.76 -18.53 30.65
C PRO A 234 9.93 -18.72 29.14
N ALA A 235 8.86 -19.18 28.49
CA ALA A 235 8.90 -19.59 27.06
C ALA A 235 8.57 -18.42 26.11
N LYS A 236 9.08 -18.50 24.88
CA LYS A 236 8.95 -17.37 23.93
C LYS A 236 7.49 -16.95 23.73
N ALA A 237 7.20 -15.67 23.94
CA ALA A 237 5.82 -15.13 23.93
C ALA A 237 5.72 -13.71 23.39
N THR A 238 4.50 -13.26 23.10
CA THR A 238 4.26 -11.88 22.65
C THR A 238 2.95 -11.31 23.21
N TRP A 239 2.71 -10.04 22.88
CA TRP A 239 1.46 -9.36 23.16
C TRP A 239 0.76 -9.04 21.82
N ALA A 240 -0.57 -9.07 21.82
CA ALA A 240 -1.35 -8.60 20.67
C ALA A 240 -2.72 -8.09 21.09
N PHE A 241 -3.19 -7.00 20.47
CA PHE A 241 -4.59 -6.61 20.50
C PHE A 241 -5.45 -7.44 19.54
N PHE A 242 -6.67 -7.79 19.99
CA PHE A 242 -7.71 -8.40 19.14
C PHE A 242 -9.00 -7.61 19.33
N SER A 243 -9.73 -7.37 18.24
CA SER A 243 -10.95 -6.57 18.34
C SER A 243 -12.20 -7.40 18.06
N PHE A 244 -13.31 -7.01 18.71
CA PHE A 244 -14.61 -7.73 18.61
C PHE A 244 -15.68 -6.69 18.36
N THR A 245 -16.34 -6.79 17.21
CA THR A 245 -17.39 -5.85 16.84
C THR A 245 -18.60 -6.04 17.75
N PRO A 246 -19.39 -4.97 17.96
CA PRO A 246 -20.63 -5.09 18.70
C PRO A 246 -21.46 -6.28 18.21
N LYS A 247 -21.44 -6.51 16.90
CA LYS A 247 -22.17 -7.61 16.28
C LYS A 247 -21.60 -8.98 16.63
N ALA A 248 -20.28 -9.15 16.55
CA ALA A 248 -19.64 -10.40 17.00
C ALA A 248 -19.88 -10.71 18.50
N LEU A 249 -19.90 -9.67 19.33
CA LEU A 249 -20.14 -9.80 20.79
C LEU A 249 -21.59 -10.12 21.08
N SER A 250 -22.47 -9.55 20.26
CA SER A 250 -23.91 -9.74 20.39
C SER A 250 -24.24 -11.21 20.11
N GLU A 251 -23.64 -11.74 19.05
CA GLU A 251 -23.76 -13.14 18.65
C GLU A 251 -23.13 -14.11 19.67
N LEU A 252 -21.97 -13.73 20.21
CA LEU A 252 -21.33 -14.46 21.31
C LEU A 252 -22.23 -14.54 22.53
N LYS A 253 -22.76 -13.40 22.99
CA LYS A 253 -23.64 -13.33 24.15
C LYS A 253 -24.93 -14.15 23.93
N ASP A 254 -25.49 -14.07 22.73
CA ASP A 254 -26.70 -14.83 22.39
C ASP A 254 -26.46 -16.32 22.47
N ALA A 255 -25.32 -16.77 21.93
CA ALA A 255 -24.97 -18.18 21.89
C ALA A 255 -24.63 -18.76 23.27
N ALA A 256 -24.28 -17.89 24.21
CA ALA A 256 -24.09 -18.25 25.61
C ALA A 256 -25.44 -18.32 26.32
N THR A 257 -26.25 -17.29 26.11
CA THR A 257 -27.64 -17.24 26.56
C THR A 257 -28.44 -18.45 26.06
N LYS A 258 -28.24 -18.83 24.79
CA LYS A 258 -28.91 -19.96 24.16
C LYS A 258 -28.52 -21.33 24.74
N THR A 259 -27.47 -21.35 25.55
CA THR A 259 -26.93 -22.58 26.16
C THR A 259 -26.66 -22.45 27.67
N LEU A 260 -27.39 -21.56 28.33
CA LEU A 260 -27.24 -21.37 29.78
C LEU A 260 -27.67 -22.55 30.66
N ASP A 261 -26.91 -22.71 31.75
CA ASP A 261 -27.31 -23.39 33.00
C ASP A 261 -28.45 -24.45 32.98
N ALA A 262 -29.58 -24.24 33.68
CA ALA A 262 -30.11 -22.93 34.11
C ALA A 262 -30.31 -22.65 35.63
N SER A 263 -29.22 -22.61 36.39
CA SER A 263 -29.19 -21.96 37.71
C SER A 263 -29.34 -20.44 37.51
N SER A 264 -28.47 -19.86 36.68
CA SER A 264 -28.65 -18.50 36.13
C SER A 264 -29.27 -18.69 34.76
N LYS A 265 -30.21 -17.87 34.30
CA LYS A 265 -30.70 -16.55 34.76
C LYS A 265 -30.25 -15.57 33.69
N PHE A 266 -28.97 -15.18 33.76
CA PHE A 266 -28.35 -14.37 32.71
C PHE A 266 -26.82 -14.46 32.68
N VAL A 267 -26.26 -14.06 31.55
CA VAL A 267 -24.83 -13.73 31.43
C VAL A 267 -24.69 -12.41 30.64
N SER A 268 -23.62 -11.67 30.94
CA SER A 268 -23.28 -10.42 30.26
C SER A 268 -22.44 -10.62 28.99
N THR A 269 -22.25 -9.54 28.24
CA THR A 269 -21.30 -9.55 27.15
C THR A 269 -19.90 -9.94 27.65
N ASP A 270 -19.47 -9.33 28.75
CA ASP A 270 -18.15 -9.56 29.35
C ASP A 270 -17.97 -11.03 29.78
N ASP A 271 -19.02 -11.59 30.42
CA ASP A 271 -19.05 -13.00 30.74
C ASP A 271 -18.81 -13.83 29.49
N ALA A 272 -19.56 -13.57 28.42
CA ALA A 272 -19.50 -14.38 27.22
C ALA A 272 -18.16 -14.26 26.52
N LEU A 273 -17.59 -13.07 26.53
CA LEU A 273 -16.34 -12.83 25.82
C LEU A 273 -15.21 -13.52 26.57
N SER A 274 -15.24 -13.43 27.91
CA SER A 274 -14.28 -14.11 28.77
C SER A 274 -14.33 -15.62 28.56
N ALA A 275 -15.56 -16.15 28.47
CA ALA A 275 -15.80 -17.59 28.25
C ALA A 275 -15.35 -18.03 26.86
N PHE A 276 -15.57 -17.19 25.87
CA PHE A 276 -15.14 -17.53 24.50
C PHE A 276 -13.62 -17.59 24.44
N ILE A 277 -12.95 -16.70 25.18
CA ILE A 277 -11.48 -16.72 25.19
C ILE A 277 -10.87 -17.89 25.96
N TRP A 278 -11.47 -18.26 27.07
CA TRP A 278 -11.05 -19.45 27.81
C TRP A 278 -11.22 -20.69 26.97
N GLN A 279 -12.37 -20.81 26.30
CA GLN A 279 -12.63 -21.94 25.42
C GLN A 279 -11.63 -21.98 24.27
N SER A 280 -11.45 -20.82 23.64
CA SER A 280 -10.60 -20.71 22.44
C SER A 280 -9.13 -20.94 22.75
N THR A 281 -8.65 -20.36 23.84
CA THR A 281 -7.27 -20.55 24.29
C THR A 281 -7.07 -21.99 24.71
N SER A 282 -8.02 -22.53 25.48
CA SER A 282 -8.00 -23.95 25.83
C SER A 282 -7.91 -24.82 24.58
N ARG A 283 -8.86 -24.62 23.66
CA ARG A 283 -8.88 -25.34 22.38
C ARG A 283 -7.51 -25.43 21.72
N VAL A 284 -6.88 -24.28 21.45
CA VAL A 284 -5.57 -24.28 20.77
C VAL A 284 -4.48 -24.95 21.60
N ARG A 285 -4.63 -24.93 22.93
CA ARG A 285 -3.66 -25.56 23.84
C ARG A 285 -3.77 -27.08 23.88
N LEU A 286 -4.89 -27.61 23.39
CA LEU A 286 -5.06 -29.05 23.20
C LEU A 286 -4.07 -29.63 22.20
N ALA A 287 -3.45 -28.77 21.38
CA ALA A 287 -2.39 -29.21 20.48
C ALA A 287 -1.06 -29.47 21.21
N ARG A 288 -0.96 -29.08 22.49
CA ARG A 288 0.31 -29.18 23.21
C ARG A 288 0.22 -29.65 24.68
N LEU A 289 -1.00 -29.79 25.19
CA LEU A 289 -1.24 -30.29 26.54
C LEU A 289 -2.27 -31.42 26.51
N ASP A 290 -2.13 -32.40 27.41
CA ASP A 290 -3.16 -33.45 27.64
C ASP A 290 -4.54 -32.84 27.80
N ALA A 291 -5.57 -33.57 27.39
CA ALA A 291 -6.98 -33.17 27.56
C ALA A 291 -7.33 -32.90 29.03
N SER A 292 -6.74 -33.66 29.94
CA SER A 292 -7.07 -33.55 31.36
C SER A 292 -6.13 -32.60 32.14
N THR A 293 -5.36 -31.76 31.43
CA THR A 293 -4.54 -30.75 32.12
C THR A 293 -5.47 -29.78 32.85
N PRO A 294 -5.17 -29.52 34.15
CA PRO A 294 -5.91 -28.50 34.90
C PRO A 294 -5.77 -27.09 34.27
N THR A 295 -6.88 -26.35 34.21
CA THR A 295 -6.83 -24.97 33.75
C THR A 295 -7.53 -24.13 34.79
N GLU A 296 -6.88 -23.06 35.22
CA GLU A 296 -7.49 -22.07 36.12
C GLU A 296 -7.72 -20.74 35.39
N PHE A 297 -8.96 -20.23 35.48
CA PHE A 297 -9.30 -18.91 35.01
C PHE A 297 -9.32 -18.02 36.24
N CYS A 298 -8.51 -16.97 36.25
CA CYS A 298 -8.57 -15.91 37.25
C CYS A 298 -9.10 -14.65 36.59
N ARG A 299 -10.18 -14.08 37.15
CA ARG A 299 -10.90 -12.92 36.61
C ARG A 299 -10.99 -11.81 37.62
N ALA A 300 -10.43 -10.63 37.31
CA ALA A 300 -10.52 -9.48 38.20
C ALA A 300 -11.98 -8.95 38.40
N VAL A 301 -12.24 -8.52 39.62
CA VAL A 301 -13.57 -8.03 39.98
C VAL A 301 -13.40 -6.77 40.83
N ASP A 302 -13.98 -5.68 40.35
CA ASP A 302 -14.15 -4.50 41.17
C ASP A 302 -15.00 -4.81 42.41
N MSE A 303 -14.43 -4.60 43.61
CA MSE A 303 -15.13 -4.88 44.87
C MSE A 303 -15.92 -3.70 45.43
O MSE A 303 -16.49 -3.81 46.50
CB MSE A 303 -14.17 -5.41 45.94
CG MSE A 303 -13.77 -6.86 45.74
SE MSE A 303 -15.35 -7.96 45.54
CE MSE A 303 -16.14 -7.64 47.40
N ARG A 304 -15.95 -2.56 44.72
CA ARG A 304 -16.62 -1.35 45.24
C ARG A 304 -18.13 -1.56 45.46
N GLY A 305 -18.83 -2.03 44.42
CA GLY A 305 -20.26 -2.37 44.50
C GLY A 305 -20.66 -3.33 45.62
N PRO A 306 -20.16 -4.58 45.56
CA PRO A 306 -20.39 -5.56 46.62
C PRO A 306 -20.00 -5.08 48.03
N MSE A 307 -18.92 -4.31 48.17
CA MSE A 307 -18.53 -3.78 49.50
C MSE A 307 -19.41 -2.64 50.03
O MSE A 307 -19.30 -2.27 51.20
CB MSE A 307 -17.06 -3.31 49.52
CG MSE A 307 -16.01 -4.40 49.59
SE MSE A 307 -16.28 -5.82 50.96
CE MSE A 307 -16.52 -4.83 52.37
N GLY A 308 -20.27 -2.11 49.18
CA GLY A 308 -21.06 -0.92 49.52
C GLY A 308 -20.21 0.33 49.54
N VAL A 309 -19.28 0.44 48.58
CA VAL A 309 -18.37 1.57 48.53
C VAL A 309 -18.63 2.35 47.26
N SER A 310 -18.46 3.67 47.30
CA SER A 310 -18.65 4.49 46.11
C SER A 310 -17.80 3.97 44.93
N SER A 311 -18.42 3.89 43.76
CA SER A 311 -17.73 3.58 42.51
C SER A 311 -16.55 4.55 42.24
N THR A 312 -16.57 5.71 42.89
CA THR A 312 -15.52 6.71 42.68
C THR A 312 -14.34 6.62 43.67
N TYR A 313 -14.40 5.66 44.59
CA TYR A 313 -13.29 5.36 45.52
C TYR A 313 -12.00 5.11 44.70
N PRO A 314 -10.93 5.88 45.00
CA PRO A 314 -9.69 5.90 44.22
C PRO A 314 -8.63 4.84 44.59
N GLY A 315 -8.93 4.02 45.61
CA GLY A 315 -7.95 3.11 46.16
C GLY A 315 -7.84 1.81 45.42
N LEU A 316 -7.35 0.79 46.11
CA LEU A 316 -7.30 -0.55 45.56
C LEU A 316 -8.35 -1.39 46.29
N LEU A 317 -9.38 -1.77 45.54
CA LEU A 317 -10.51 -2.48 46.08
C LEU A 317 -10.96 -3.46 45.00
N GLN A 318 -10.22 -4.55 44.90
CA GLN A 318 -10.32 -5.49 43.82
C GLN A 318 -10.14 -6.87 44.44
N ASN A 319 -10.72 -7.87 43.80
CA ASN A 319 -10.39 -9.27 44.07
C ASN A 319 -10.46 -9.98 42.73
N MSE A 320 -10.38 -11.31 42.75
CA MSE A 320 -10.53 -12.10 41.56
C MSE A 320 -11.50 -13.22 41.87
O MSE A 320 -11.72 -13.58 43.03
CB MSE A 320 -9.17 -12.65 41.09
CG MSE A 320 -8.12 -11.57 40.69
SE MSE A 320 -6.64 -12.33 39.69
CE MSE A 320 -7.12 -11.74 37.88
N THR A 321 -12.11 -13.78 40.84
CA THR A 321 -12.80 -15.03 40.97
C THR A 321 -11.95 -16.10 40.27
N TYR A 322 -12.00 -17.32 40.80
CA TYR A 322 -11.18 -18.41 40.31
C TYR A 322 -12.01 -19.58 39.83
N HIS A 323 -11.58 -20.19 38.75
CA HIS A 323 -12.38 -21.19 38.07
C HIS A 323 -11.45 -22.30 37.62
N ASP A 324 -11.58 -23.47 38.22
CA ASP A 324 -10.76 -24.61 37.88
C ASP A 324 -11.54 -25.63 37.08
N SER A 325 -10.91 -26.17 36.06
CA SER A 325 -11.52 -27.16 35.19
C SER A 325 -10.37 -27.92 34.52
N THR A 326 -10.60 -28.47 33.34
CA THR A 326 -9.53 -29.08 32.55
C THR A 326 -9.60 -28.51 31.15
N VAL A 327 -8.46 -28.41 30.48
CA VAL A 327 -8.39 -27.89 29.11
C VAL A 327 -9.46 -28.49 28.16
N ALA A 328 -9.62 -29.81 28.14
CA ALA A 328 -10.58 -30.47 27.26
C ALA A 328 -12.03 -30.18 27.65
N GLU A 329 -12.29 -30.12 28.96
CA GLU A 329 -13.65 -29.84 29.43
C GLU A 329 -14.11 -28.45 29.00
N ILE A 330 -13.23 -27.47 29.16
CA ILE A 330 -13.58 -26.09 28.84
C ILE A 330 -13.74 -25.89 27.32
N ALA A 331 -12.80 -26.42 26.54
CA ALA A 331 -12.88 -26.29 25.08
C ALA A 331 -14.20 -26.85 24.53
N ASN A 332 -14.57 -28.04 25.03
CA ASN A 332 -15.64 -28.85 24.43
C ASN A 332 -17.03 -28.69 25.03
N GLU A 333 -17.20 -27.80 25.99
CA GLU A 333 -18.53 -27.54 26.55
C GLU A 333 -19.22 -26.40 25.81
N PRO A 334 -20.56 -26.27 25.95
CA PRO A 334 -21.23 -25.10 25.37
C PRO A 334 -20.78 -23.77 26.00
N LEU A 335 -20.75 -22.73 25.19
CA LEU A 335 -20.36 -21.40 25.65
C LEU A 335 -21.12 -20.92 26.90
N GLY A 336 -22.43 -21.18 26.92
CA GLY A 336 -23.23 -20.92 28.10
C GLY A 336 -22.78 -21.61 29.38
N ALA A 337 -22.26 -22.83 29.26
CA ALA A 337 -21.73 -23.57 30.42
C ALA A 337 -20.47 -22.89 30.94
N THR A 338 -19.61 -22.45 30.02
CA THR A 338 -18.41 -21.72 30.43
C THR A 338 -18.73 -20.37 31.04
N ALA A 339 -19.59 -19.58 30.38
CA ALA A 339 -19.99 -18.25 30.88
C ALA A 339 -20.67 -18.30 32.24
N SER A 340 -21.44 -19.38 32.45
CA SER A 340 -22.12 -19.65 33.72
C SER A 340 -21.16 -19.87 34.88
N ARG A 341 -20.08 -20.59 34.64
CA ARG A 341 -18.99 -20.77 35.65
C ARG A 341 -18.58 -19.41 36.20
N LEU A 342 -18.36 -18.48 35.27
CA LEU A 342 -17.92 -17.13 35.58
C LEU A 342 -18.97 -16.32 36.33
N ARG A 343 -20.19 -16.23 35.79
CA ARG A 343 -21.28 -15.48 36.42
C ARG A 343 -21.64 -15.98 37.84
N SER A 344 -21.53 -17.30 38.04
CA SER A 344 -21.87 -17.92 39.31
C SER A 344 -21.02 -17.45 40.48
N GLU A 345 -19.77 -17.09 40.19
CA GLU A 345 -18.87 -16.60 41.26
C GLU A 345 -19.11 -15.14 41.65
N LEU A 346 -19.93 -14.42 40.88
CA LEU A 346 -20.27 -13.03 41.23
C LEU A 346 -21.36 -12.86 42.32
N ASN A 347 -21.76 -13.96 42.96
CA ASN A 347 -22.64 -13.90 44.15
C ASN A 347 -22.07 -12.88 45.15
N SER A 348 -22.86 -11.88 45.54
CA SER A 348 -22.34 -10.74 46.32
C SER A 348 -21.90 -11.09 47.73
N ASP A 349 -22.63 -12.01 48.36
CA ASP A 349 -22.33 -12.50 49.71
C ASP A 349 -20.98 -13.22 49.69
N ARG A 350 -20.78 -14.03 48.66
CA ARG A 350 -19.51 -14.78 48.49
C ARG A 350 -18.33 -13.86 48.19
N LEU A 351 -18.52 -12.88 47.30
CA LEU A 351 -17.43 -11.94 46.96
C LEU A 351 -16.98 -11.15 48.19
N ARG A 352 -17.96 -10.61 48.92
CA ARG A 352 -17.70 -9.92 50.18
C ARG A 352 -16.92 -10.73 51.20
N ARG A 353 -17.41 -11.94 51.44
CA ARG A 353 -16.80 -12.87 52.38
C ARG A 353 -15.34 -13.17 52.02
N ARG A 354 -15.11 -13.55 50.78
CA ARG A 354 -13.78 -13.87 50.29
C ARG A 354 -12.82 -12.66 50.43
N THR A 355 -13.34 -11.46 50.19
CA THR A 355 -12.54 -10.22 50.19
C THR A 355 -12.21 -9.82 51.63
N GLN A 356 -13.21 -9.87 52.49
CA GLN A 356 -13.04 -9.61 53.92
C GLN A 356 -12.15 -10.66 54.56
N ALA A 357 -12.26 -11.91 54.12
CA ALA A 357 -11.36 -12.97 54.65
C ALA A 357 -9.90 -12.65 54.28
N LEU A 358 -9.67 -12.23 53.03
CA LEU A 358 -8.35 -11.83 52.56
C LEU A 358 -7.82 -10.68 53.38
N ALA A 359 -8.65 -9.66 53.60
CA ALA A 359 -8.24 -8.45 54.31
C ALA A 359 -7.90 -8.78 55.76
N THR A 360 -8.71 -9.64 56.37
CA THR A 360 -8.47 -10.06 57.76
C THR A 360 -7.16 -10.83 57.87
N TYR A 361 -6.99 -11.81 57.00
CA TYR A 361 -5.78 -12.65 56.97
C TYR A 361 -4.49 -11.83 56.80
N MSE A 362 -4.52 -10.89 55.86
CA MSE A 362 -3.36 -10.05 55.59
C MSE A 362 -3.06 -9.08 56.73
O MSE A 362 -1.88 -8.90 57.09
CB MSE A 362 -3.56 -9.28 54.29
CG MSE A 362 -3.56 -10.13 53.01
SE MSE A 362 -3.63 -8.99 51.42
CE MSE A 362 -2.03 -8.16 51.53
N HIS A 363 -4.08 -8.47 57.29
CA HIS A 363 -3.94 -7.57 58.43
C HIS A 363 -3.09 -8.19 59.54
N GLY A 364 -3.35 -9.47 59.82
CA GLY A 364 -2.67 -10.18 60.87
C GLY A 364 -1.41 -10.90 60.46
N LEU A 365 -1.02 -10.77 59.19
CA LEU A 365 0.16 -11.44 58.64
C LEU A 365 1.36 -10.48 58.42
N PRO A 366 2.44 -10.61 59.24
CA PRO A 366 3.61 -9.72 59.15
C PRO A 366 4.40 -9.98 57.88
N ASP A 367 4.53 -11.25 57.51
CA ASP A 367 5.20 -11.66 56.27
C ASP A 367 4.15 -12.03 55.22
N LYS A 368 3.94 -11.10 54.30
CA LYS A 368 2.95 -11.25 53.22
C LYS A 368 3.55 -11.84 51.93
N SER A 369 4.65 -12.58 52.05
CA SER A 369 5.37 -13.16 50.91
C SER A 369 4.63 -14.18 50.04
N SER A 370 3.73 -14.94 50.66
CA SER A 370 3.02 -16.03 49.99
CA SER A 370 3.04 -16.02 49.96
C SER A 370 1.67 -15.59 49.40
N VAL A 371 1.32 -14.32 49.64
CA VAL A 371 0.03 -13.75 49.19
C VAL A 371 0.14 -13.12 47.81
N SER A 372 -0.72 -13.56 46.91
CA SER A 372 -0.83 -13.00 45.57
C SER A 372 -2.20 -13.30 44.96
N LEU A 373 -2.77 -12.33 44.25
CA LEU A 373 -4.02 -12.56 43.51
C LEU A 373 -3.95 -13.67 42.47
N THR A 374 -2.75 -14.02 42.01
CA THR A 374 -2.57 -15.08 41.02
C THR A 374 -1.66 -16.18 41.58
N ALA A 375 -1.73 -16.41 42.90
CA ALA A 375 -0.83 -17.35 43.60
C ALA A 375 -0.75 -18.76 42.97
N ASP A 376 -1.89 -19.28 42.54
CA ASP A 376 -1.97 -20.64 41.99
C ASP A 376 -2.07 -20.71 40.45
N ALA A 377 -1.90 -19.58 39.77
CA ALA A 377 -1.94 -19.55 38.30
C ALA A 377 -0.69 -20.21 37.69
N ASN A 378 -0.91 -21.00 36.64
CA ASN A 378 0.15 -21.60 35.83
C ASN A 378 0.23 -20.89 34.46
N PRO A 379 1.35 -20.24 34.13
CA PRO A 379 1.42 -19.54 32.81
C PRO A 379 1.06 -20.44 31.61
N SER A 380 1.45 -21.70 31.66
CA SER A 380 1.19 -22.65 30.57
C SER A 380 -0.30 -22.86 30.31
N SER A 381 -1.11 -22.93 31.38
CA SER A 381 -2.47 -23.45 31.25
C SER A 381 -3.54 -22.54 31.84
N SER A 382 -3.13 -21.52 32.57
CA SER A 382 -4.10 -20.61 33.18
CA SER A 382 -4.08 -20.60 33.20
C SER A 382 -4.49 -19.47 32.26
N ILE A 383 -5.40 -18.62 32.74
CA ILE A 383 -5.68 -17.31 32.17
C ILE A 383 -5.84 -16.36 33.34
N MSE A 384 -5.23 -15.18 33.22
CA MSE A 384 -5.36 -14.14 34.21
C MSE A 384 -5.86 -12.86 33.54
O MSE A 384 -5.11 -12.13 32.91
CB MSE A 384 -4.01 -13.94 34.91
CG MSE A 384 -3.32 -15.27 35.24
SE MSE A 384 -1.37 -15.22 35.04
CE MSE A 384 -0.99 -14.28 36.42
N LEU A 385 -7.17 -12.63 33.65
CA LEU A 385 -7.82 -11.56 32.90
C LEU A 385 -8.31 -10.44 33.77
N SER A 386 -8.01 -9.20 33.36
CA SER A 386 -8.61 -8.01 33.94
C SER A 386 -9.38 -7.18 32.90
N SER A 387 -10.71 -7.17 33.05
CA SER A 387 -11.58 -6.36 32.20
C SER A 387 -11.61 -4.91 32.66
N TRP A 388 -11.09 -4.01 31.83
CA TRP A 388 -11.22 -2.58 32.03
C TRP A 388 -12.39 -2.00 31.24
N ALA A 389 -13.29 -2.88 30.79
CA ALA A 389 -14.40 -2.50 29.90
C ALA A 389 -15.21 -1.33 30.41
N LYS A 390 -15.39 -1.25 31.73
CA LYS A 390 -16.21 -0.21 32.38
C LYS A 390 -15.53 1.14 32.66
N VAL A 391 -14.22 1.20 32.50
CA VAL A 391 -13.54 2.46 32.78
C VAL A 391 -13.95 3.53 31.76
N GLY A 392 -14.09 4.76 32.22
CA GLY A 392 -14.74 5.79 31.41
C GLY A 392 -13.82 6.68 30.56
N CYS A 393 -12.61 6.20 30.25
CA CYS A 393 -11.57 7.06 29.66
C CYS A 393 -11.86 7.63 28.26
N TRP A 394 -12.73 6.98 27.49
CA TRP A 394 -13.14 7.46 26.16
C TRP A 394 -13.90 8.78 26.20
N GLU A 395 -14.26 9.22 27.41
CA GLU A 395 -15.08 10.41 27.63
C GLU A 395 -14.31 11.69 28.03
N TYR A 396 -13.02 11.58 28.35
CA TYR A 396 -12.31 12.70 28.94
C TYR A 396 -11.57 13.50 27.85
N ASP A 397 -11.77 14.81 27.88
CA ASP A 397 -11.20 15.72 26.88
C ASP A 397 -10.12 16.62 27.47
N PHE A 398 -10.19 16.83 28.80
CA PHE A 398 -9.21 17.59 29.61
C PHE A 398 -9.11 19.10 29.30
N GLY A 399 -10.18 19.68 28.74
CA GLY A 399 -10.15 21.06 28.24
C GLY A 399 -9.13 21.31 27.12
N PHE A 400 -8.62 20.23 26.53
CA PHE A 400 -7.54 20.33 25.53
C PHE A 400 -8.05 20.92 24.20
N GLY A 401 -9.36 20.87 24.00
CA GLY A 401 -10.00 21.35 22.77
C GLY A 401 -9.89 20.40 21.60
N LEU A 402 -9.55 19.14 21.87
CA LEU A 402 -9.28 18.17 20.80
C LEU A 402 -10.42 17.16 20.58
N GLY A 403 -11.50 17.33 21.33
CA GLY A 403 -12.57 16.33 21.41
C GLY A 403 -12.15 15.17 22.32
N LYS A 404 -12.95 14.10 22.27
CA LYS A 404 -12.70 12.90 23.06
C LYS A 404 -11.64 12.05 22.37
N PRO A 405 -10.99 11.13 23.13
CA PRO A 405 -9.94 10.28 22.55
C PRO A 405 -10.35 9.50 21.29
N GLU A 406 -9.45 9.42 20.33
CA GLU A 406 -9.63 8.54 19.17
C GLU A 406 -9.27 7.09 19.50
N SER A 407 -8.36 6.91 20.45
CA SER A 407 -7.95 5.58 20.90
C SER A 407 -7.59 5.61 22.39
N VAL A 408 -7.95 4.52 23.07
CA VAL A 408 -7.58 4.28 24.46
C VAL A 408 -6.94 2.89 24.50
N ARG A 409 -5.63 2.84 24.70
CA ARG A 409 -4.87 1.59 24.70
C ARG A 409 -4.06 1.42 25.98
N ARG A 410 -3.77 0.17 26.34
CA ARG A 410 -2.83 -0.06 27.44
C ARG A 410 -1.48 -0.35 26.79
N PRO A 411 -0.42 0.48 27.09
CA PRO A 411 0.93 0.24 26.55
C PRO A 411 1.49 -1.18 26.70
N ARG A 412 2.36 -1.55 25.78
CA ARG A 412 2.96 -2.86 25.74
C ARG A 412 4.14 -2.92 26.72
N PHE A 413 4.21 -4.02 27.46
CA PHE A 413 5.39 -4.27 28.26
C PHE A 413 5.88 -5.67 27.95
N GLU A 414 6.73 -6.22 28.80
CA GLU A 414 7.31 -7.55 28.58
C GLU A 414 6.22 -8.58 28.36
N PRO A 415 6.46 -9.57 27.47
CA PRO A 415 5.57 -10.69 27.28
C PRO A 415 5.31 -11.37 28.60
N PHE A 416 4.07 -11.76 28.84
CA PHE A 416 3.69 -12.33 30.11
C PHE A 416 2.59 -13.33 29.82
N GLU A 417 3.01 -14.57 29.60
CA GLU A 417 2.12 -15.58 29.08
C GLU A 417 0.85 -15.76 29.95
N SER A 418 -0.30 -15.77 29.28
CA SER A 418 -1.62 -16.01 29.87
C SER A 418 -2.24 -14.79 30.53
N LEU A 419 -1.49 -13.69 30.57
CA LEU A 419 -2.01 -12.43 31.09
C LEU A 419 -2.82 -11.71 30.03
N MSE A 420 -3.97 -11.16 30.42
CA MSE A 420 -4.92 -10.56 29.50
C MSE A 420 -5.68 -9.38 30.09
O MSE A 420 -5.87 -9.29 31.31
CB MSE A 420 -5.90 -11.62 28.99
CG MSE A 420 -5.24 -12.76 28.24
SE MSE A 420 -6.45 -14.05 27.56
CE MSE A 420 -5.21 -15.50 27.25
N TYR A 421 -6.11 -8.48 29.20
CA TYR A 421 -6.95 -7.34 29.57
C TYR A 421 -8.05 -7.18 28.55
N PHE A 422 -9.17 -6.60 28.97
CA PHE A 422 -10.08 -5.95 28.02
C PHE A 422 -9.89 -4.46 28.21
N MSE A 423 -9.83 -3.74 27.09
CA MSE A 423 -9.70 -2.28 27.10
C MSE A 423 -11.05 -1.67 27.50
O MSE A 423 -12.06 -2.37 27.48
CB MSE A 423 -9.30 -1.79 25.69
CG MSE A 423 -7.85 -2.14 25.23
SE MSE A 423 -6.39 -1.58 26.44
CE MSE A 423 -6.34 -3.16 27.60
N PRO A 424 -11.06 -0.38 27.89
CA PRO A 424 -12.33 0.30 28.09
C PRO A 424 -13.19 0.23 26.83
N LYS A 425 -14.48 -0.02 27.00
CA LYS A 425 -15.36 -0.35 25.88
C LYS A 425 -15.62 0.91 25.07
N LYS A 426 -15.34 0.81 23.78
CA LYS A 426 -15.48 1.98 22.88
C LYS A 426 -16.93 2.42 22.90
N PRO A 427 -17.18 3.74 22.83
CA PRO A 427 -18.56 4.26 22.84
C PRO A 427 -19.52 3.61 21.85
N ASP A 428 -18.99 2.92 20.84
CA ASP A 428 -19.80 2.20 19.83
C ASP A 428 -20.09 0.74 20.22
N GLY A 429 -19.41 0.26 21.27
CA GLY A 429 -19.63 -1.07 21.83
C GLY A 429 -18.53 -2.05 21.48
N GLU A 430 -17.54 -1.60 20.73
CA GLU A 430 -16.44 -2.47 20.34
C GLU A 430 -15.61 -2.79 21.57
N PHE A 431 -15.19 -4.05 21.65
CA PHE A 431 -14.28 -4.54 22.67
C PHE A 431 -12.95 -4.80 22.04
N THR A 432 -11.90 -4.58 22.81
CA THR A 432 -10.56 -5.03 22.40
C THR A 432 -9.94 -5.75 23.58
N ALA A 433 -9.33 -6.89 23.29
CA ALA A 433 -8.63 -7.68 24.28
C ALA A 433 -7.14 -7.58 24.02
N SER A 434 -6.39 -7.26 25.05
CA SER A 434 -4.94 -7.32 24.98
C SER A 434 -4.55 -8.69 25.54
N ILE A 435 -3.89 -9.49 24.72
CA ILE A 435 -3.67 -10.90 25.00
C ILE A 435 -2.17 -11.21 24.91
N SER A 436 -1.66 -11.89 25.92
CA SER A 436 -0.29 -12.42 25.89
C SER A 436 -0.33 -13.94 25.92
N LEU A 437 0.35 -14.55 24.96
CA LEU A 437 0.43 -15.99 24.82
C LEU A 437 1.78 -16.36 24.24
N ARG A 438 2.28 -17.55 24.57
CA ARG A 438 3.48 -18.10 23.94
C ARG A 438 3.26 -18.29 22.43
N ASP A 439 4.33 -18.16 21.65
CA ASP A 439 4.24 -18.11 20.16
C ASP A 439 3.32 -19.16 19.51
N GLU A 440 3.46 -20.43 19.91
CA GLU A 440 2.68 -21.50 19.27
C GLU A 440 1.19 -21.39 19.56
N ASP A 441 0.85 -20.94 20.77
CA ASP A 441 -0.55 -20.66 21.13
C ASP A 441 -1.06 -19.47 20.33
N MSE A 442 -0.28 -18.40 20.31
CA MSE A 442 -0.64 -17.22 19.51
C MSE A 442 -0.92 -17.54 18.04
O MSE A 442 -1.92 -17.09 17.50
CB MSE A 442 0.43 -16.12 19.63
CG MSE A 442 -0.01 -14.76 19.06
SE MSE A 442 -1.33 -13.80 20.13
CE MSE A 442 -0.13 -13.05 21.54
N GLU A 443 -0.04 -18.33 17.42
CA GLU A 443 -0.16 -18.61 15.99
C GLU A 443 -1.31 -19.58 15.67
N ARG A 444 -1.56 -20.52 16.58
CA ARG A 444 -2.69 -21.41 16.45
C ARG A 444 -4.03 -20.69 16.67
N LEU A 445 -4.03 -19.70 17.56
CA LEU A 445 -5.24 -18.92 17.84
C LEU A 445 -5.61 -18.05 16.64
N LYS A 446 -4.61 -17.32 16.15
CA LYS A 446 -4.74 -16.47 14.97
C LYS A 446 -5.21 -17.24 13.72
N ALA A 447 -4.78 -18.50 13.59
CA ALA A 447 -5.22 -19.35 12.48
C ALA A 447 -6.52 -20.13 12.77
N ASP A 448 -7.05 -20.02 13.98
CA ASP A 448 -8.24 -20.79 14.36
C ASP A 448 -9.51 -20.26 13.68
N GLU A 449 -10.23 -21.14 12.98
CA GLU A 449 -11.42 -20.73 12.23
C GLU A 449 -12.57 -20.18 13.09
N GLU A 450 -12.82 -20.81 14.24
CA GLU A 450 -13.90 -20.34 15.13
C GLU A 450 -13.52 -19.03 15.81
N TRP A 451 -12.26 -18.90 16.20
CA TRP A 451 -11.74 -17.65 16.80
C TRP A 451 -11.89 -16.45 15.86
N THR A 452 -11.37 -16.59 14.64
CA THR A 452 -11.36 -15.51 13.63
C THR A 452 -12.74 -15.13 13.07
N LYS A 453 -13.74 -16.00 13.25
CA LYS A 453 -15.14 -15.65 13.03
C LYS A 453 -15.58 -14.44 13.90
N TYR A 454 -15.03 -14.36 15.11
CA TYR A 454 -15.42 -13.30 16.04
C TYR A 454 -14.32 -12.29 16.36
N ALA A 455 -13.07 -12.75 16.32
CA ALA A 455 -11.93 -11.92 16.73
C ALA A 455 -11.08 -11.51 15.54
N LYS A 456 -10.84 -10.19 15.44
CA LYS A 456 -9.94 -9.61 14.42
C LYS A 456 -8.57 -9.25 15.01
N TYR A 457 -7.51 -9.84 14.44
CA TYR A 457 -6.14 -9.62 14.88
C TYR A 457 -5.69 -8.20 14.49
N ILE A 458 -5.31 -7.41 15.49
CA ILE A 458 -4.80 -6.06 15.27
C ILE A 458 -3.27 -6.07 15.42
N GLY A 459 -2.79 -6.77 16.45
CA GLY A 459 -1.37 -6.84 16.76
C GLY A 459 -0.97 -5.78 17.78
CA PHE B 12 -27.79 37.89 -14.72
C PHE B 12 -28.58 36.84 -15.51
N ASP B 13 -27.88 36.15 -16.41
CA ASP B 13 -28.47 35.15 -17.26
C ASP B 13 -27.30 34.26 -17.68
N ILE B 14 -27.08 33.22 -16.88
CA ILE B 14 -25.93 32.35 -17.11
C ILE B 14 -26.33 30.92 -17.51
N GLU B 15 -26.06 30.61 -18.77
CA GLU B 15 -26.37 29.32 -19.35
C GLU B 15 -25.63 28.23 -18.56
N LEU B 16 -26.34 27.14 -18.28
CA LEU B 16 -25.76 26.02 -17.57
C LEU B 16 -24.62 25.38 -18.40
N ASP B 17 -23.69 24.70 -17.72
CA ASP B 17 -22.78 23.78 -18.37
C ASP B 17 -23.53 22.98 -19.42
N ILE B 18 -22.90 22.70 -20.55
CA ILE B 18 -23.54 21.85 -21.55
C ILE B 18 -24.00 20.52 -20.98
N ILE B 19 -23.13 19.85 -20.23
CA ILE B 19 -23.46 18.57 -19.57
C ILE B 19 -24.61 18.69 -18.55
N GLY B 20 -24.73 19.85 -17.90
CA GLY B 20 -25.84 20.12 -16.99
C GLY B 20 -27.20 20.27 -17.65
N GLN B 21 -27.25 20.20 -18.99
CA GLN B 21 -28.48 20.34 -19.76
C GLN B 21 -29.22 19.00 -19.98
N GLN B 22 -28.74 17.92 -19.35
CA GLN B 22 -29.47 16.66 -19.32
C GLN B 22 -30.82 16.88 -18.64
N PRO B 23 -31.93 16.60 -19.35
CA PRO B 23 -33.27 16.86 -18.80
C PRO B 23 -33.56 16.39 -17.35
N PRO B 24 -33.14 15.15 -17.00
CA PRO B 24 -33.42 14.63 -15.64
C PRO B 24 -32.82 15.40 -14.48
N LEU B 25 -31.69 16.10 -14.73
CA LEU B 25 -30.97 16.85 -13.69
C LEU B 25 -31.76 18.01 -13.12
N LEU B 26 -32.70 18.55 -13.90
CA LEU B 26 -33.59 19.61 -13.43
C LEU B 26 -34.58 19.16 -12.36
N SER B 27 -34.77 17.85 -12.23
CA SER B 27 -35.66 17.26 -11.22
C SER B 27 -34.86 16.59 -10.10
N ILE B 28 -33.57 16.93 -9.99
CA ILE B 28 -32.71 16.38 -8.95
C ILE B 28 -32.10 17.50 -8.12
N TYR B 29 -32.19 17.35 -6.79
CA TYR B 29 -31.39 18.12 -5.83
C TYR B 29 -30.41 17.21 -5.09
N THR B 30 -29.15 17.64 -5.06
CA THR B 30 -28.12 17.01 -4.22
C THR B 30 -28.17 17.65 -2.84
N GLN B 31 -28.13 16.81 -1.80
CA GLN B 31 -28.25 17.24 -0.41
C GLN B 31 -27.03 16.73 0.33
N ILE B 32 -26.52 17.51 1.28
CA ILE B 32 -25.52 17.05 2.21
C ILE B 32 -25.81 17.64 3.60
N SER B 33 -25.63 16.85 4.66
CA SER B 33 -25.82 17.33 6.04
C SER B 33 -24.53 17.33 6.86
N LEU B 34 -24.28 18.46 7.54
CA LEU B 34 -23.17 18.61 8.47
C LEU B 34 -23.68 18.74 9.89
N VAL B 35 -23.18 17.86 10.77
CA VAL B 35 -23.70 17.79 12.12
C VAL B 35 -22.64 18.30 13.10
N TYR B 36 -23.10 19.17 14.00
CA TYR B 36 -22.22 19.87 14.95
C TYR B 36 -22.80 19.75 16.34
N PRO B 37 -21.94 19.64 17.37
CA PRO B 37 -22.51 19.72 18.72
C PRO B 37 -22.73 21.18 19.13
N VAL B 38 -23.75 21.42 19.95
CA VAL B 38 -24.06 22.75 20.47
C VAL B 38 -24.11 22.71 22.00
N SER B 39 -23.21 23.42 22.67
CA SER B 39 -23.05 23.30 24.13
C SER B 39 -24.28 23.74 24.93
N ASP B 40 -24.94 24.76 24.42
CA ASP B 40 -26.03 25.43 25.12
C ASP B 40 -26.91 26.10 24.10
N PRO B 41 -28.24 26.00 24.27
CA PRO B 41 -29.23 26.51 23.31
C PRO B 41 -29.23 28.03 23.09
N SER B 42 -28.44 28.75 23.90
CA SER B 42 -28.30 30.19 23.74
C SER B 42 -27.53 30.60 22.48
N GLN B 43 -26.81 29.63 21.92
CA GLN B 43 -25.98 29.84 20.73
C GLN B 43 -26.80 29.84 19.43
N TYR B 44 -27.98 29.21 19.46
CA TYR B 44 -28.80 29.06 18.26
C TYR B 44 -29.14 30.36 17.53
N PRO B 45 -29.54 31.43 18.28
CA PRO B 45 -29.88 32.68 17.57
C PRO B 45 -28.69 33.24 16.82
N THR B 46 -27.52 33.20 17.46
CA THR B 46 -26.31 33.72 16.86
C THR B 46 -25.82 32.86 15.68
N ILE B 47 -26.07 31.55 15.75
CA ILE B 47 -25.74 30.64 14.64
C ILE B 47 -26.57 31.06 13.41
N VAL B 48 -27.85 31.30 13.65
CA VAL B 48 -28.76 31.76 12.59
C VAL B 48 -28.28 33.08 11.97
N SER B 49 -28.09 34.12 12.78
CA SER B 49 -27.58 35.40 12.25
C SER B 49 -26.18 35.28 11.61
N THR B 50 -25.33 34.42 12.15
CA THR B 50 -24.06 34.14 11.48
C THR B 50 -24.26 33.65 10.02
N LEU B 51 -25.14 32.67 9.83
CA LEU B 51 -25.34 32.11 8.50
C LEU B 51 -26.02 33.12 7.58
N GLU B 52 -27.08 33.76 8.09
CA GLU B 52 -27.81 34.79 7.34
C GLU B 52 -26.84 35.83 6.81
N GLU B 53 -25.96 36.33 7.67
CA GLU B 53 -24.93 37.31 7.28
C GLU B 53 -23.97 36.76 6.20
N GLY B 54 -23.51 35.53 6.38
CA GLY B 54 -22.62 34.87 5.42
C GLY B 54 -23.28 34.63 4.07
N LEU B 55 -24.58 34.30 4.08
CA LEU B 55 -25.36 34.17 2.85
C LEU B 55 -25.56 35.50 2.13
N LYS B 56 -25.60 36.58 2.91
CA LYS B 56 -25.61 37.94 2.39
C LYS B 56 -24.24 38.29 1.82
N ARG B 57 -23.18 38.08 2.60
CA ARG B 57 -21.80 38.31 2.13
C ARG B 57 -21.53 37.63 0.78
N LEU B 58 -21.89 36.34 0.68
CA LEU B 58 -21.64 35.53 -0.52
C LEU B 58 -22.47 35.96 -1.73
N SER B 59 -23.73 36.33 -1.49
CA SER B 59 -24.68 36.75 -2.53
C SER B 59 -24.30 38.06 -3.20
N GLN B 60 -23.66 38.95 -2.44
CA GLN B 60 -23.24 40.26 -2.93
C GLN B 60 -22.05 40.14 -3.88
N THR B 61 -21.06 39.34 -3.49
CA THR B 61 -19.91 39.04 -4.32
C THR B 61 -20.29 38.19 -5.56
N PHE B 62 -21.17 37.21 -5.36
CA PHE B 62 -21.60 36.29 -6.42
C PHE B 62 -23.11 36.17 -6.45
N PRO B 63 -23.79 37.14 -7.09
CA PRO B 63 -25.27 37.18 -7.08
C PRO B 63 -26.00 35.96 -7.66
N TRP B 64 -25.38 35.22 -8.57
CA TRP B 64 -26.04 34.08 -9.22
C TRP B 64 -26.40 32.95 -8.23
N VAL B 65 -25.75 32.95 -7.07
CA VAL B 65 -25.97 31.90 -6.06
C VAL B 65 -27.39 31.93 -5.50
N ALA B 66 -28.03 33.09 -5.64
CA ALA B 66 -29.35 33.34 -5.10
C ALA B 66 -30.37 33.22 -6.21
N GLY B 67 -29.92 32.74 -7.37
CA GLY B 67 -30.78 32.64 -8.55
C GLY B 67 -31.58 31.35 -8.60
N GLN B 68 -32.21 31.12 -9.74
CA GLN B 68 -33.02 29.94 -10.00
C GLN B 68 -32.68 29.44 -11.38
N VAL B 69 -32.95 28.17 -11.65
CA VAL B 69 -32.74 27.56 -12.96
C VAL B 69 -34.04 27.66 -13.77
N LYS B 70 -33.94 28.26 -14.95
CA LYS B 70 -35.09 28.35 -15.88
C LYS B 70 -34.76 27.74 -17.23
N THR B 71 -35.76 27.11 -17.85
CA THR B 71 -35.57 26.48 -19.14
C THR B 71 -36.37 27.22 -20.20
N GLU B 72 -35.69 27.66 -21.25
CA GLU B 72 -36.34 28.36 -22.35
C GLU B 72 -36.17 27.60 -23.66
N GLY B 73 -37.07 27.83 -24.61
CA GLY B 73 -36.97 27.23 -25.94
C GLY B 73 -37.46 25.80 -26.08
N ILE B 74 -38.48 25.42 -25.32
CA ILE B 74 -39.02 24.06 -25.40
C ILE B 74 -40.02 23.91 -26.54
N SER B 75 -39.55 23.38 -27.67
CA SER B 75 -40.37 23.10 -28.86
C SER B 75 -40.73 21.61 -28.93
N GLY B 77 -39.63 19.46 -31.06
CA GLY B 77 -38.57 18.50 -30.77
C GLY B 77 -37.30 19.19 -30.31
N ASN B 78 -37.46 20.13 -29.37
CA ASN B 78 -36.34 20.82 -28.78
C ASN B 78 -36.55 20.81 -27.28
N THR B 79 -35.52 20.34 -26.57
CA THR B 79 -35.62 19.97 -25.15
C THR B 79 -35.36 21.20 -24.28
N GLY B 80 -34.91 22.28 -24.91
CA GLY B 80 -34.75 23.56 -24.23
C GLY B 80 -33.35 23.78 -23.73
N THR B 81 -33.07 25.04 -23.39
CA THR B 81 -31.77 25.44 -22.86
C THR B 81 -32.00 26.13 -21.52
N SER B 82 -31.31 25.63 -20.51
CA SER B 82 -31.49 26.13 -19.14
C SER B 82 -30.40 27.09 -18.74
N LYS B 83 -30.77 28.06 -17.90
CA LYS B 83 -29.86 29.10 -17.43
C LYS B 83 -30.19 29.49 -15.98
N ILE B 84 -29.24 30.14 -15.31
CA ILE B 84 -29.48 30.65 -13.96
C ILE B 84 -29.85 32.13 -14.11
N ILE B 85 -31.06 32.47 -13.64
CA ILE B 85 -31.55 33.86 -13.69
C ILE B 85 -31.95 34.34 -12.29
N PRO B 86 -32.12 35.68 -12.10
CA PRO B 86 -32.37 36.13 -10.72
C PRO B 86 -33.64 35.54 -10.07
N TYR B 87 -33.62 35.48 -8.75
CA TYR B 87 -34.72 34.90 -8.00
C TYR B 87 -35.01 35.75 -6.77
N GLU B 88 -34.36 35.40 -5.66
CA GLU B 88 -34.45 36.18 -4.42
C GLU B 88 -33.08 36.75 -4.15
N GLU B 89 -33.01 37.63 -3.15
CA GLU B 89 -31.79 38.36 -2.82
C GLU B 89 -30.69 37.47 -2.27
N THR B 90 -31.08 36.47 -1.48
CA THR B 90 -30.13 35.48 -0.95
C THR B 90 -30.62 34.05 -1.23
N PRO B 91 -29.73 33.05 -1.10
CA PRO B 91 -30.27 31.67 -1.10
C PRO B 91 -31.21 31.47 0.09
N ARG B 92 -32.37 30.87 -0.15
CA ARG B 92 -33.37 30.62 0.89
C ARG B 92 -32.79 29.81 2.04
N LEU B 93 -33.05 30.26 3.27
CA LEU B 93 -32.75 29.50 4.48
C LEU B 93 -34.02 29.14 5.25
N VAL B 94 -34.15 27.86 5.60
CA VAL B 94 -35.19 27.40 6.50
C VAL B 94 -34.55 27.09 7.86
N VAL B 95 -35.16 27.61 8.92
CA VAL B 95 -34.74 27.29 10.28
C VAL B 95 -35.82 26.41 10.91
N LYS B 96 -35.43 25.19 11.28
CA LYS B 96 -36.35 24.20 11.77
C LYS B 96 -35.88 23.73 13.13
N ASP B 97 -36.76 23.86 14.12
CA ASP B 97 -36.46 23.41 15.46
C ASP B 97 -37.10 22.05 15.64
N LEU B 98 -36.24 21.03 15.71
CA LEU B 98 -36.69 19.63 15.82
C LEU B 98 -36.64 19.15 17.27
N ARG B 99 -36.08 19.99 18.14
CA ARG B 99 -35.90 19.64 19.56
C ARG B 99 -37.19 19.22 20.27
N ASP B 100 -38.33 19.76 19.81
CA ASP B 100 -39.63 19.46 20.41
C ASP B 100 -40.29 18.23 19.77
N ASP B 101 -39.66 17.72 18.72
CA ASP B 101 -40.11 16.50 18.06
C ASP B 101 -39.35 15.32 18.66
N SER B 102 -40.07 14.39 19.27
CA SER B 102 -39.44 13.26 19.97
C SER B 102 -39.05 12.10 19.03
N SER B 103 -39.46 12.20 17.77
CA SER B 103 -39.04 11.23 16.76
C SER B 103 -37.73 11.66 16.14
N ALA B 104 -37.38 12.94 16.30
CA ALA B 104 -36.19 13.54 15.71
C ALA B 104 -34.91 12.99 16.31
N PRO B 105 -33.80 13.02 15.54
CA PRO B 105 -32.52 12.62 16.12
C PRO B 105 -31.95 13.65 17.11
N THR B 106 -31.17 13.15 18.06
CA THR B 106 -30.48 13.97 19.03
C THR B 106 -28.98 13.75 18.87
N ILE B 107 -28.14 14.68 19.35
CA ILE B 107 -26.68 14.47 19.27
C ILE B 107 -26.29 13.13 19.94
N GLU B 108 -26.84 12.87 21.12
CA GLU B 108 -26.60 11.63 21.85
C GLU B 108 -27.12 10.38 21.11
N GLY B 109 -28.32 10.46 20.55
CA GLY B 109 -28.91 9.35 19.79
C GLY B 109 -28.09 9.06 18.54
N LEU B 110 -27.71 10.10 17.83
CA LEU B 110 -26.88 9.97 16.63
C LEU B 110 -25.55 9.35 16.97
N ARG B 111 -24.94 9.83 18.05
CA ARG B 111 -23.66 9.31 18.54
C ARG B 111 -23.67 7.83 18.91
N LYS B 112 -24.66 7.38 19.69
CA LYS B 112 -24.67 5.97 20.11
C LYS B 112 -25.02 5.03 18.93
N ALA B 113 -25.70 5.56 17.93
CA ALA B 113 -26.09 4.81 16.74
C ALA B 113 -25.12 4.94 15.56
N GLY B 114 -24.07 5.75 15.73
CA GLY B 114 -23.06 5.93 14.68
C GLY B 114 -23.58 6.74 13.49
N PHE B 115 -24.47 7.70 13.77
CA PHE B 115 -24.98 8.59 12.73
C PHE B 115 -25.56 7.82 11.53
N PRO B 116 -26.58 6.98 11.78
CA PRO B 116 -27.09 6.16 10.68
C PRO B 116 -27.98 6.95 9.73
N LEU B 117 -28.03 6.47 8.49
CA LEU B 117 -28.83 7.04 7.42
C LEU B 117 -30.29 7.18 7.83
N GLU B 118 -30.73 6.26 8.66
CA GLU B 118 -32.12 6.22 9.12
C GLU B 118 -32.50 7.49 9.90
N MSE B 119 -31.52 8.14 10.52
CA MSE B 119 -31.77 9.38 11.26
C MSE B 119 -31.58 10.66 10.44
O MSE B 119 -31.61 11.78 11.00
CB MSE B 119 -30.91 9.42 12.53
CG MSE B 119 -31.23 8.32 13.53
SE MSE B 119 -29.98 8.34 15.02
CE MSE B 119 -30.51 6.69 15.89
N PHE B 120 -31.40 10.50 9.12
CA PHE B 120 -31.21 11.63 8.19
C PHE B 120 -32.29 11.60 7.10
N ASP B 121 -33.54 11.50 7.52
CA ASP B 121 -34.66 11.50 6.61
C ASP B 121 -34.67 12.87 5.94
N GLU B 122 -34.61 12.90 4.61
CA GLU B 122 -34.65 14.18 3.88
C GLU B 122 -35.92 15.00 4.19
N ASN B 123 -37.01 14.33 4.55
CA ASN B 123 -38.27 15.01 4.84
C ASN B 123 -38.22 15.74 6.18
N VAL B 124 -37.33 15.27 7.04
CA VAL B 124 -37.01 15.88 8.33
C VAL B 124 -35.88 16.95 8.30
N VAL B 125 -34.79 16.73 7.55
CA VAL B 125 -33.58 17.59 7.69
C VAL B 125 -33.27 18.50 6.49
N ALA B 126 -33.98 18.31 5.39
CA ALA B 126 -33.67 19.01 4.13
C ALA B 126 -34.79 19.96 3.68
N PRO B 127 -34.43 21.10 3.05
CA PRO B 127 -35.44 22.11 2.72
C PRO B 127 -36.28 21.76 1.50
N ARG B 128 -35.95 20.65 0.87
CA ARG B 128 -36.60 20.23 -0.35
C ARG B 128 -36.16 18.80 -0.59
N LYS B 129 -36.97 18.06 -1.34
CA LYS B 129 -36.66 16.65 -1.63
C LYS B 129 -35.60 16.51 -2.73
N THR B 130 -34.88 15.39 -2.70
CA THR B 130 -33.91 15.05 -3.73
C THR B 130 -34.58 14.95 -5.08
N LEU B 131 -35.70 14.23 -5.13
CA LEU B 131 -36.37 13.97 -6.40
C LEU B 131 -37.59 14.88 -6.60
N ALA B 132 -37.90 15.20 -7.86
CA ALA B 132 -39.01 16.10 -8.17
C ALA B 132 -39.90 15.54 -9.28
N ASN B 140 -43.94 24.99 -14.12
CA ASN B 140 -43.96 26.42 -13.82
C ASN B 140 -43.43 26.80 -12.43
N ASP B 141 -43.03 25.80 -11.64
CA ASP B 141 -42.57 26.02 -10.26
C ASP B 141 -41.07 26.27 -10.19
N PRO B 142 -40.66 27.28 -9.40
CA PRO B 142 -39.27 27.71 -9.34
C PRO B 142 -38.32 26.59 -8.88
N LYS B 143 -37.14 26.56 -9.51
CA LYS B 143 -36.06 25.65 -9.14
C LYS B 143 -34.88 26.49 -8.66
N PRO B 144 -34.84 26.80 -7.34
CA PRO B 144 -33.79 27.64 -6.79
C PRO B 144 -32.44 26.96 -6.96
N VAL B 145 -31.40 27.74 -7.28
CA VAL B 145 -30.03 27.23 -7.39
C VAL B 145 -29.55 26.50 -6.12
N LEU B 146 -29.80 27.11 -4.96
CA LEU B 146 -29.22 26.68 -3.69
C LEU B 146 -30.18 26.98 -2.52
N LEU B 147 -30.38 25.98 -1.66
CA LEU B 147 -31.32 26.09 -0.52
C LEU B 147 -30.61 25.58 0.70
N LEU B 148 -30.92 26.14 1.86
CA LEU B 148 -30.32 25.68 3.11
C LEU B 148 -31.38 25.47 4.17
N GLN B 149 -31.13 24.53 5.06
CA GLN B 149 -31.97 24.33 6.23
C GLN B 149 -31.10 24.10 7.45
N LEU B 150 -31.23 25.03 8.39
CA LEU B 150 -30.71 24.88 9.74
C LEU B 150 -31.71 24.13 10.60
N ASN B 151 -31.29 22.97 11.09
CA ASN B 151 -32.12 22.18 11.99
C ASN B 151 -31.50 22.16 13.36
N PHE B 152 -32.25 22.64 14.36
CA PHE B 152 -31.80 22.49 15.77
C PHE B 152 -32.22 21.14 16.27
N ILE B 153 -31.30 20.44 16.94
CA ILE B 153 -31.58 19.14 17.53
C ILE B 153 -31.01 19.15 18.94
N LYS B 154 -31.44 18.22 19.79
CA LYS B 154 -31.04 18.24 21.19
C LYS B 154 -29.54 18.07 21.29
N GLY B 155 -28.90 19.05 21.92
CA GLY B 155 -27.45 19.11 22.07
C GLY B 155 -26.69 19.33 20.78
N GLY B 156 -27.39 19.71 19.71
CA GLY B 156 -26.75 19.72 18.41
C GLY B 156 -27.38 20.58 17.33
N LEU B 157 -26.83 20.43 16.12
CA LEU B 157 -27.24 21.19 14.96
C LEU B 157 -27.03 20.31 13.75
N ILE B 158 -27.96 20.32 12.80
CA ILE B 158 -27.75 19.72 11.47
C ILE B 158 -27.98 20.79 10.43
N LEU B 159 -26.93 21.09 9.68
CA LEU B 159 -27.03 22.05 8.60
C LEU B 159 -27.06 21.27 7.29
N THR B 160 -28.13 21.47 6.51
CA THR B 160 -28.28 20.79 5.23
C THR B 160 -28.19 21.79 4.05
N VAL B 161 -27.45 21.43 2.99
CA VAL B 161 -27.36 22.28 1.81
C VAL B 161 -27.88 21.48 0.63
N ASN B 162 -28.76 22.08 -0.17
CA ASN B 162 -29.34 21.45 -1.35
C ASN B 162 -28.88 22.24 -2.55
N GLY B 163 -28.44 21.56 -3.60
CA GLY B 163 -28.12 22.26 -4.83
C GLY B 163 -28.80 21.61 -6.01
N GLN B 164 -29.36 22.45 -6.86
CA GLN B 164 -30.01 22.04 -8.10
C GLN B 164 -28.93 21.39 -9.00
N HIS B 165 -29.13 20.13 -9.39
CA HIS B 165 -28.04 19.34 -9.99
C HIS B 165 -27.67 19.73 -11.43
N GLY B 166 -28.58 20.37 -12.14
CA GLY B 166 -28.22 20.96 -13.43
C GLY B 166 -27.19 22.06 -13.24
N ALA B 167 -27.27 22.74 -12.08
CA ALA B 167 -26.43 23.89 -11.75
C ALA B 167 -25.11 23.56 -11.06
N MSE B 168 -25.03 22.38 -10.44
CA MSE B 168 -23.79 21.93 -9.76
C MSE B 168 -23.73 20.42 -9.55
O MSE B 168 -24.74 19.79 -9.31
CB MSE B 168 -23.61 22.61 -8.40
CG MSE B 168 -24.69 22.31 -7.36
SE MSE B 168 -24.64 23.58 -5.86
N ASP B 169 -22.52 19.86 -9.61
CA ASP B 169 -22.25 18.55 -9.06
C ASP B 169 -21.83 18.72 -7.59
N MSE B 170 -21.58 17.62 -6.87
CA MSE B 170 -21.24 17.73 -5.46
C MSE B 170 -19.90 18.45 -5.22
O MSE B 170 -19.73 19.09 -4.18
CB MSE B 170 -21.25 16.39 -4.73
CG MSE B 170 -20.92 16.51 -3.23
SE MSE B 170 -22.22 17.61 -2.29
CE MSE B 170 -21.09 18.80 -1.32
N THR B 171 -18.97 18.34 -6.17
CA THR B 171 -17.70 19.07 -6.06
C THR B 171 -17.94 20.59 -6.17
N GLY B 172 -18.79 21.00 -7.10
CA GLY B 172 -19.16 22.40 -7.25
C GLY B 172 -19.99 22.93 -6.08
N GLN B 173 -20.90 22.10 -5.60
CA GLN B 173 -21.63 22.37 -4.36
C GLN B 173 -20.69 22.58 -3.18
N ASP B 174 -19.71 21.69 -3.03
CA ASP B 174 -18.70 21.77 -1.97
C ASP B 174 -17.85 23.06 -2.13
N ALA B 175 -17.46 23.36 -3.36
CA ALA B 175 -16.82 24.65 -3.66
C ALA B 175 -17.64 25.85 -3.16
N ILE B 176 -18.95 25.86 -3.46
CA ILE B 176 -19.86 26.90 -2.98
C ILE B 176 -19.90 26.94 -1.45
N ILE B 177 -20.15 25.79 -0.80
CA ILE B 177 -20.19 25.71 0.67
C ILE B 177 -18.89 26.23 1.35
N ARG B 178 -17.75 25.88 0.76
CA ARG B 178 -16.45 26.33 1.25
CA ARG B 178 -16.43 26.33 1.22
C ARG B 178 -16.35 27.86 1.28
N LEU B 179 -16.87 28.53 0.24
CA LEU B 179 -16.86 29.97 0.20
C LEU B 179 -17.89 30.58 1.14
N LEU B 180 -19.08 29.98 1.20
CA LEU B 180 -20.07 30.35 2.19
C LEU B 180 -19.50 30.33 3.61
N SER B 181 -18.72 29.30 3.94
CA SER B 181 -18.06 29.24 5.25
C SER B 181 -17.02 30.35 5.45
N LYS B 182 -16.34 30.75 4.38
CA LYS B 182 -15.43 31.91 4.38
C LYS B 182 -16.23 33.17 4.58
N ALA B 183 -17.31 33.31 3.82
CA ALA B 183 -18.25 34.42 3.99
C ALA B 183 -18.73 34.58 5.43
N CYS B 184 -19.13 33.48 6.08
CA CYS B 184 -19.64 33.53 7.45
C CYS B 184 -18.58 33.98 8.44
N ARG B 185 -17.33 33.68 8.10
CA ARG B 185 -16.18 34.04 8.91
C ARG B 185 -15.69 35.45 8.57
N ASN B 186 -16.39 36.10 7.65
CA ASN B 186 -16.00 37.39 7.09
C ASN B 186 -14.55 37.42 6.59
N GLU B 187 -14.24 36.49 5.69
CA GLU B 187 -12.96 36.43 5.04
C GLU B 187 -13.11 36.75 3.55
N SER B 188 -12.05 37.31 2.97
CA SER B 188 -12.03 37.64 1.54
C SER B 188 -11.70 36.41 0.70
N PHE B 189 -12.29 36.34 -0.49
CA PHE B 189 -12.08 35.19 -1.39
C PHE B 189 -10.77 35.33 -2.15
N GLU B 193 -10.35 31.94 -6.81
CA GLU B 193 -11.68 31.88 -6.16
C GLU B 193 -12.75 32.75 -6.82
N ILE B 194 -12.43 34.04 -6.99
CA ILE B 194 -13.27 34.95 -7.77
C ILE B 194 -13.34 34.53 -9.24
N SER B 195 -12.21 34.13 -9.81
CA SER B 195 -12.13 33.69 -11.22
C SER B 195 -12.94 32.41 -11.47
N ALA B 196 -12.80 31.45 -10.56
CA ALA B 196 -13.49 30.15 -10.67
C ALA B 196 -15.01 30.32 -10.56
N MSE B 197 -15.42 31.20 -9.65
CA MSE B 197 -16.83 31.51 -9.40
C MSE B 197 -17.50 32.26 -10.53
O MSE B 197 -18.74 32.29 -10.60
CB MSE B 197 -16.94 32.32 -8.12
CG MSE B 197 -16.71 31.53 -6.86
SE MSE B 197 -18.07 30.18 -6.60
N ASN B 198 -16.70 32.85 -11.40
CA ASN B 198 -17.22 33.67 -12.47
C ASN B 198 -16.91 33.17 -13.87
N LEU B 199 -16.33 31.97 -13.91
CA LEU B 199 -15.95 31.33 -15.17
C LEU B 199 -17.18 31.01 -16.02
N ASP B 200 -17.15 31.42 -17.29
CA ASP B 200 -18.23 31.11 -18.23
C ASP B 200 -18.42 29.60 -18.29
N ARG B 201 -19.68 29.16 -18.20
CA ARG B 201 -19.97 27.74 -18.06
C ARG B 201 -20.09 27.01 -19.38
N LYS B 202 -20.63 27.67 -20.40
CA LYS B 202 -20.89 27.03 -21.68
C LYS B 202 -19.62 26.81 -22.53
N THR B 203 -18.51 27.44 -22.11
CA THR B 203 -17.21 27.30 -22.78
C THR B 203 -16.12 26.62 -21.92
N VAL B 204 -16.49 26.16 -20.72
CA VAL B 204 -15.56 25.53 -19.78
C VAL B 204 -15.00 24.18 -20.31
N VAL B 205 -15.78 23.50 -21.16
CA VAL B 205 -15.30 22.29 -21.83
C VAL B 205 -15.11 22.70 -23.27
N PRO B 206 -13.84 22.81 -23.72
CA PRO B 206 -13.59 23.10 -25.13
C PRO B 206 -14.24 22.06 -26.01
N LEU B 207 -14.88 22.49 -27.09
CA LEU B 207 -15.53 21.57 -27.98
C LEU B 207 -14.53 21.09 -29.04
N LEU B 208 -14.89 20.02 -29.74
CA LEU B 208 -14.01 19.41 -30.74
C LEU B 208 -14.42 19.81 -32.14
N GLU B 209 -13.40 20.23 -32.91
CA GLU B 209 -13.51 20.72 -34.31
C GLU B 209 -14.62 20.15 -35.19
N ASN B 210 -14.37 19.04 -35.86
CA ASN B 210 -15.39 18.41 -36.69
C ASN B 210 -15.67 17.01 -36.20
N TYR B 211 -16.04 16.94 -34.92
CA TYR B 211 -16.24 15.67 -34.25
C TYR B 211 -17.36 14.85 -34.86
N LYS B 212 -17.02 13.60 -35.21
CA LYS B 212 -18.00 12.61 -35.60
C LYS B 212 -18.16 11.60 -34.45
N VAL B 213 -19.42 11.35 -34.08
CA VAL B 213 -19.78 10.48 -32.94
C VAL B 213 -19.02 9.17 -32.95
N GLY B 214 -18.30 8.90 -31.86
CA GLY B 214 -17.44 7.73 -31.76
C GLY B 214 -17.65 7.05 -30.42
N PRO B 215 -16.70 6.18 -30.03
CA PRO B 215 -16.82 5.43 -28.79
C PRO B 215 -16.85 6.30 -27.52
N GLU B 216 -16.54 7.59 -27.65
CA GLU B 216 -16.63 8.51 -26.49
C GLU B 216 -18.04 8.52 -25.90
N LEU B 217 -19.03 8.22 -26.73
CA LEU B 217 -20.44 8.31 -26.30
C LEU B 217 -21.07 6.97 -25.92
N ASP B 218 -20.23 5.93 -25.79
CA ASP B 218 -20.72 4.61 -25.40
C ASP B 218 -21.41 4.71 -24.05
N HIS B 219 -22.54 4.01 -23.93
CA HIS B 219 -23.31 3.92 -22.65
C HIS B 219 -24.01 5.20 -22.24
N GLN B 220 -24.04 6.18 -23.13
CA GLN B 220 -24.57 7.49 -22.76
C GLN B 220 -25.74 7.92 -23.66
N ILE B 221 -26.04 7.11 -24.66
CA ILE B 221 -27.14 7.38 -25.59
C ILE B 221 -28.20 6.26 -25.49
N ALA B 222 -29.44 6.63 -25.18
CA ALA B 222 -30.57 5.69 -25.12
C ALA B 222 -31.20 5.46 -26.50
N LYS B 223 -31.66 4.24 -26.75
CA LYS B 223 -32.33 3.85 -28.01
CA PRO B 231 -40.48 1.85 -15.99
C PRO B 231 -40.30 1.39 -14.54
N PRO B 232 -41.40 0.98 -13.87
CA PRO B 232 -41.51 0.71 -12.41
C PRO B 232 -40.43 -0.24 -11.90
N ALA B 233 -39.83 0.07 -10.74
CA ALA B 233 -38.71 -0.71 -10.17
C ALA B 233 -39.03 -2.22 -10.04
N PRO B 234 -38.05 -3.08 -10.34
CA PRO B 234 -38.27 -4.54 -10.30
C PRO B 234 -38.28 -5.15 -8.90
N ALA B 235 -38.00 -4.36 -7.87
CA ALA B 235 -37.87 -4.88 -6.51
C ALA B 235 -37.83 -3.76 -5.47
N LYS B 236 -38.48 -3.98 -4.34
CA LYS B 236 -38.34 -3.09 -3.19
C LYS B 236 -36.89 -3.08 -2.73
N ALA B 237 -36.44 -1.92 -2.29
CA ALA B 237 -35.07 -1.74 -1.85
C ALA B 237 -35.03 -0.85 -0.61
N THR B 238 -33.85 -0.60 -0.10
CA THR B 238 -33.67 0.32 1.01
C THR B 238 -32.28 0.95 0.91
N TRP B 239 -31.98 1.88 1.83
CA TRP B 239 -30.65 2.45 2.00
C TRP B 239 -30.03 2.04 3.33
N ALA B 240 -28.68 1.95 3.35
CA ALA B 240 -27.89 1.80 4.58
C ALA B 240 -26.48 2.34 4.40
N PHE B 241 -25.92 2.89 5.50
CA PHE B 241 -24.51 3.22 5.63
C PHE B 241 -23.73 1.98 6.03
N PHE B 242 -22.53 1.88 5.47
CA PHE B 242 -21.58 0.84 5.84
C PHE B 242 -20.25 1.55 6.02
N SER B 243 -19.51 1.24 7.08
CA SER B 243 -18.30 2.00 7.34
C SER B 243 -17.09 1.10 7.23
N PHE B 244 -15.96 1.69 6.82
CA PHE B 244 -14.73 0.97 6.59
C PHE B 244 -13.60 1.71 7.32
N THR B 245 -12.96 1.03 8.25
CA THR B 245 -11.86 1.65 9.00
C THR B 245 -10.69 1.88 8.07
N PRO B 246 -9.85 2.88 8.38
CA PRO B 246 -8.54 3.04 7.77
C PRO B 246 -7.79 1.71 7.58
N LYS B 247 -7.78 0.87 8.60
CA LYS B 247 -7.06 -0.40 8.53
C LYS B 247 -7.68 -1.33 7.46
N ALA B 248 -9.01 -1.48 7.48
CA ALA B 248 -9.72 -2.28 6.46
C ALA B 248 -9.43 -1.76 5.05
N LEU B 249 -9.46 -0.44 4.87
CA LEU B 249 -9.21 0.14 3.54
C LEU B 249 -7.81 -0.18 3.04
N SER B 250 -6.84 -0.13 3.95
CA SER B 250 -5.43 -0.44 3.67
C SER B 250 -5.26 -1.89 3.26
N GLU B 251 -5.95 -2.78 3.98
CA GLU B 251 -5.94 -4.21 3.69
C GLU B 251 -6.53 -4.58 2.33
N LEU B 252 -7.63 -3.91 1.96
CA LEU B 252 -8.21 -4.05 0.62
C LEU B 252 -7.28 -3.55 -0.47
N LYS B 253 -6.68 -2.37 -0.27
CA LYS B 253 -5.71 -1.82 -1.21
C LYS B 253 -4.52 -2.77 -1.39
N ASP B 254 -4.01 -3.34 -0.29
CA ASP B 254 -2.91 -4.33 -0.34
C ASP B 254 -3.28 -5.59 -1.12
N ALA B 255 -4.46 -6.15 -0.85
CA ALA B 255 -4.97 -7.30 -1.59
C ALA B 255 -5.13 -6.99 -3.09
N ALA B 256 -5.63 -5.79 -3.41
CA ALA B 256 -5.71 -5.35 -4.80
C ALA B 256 -4.33 -5.23 -5.45
N THR B 257 -3.42 -4.54 -4.77
CA THR B 257 -2.04 -4.34 -5.24
C THR B 257 -1.31 -5.67 -5.46
N LYS B 258 -1.46 -6.62 -4.54
CA LYS B 258 -0.81 -7.94 -4.68
C LYS B 258 -1.23 -8.73 -5.91
N THR B 259 -2.39 -8.39 -6.46
CA THR B 259 -3.00 -9.19 -7.53
C THR B 259 -3.17 -8.44 -8.85
N LEU B 260 -2.45 -7.33 -9.02
CA LEU B 260 -2.47 -6.61 -10.28
C LEU B 260 -1.67 -7.39 -11.29
N ASP B 261 -2.15 -7.42 -12.53
CA ASP B 261 -1.30 -7.91 -13.59
C ASP B 261 -0.11 -6.94 -13.83
N ALA B 262 1.01 -7.48 -14.31
CA ALA B 262 2.22 -6.69 -14.54
C ALA B 262 1.93 -5.38 -15.29
N SER B 263 0.85 -5.40 -16.07
CA SER B 263 0.46 -4.27 -16.93
C SER B 263 -0.15 -3.05 -16.21
N SER B 264 -0.64 -3.25 -14.98
CA SER B 264 -1.36 -2.18 -14.29
C SER B 264 -0.46 -1.60 -13.24
N LYS B 265 -0.13 -0.32 -13.38
CA LYS B 265 0.87 0.30 -12.50
C LYS B 265 0.42 0.31 -11.04
N PHE B 266 -0.73 0.92 -10.77
CA PHE B 266 -1.18 0.99 -9.40
C PHE B 266 -2.69 1.02 -9.34
N VAL B 267 -3.24 0.80 -8.16
CA VAL B 267 -4.62 1.16 -7.89
C VAL B 267 -4.67 2.05 -6.62
N SER B 268 -5.74 2.82 -6.45
CA SER B 268 -5.93 3.60 -5.24
C SER B 268 -6.84 2.88 -4.23
N THR B 269 -6.92 3.46 -3.03
CA THR B 269 -7.86 3.04 -1.97
C THR B 269 -9.31 3.07 -2.47
N ASP B 270 -9.66 4.14 -3.17
CA ASP B 270 -11.00 4.32 -3.75
C ASP B 270 -11.30 3.22 -4.79
N ASP B 271 -10.33 2.93 -5.65
CA ASP B 271 -10.47 1.85 -6.65
C ASP B 271 -10.75 0.54 -5.94
N ALA B 272 -9.92 0.25 -4.95
CA ALA B 272 -9.98 -1.01 -4.23
C ALA B 272 -11.31 -1.19 -3.46
N LEU B 273 -11.80 -0.13 -2.80
CA LEU B 273 -13.11 -0.24 -2.12
C LEU B 273 -14.26 -0.36 -3.13
N SER B 274 -14.22 0.45 -4.19
CA SER B 274 -15.19 0.36 -5.30
C SER B 274 -15.21 -1.05 -5.88
N ALA B 275 -14.03 -1.61 -6.10
CA ALA B 275 -13.88 -2.94 -6.66
C ALA B 275 -14.45 -3.99 -5.73
N PHE B 276 -14.13 -3.84 -4.45
CA PHE B 276 -14.59 -4.76 -3.44
C PHE B 276 -16.11 -4.75 -3.33
N ILE B 277 -16.71 -3.58 -3.45
CA ILE B 277 -18.18 -3.50 -3.40
C ILE B 277 -18.82 -4.16 -4.63
N TRP B 278 -18.23 -3.98 -5.80
CA TRP B 278 -18.68 -4.66 -7.02
C TRP B 278 -18.58 -6.19 -6.90
N GLN B 279 -17.43 -6.71 -6.44
CA GLN B 279 -17.28 -8.16 -6.18
C GLN B 279 -18.29 -8.71 -5.18
N SER B 280 -18.44 -8.02 -4.06
CA SER B 280 -19.34 -8.46 -2.98
C SER B 280 -20.79 -8.45 -3.41
N THR B 281 -21.21 -7.37 -4.05
CA THR B 281 -22.57 -7.26 -4.55
C THR B 281 -22.83 -8.33 -5.63
N SER B 282 -21.86 -8.53 -6.52
CA SER B 282 -21.96 -9.60 -7.52
C SER B 282 -22.05 -10.99 -6.89
N ARG B 283 -21.17 -11.28 -5.94
CA ARG B 283 -21.23 -12.52 -5.15
C ARG B 283 -22.64 -12.81 -4.61
N VAL B 284 -23.22 -11.88 -3.83
CA VAL B 284 -24.57 -12.12 -3.24
C VAL B 284 -25.66 -12.22 -4.33
N ARG B 285 -25.46 -11.49 -5.43
CA ARG B 285 -26.45 -11.51 -6.54
C ARG B 285 -26.50 -12.81 -7.30
N LEU B 286 -25.43 -13.59 -7.22
CA LEU B 286 -25.35 -14.95 -7.77
C LEU B 286 -26.34 -15.91 -7.13
N ALA B 287 -26.96 -15.50 -6.02
CA ALA B 287 -28.06 -16.28 -5.46
C ALA B 287 -29.35 -16.14 -6.25
N ARG B 288 -29.46 -15.11 -7.08
CA ARG B 288 -30.69 -14.82 -7.84
C ARG B 288 -30.45 -14.56 -9.33
N LEU B 289 -29.20 -14.42 -9.74
CA LEU B 289 -28.89 -14.15 -11.15
C LEU B 289 -27.97 -15.22 -11.71
N ASP B 290 -28.17 -15.51 -13.01
CA ASP B 290 -27.28 -16.40 -13.73
C ASP B 290 -25.87 -15.86 -13.80
N ALA B 291 -24.91 -16.77 -13.72
CA ALA B 291 -23.48 -16.49 -13.85
C ALA B 291 -23.12 -15.50 -14.95
N SER B 292 -23.72 -15.70 -16.13
CA SER B 292 -23.41 -14.91 -17.34
C SER B 292 -24.15 -13.58 -17.44
N THR B 293 -24.92 -13.20 -16.43
CA THR B 293 -25.69 -11.96 -16.46
C THR B 293 -24.74 -10.80 -16.62
N PRO B 294 -24.94 -9.93 -17.64
CA PRO B 294 -24.12 -8.72 -17.72
C PRO B 294 -24.25 -7.82 -16.47
N THR B 295 -23.13 -7.33 -15.98
CA THR B 295 -23.08 -6.31 -14.93
C THR B 295 -22.25 -5.09 -15.44
N GLU B 296 -22.80 -3.90 -15.31
CA GLU B 296 -22.06 -2.68 -15.62
C GLU B 296 -21.85 -1.83 -14.38
N PHE B 297 -20.60 -1.43 -14.13
CA PHE B 297 -20.25 -0.50 -13.06
C PHE B 297 -20.16 0.88 -13.68
N CYS B 298 -20.85 1.87 -13.10
CA CYS B 298 -20.80 3.27 -13.55
C CYS B 298 -20.23 4.08 -12.41
N ARG B 299 -19.13 4.77 -12.65
CA ARG B 299 -18.39 5.46 -11.61
C ARG B 299 -18.30 6.93 -11.98
N ALA B 300 -18.82 7.80 -11.10
CA ALA B 300 -18.74 9.24 -11.35
C ALA B 300 -17.29 9.74 -11.19
N VAL B 301 -16.90 10.68 -12.04
CA VAL B 301 -15.55 11.24 -12.02
C VAL B 301 -15.69 12.75 -12.13
N ASP B 302 -15.06 13.47 -11.21
CA ASP B 302 -14.92 14.91 -11.28
C ASP B 302 -13.95 15.26 -12.40
N MSE B 303 -14.45 16.09 -13.32
CA MSE B 303 -13.72 16.41 -14.54
C MSE B 303 -12.88 17.71 -14.48
O MSE B 303 -12.26 18.09 -15.48
CB MSE B 303 -14.64 16.37 -15.76
CG MSE B 303 -14.98 14.92 -16.17
SE MSE B 303 -13.28 13.93 -16.64
CE MSE B 303 -12.62 15.27 -17.89
N ARG B 304 -12.86 18.36 -13.33
CA ARG B 304 -12.15 19.63 -13.18
C ARG B 304 -10.64 19.42 -13.43
N GLY B 305 -10.09 18.41 -12.76
CA GLY B 305 -8.67 18.05 -12.84
C GLY B 305 -8.21 17.87 -14.27
N PRO B 306 -8.75 16.87 -14.99
CA PRO B 306 -8.39 16.57 -16.37
C PRO B 306 -8.74 17.66 -17.38
N MSE B 307 -9.81 18.43 -17.11
CA MSE B 307 -10.16 19.55 -17.97
C MSE B 307 -9.26 20.77 -17.78
O MSE B 307 -9.31 21.68 -18.60
CB MSE B 307 -11.64 19.96 -17.77
CG MSE B 307 -12.27 20.55 -19.02
SE MSE B 307 -11.90 19.54 -20.69
CE MSE B 307 -12.69 17.93 -20.15
N GLY B 308 -8.46 20.77 -16.72
CA GLY B 308 -7.63 21.93 -16.36
C GLY B 308 -8.47 23.09 -15.83
N VAL B 309 -9.49 22.76 -15.04
CA VAL B 309 -10.45 23.73 -14.55
C VAL B 309 -10.28 23.83 -13.06
N SER B 310 -10.40 25.03 -12.50
CA SER B 310 -10.23 25.23 -11.05
C SER B 310 -11.06 24.25 -10.22
N SER B 311 -10.51 23.75 -9.13
CA SER B 311 -11.23 22.87 -8.21
C SER B 311 -12.34 23.60 -7.46
N THR B 312 -12.35 24.93 -7.63
CA THR B 312 -13.34 25.82 -7.02
C THR B 312 -14.44 26.16 -8.01
N TYR B 313 -14.33 25.67 -9.24
CA TYR B 313 -15.40 25.81 -10.22
C TYR B 313 -16.71 25.21 -9.67
N PRO B 314 -17.78 26.04 -9.54
CA PRO B 314 -18.99 25.60 -8.82
C PRO B 314 -20.04 24.89 -9.69
N GLY B 315 -19.70 24.63 -10.95
CA GLY B 315 -20.66 24.10 -11.89
C GLY B 315 -20.80 22.60 -11.85
N LEU B 316 -21.26 22.07 -12.97
CA LEU B 316 -21.40 20.64 -13.14
C LEU B 316 -20.34 20.26 -14.16
N LEU B 317 -19.21 19.76 -13.66
CA LEU B 317 -18.15 19.26 -14.54
C LEU B 317 -17.78 17.85 -14.08
N GLN B 318 -18.42 16.87 -14.71
CA GLN B 318 -18.45 15.51 -14.21
C GLN B 318 -18.77 14.58 -15.38
N ASN B 319 -18.22 13.38 -15.35
CA ASN B 319 -18.58 12.37 -16.33
C ASN B 319 -18.66 11.06 -15.56
N MSE B 320 -18.75 9.94 -16.27
CA MSE B 320 -18.64 8.64 -15.64
C MSE B 320 -17.68 7.77 -16.40
O MSE B 320 -17.43 8.01 -17.57
CB MSE B 320 -20.01 8.00 -15.53
CG MSE B 320 -20.92 8.78 -14.61
SE MSE B 320 -22.39 7.74 -14.33
CE MSE B 320 -22.16 7.30 -12.46
N THR B 321 -17.11 6.79 -15.70
CA THR B 321 -16.45 5.68 -16.38
C THR B 321 -17.38 4.45 -16.34
N TYR B 322 -17.30 3.63 -17.38
CA TYR B 322 -18.16 2.44 -17.53
C TYR B 322 -17.32 1.19 -17.66
N HIS B 323 -17.79 0.10 -17.07
CA HIS B 323 -17.04 -1.15 -16.95
C HIS B 323 -18.01 -2.30 -17.08
N ASP B 324 -17.92 -3.03 -18.17
CA ASP B 324 -18.80 -4.16 -18.41
C ASP B 324 -18.14 -5.50 -18.12
N SER B 325 -18.93 -6.43 -17.59
CA SER B 325 -18.45 -7.80 -17.38
C SER B 325 -19.68 -8.67 -17.13
N THR B 326 -19.51 -9.79 -16.43
CA THR B 326 -20.67 -10.56 -15.97
C THR B 326 -20.54 -10.78 -14.49
N VAL B 327 -21.66 -11.13 -13.87
CA VAL B 327 -21.75 -11.20 -12.41
C VAL B 327 -20.78 -12.23 -11.83
N ALA B 328 -20.72 -13.42 -12.43
CA ALA B 328 -19.75 -14.43 -11.99
C ALA B 328 -18.30 -14.03 -12.16
N GLU B 329 -17.95 -13.35 -13.26
CA GLU B 329 -16.52 -13.07 -13.46
C GLU B 329 -16.05 -12.05 -12.42
N ILE B 330 -16.86 -11.01 -12.20
CA ILE B 330 -16.57 -9.99 -11.22
C ILE B 330 -16.49 -10.60 -9.83
N ALA B 331 -17.49 -11.39 -9.44
CA ALA B 331 -17.52 -12.02 -8.13
C ALA B 331 -16.22 -12.79 -7.82
N ASN B 332 -15.75 -13.54 -8.80
CA ASN B 332 -14.71 -14.57 -8.60
C ASN B 332 -13.28 -14.21 -8.97
N GLU B 333 -13.07 -13.02 -9.52
CA GLU B 333 -11.74 -12.65 -9.98
C GLU B 333 -10.92 -11.99 -8.88
N PRO B 334 -9.59 -11.89 -9.06
CA PRO B 334 -8.74 -11.25 -8.06
C PRO B 334 -9.13 -9.78 -7.86
N LEU B 335 -9.03 -9.29 -6.63
CA LEU B 335 -9.42 -7.90 -6.34
C LEU B 335 -8.65 -6.93 -7.21
N GLY B 336 -7.39 -7.26 -7.46
CA GLY B 336 -6.52 -6.51 -8.35
C GLY B 336 -7.03 -6.46 -9.78
N ALA B 337 -7.68 -7.52 -10.25
CA ALA B 337 -8.28 -7.50 -11.59
C ALA B 337 -9.46 -6.52 -11.66
N THR B 338 -10.36 -6.58 -10.68
CA THR B 338 -11.51 -5.66 -10.61
C THR B 338 -11.09 -4.19 -10.43
N ALA B 339 -10.19 -3.93 -9.48
CA ALA B 339 -9.65 -2.57 -9.26
C ALA B 339 -8.99 -1.97 -10.52
N SER B 340 -8.33 -2.83 -11.31
CA SER B 340 -7.65 -2.42 -12.53
C SER B 340 -8.61 -2.01 -13.61
N ARG B 341 -9.76 -2.68 -13.66
CA ARG B 341 -10.79 -2.33 -14.64
C ARG B 341 -11.15 -0.86 -14.43
N LEU B 342 -11.39 -0.49 -13.18
CA LEU B 342 -11.73 0.90 -12.79
C LEU B 342 -10.57 1.89 -13.09
N ARG B 343 -9.36 1.60 -12.61
CA ARG B 343 -8.20 2.48 -12.83
C ARG B 343 -7.87 2.68 -14.33
N SER B 344 -8.04 1.63 -15.14
CA SER B 344 -7.77 1.72 -16.57
C SER B 344 -8.53 2.88 -17.25
N GLU B 345 -9.75 3.15 -16.81
CA GLU B 345 -10.54 4.24 -17.37
C GLU B 345 -10.18 5.65 -16.86
N LEU B 346 -9.28 5.76 -15.89
CA LEU B 346 -8.91 7.09 -15.38
C LEU B 346 -7.70 7.71 -16.09
N ASN B 347 -7.35 7.21 -17.26
CA ASN B 347 -6.35 7.87 -18.07
C ASN B 347 -6.87 9.28 -18.41
N SER B 348 -6.14 10.32 -18.03
CA SER B 348 -6.69 11.67 -18.18
C SER B 348 -6.92 12.16 -19.62
N ASP B 349 -6.11 11.71 -20.58
CA ASP B 349 -6.33 12.03 -21.99
C ASP B 349 -7.66 11.45 -22.47
N ARG B 350 -7.96 10.23 -22.02
CA ARG B 350 -9.17 9.53 -22.39
C ARG B 350 -10.38 10.17 -21.66
N LEU B 351 -10.22 10.46 -20.36
CA LEU B 351 -11.23 11.25 -19.61
C LEU B 351 -11.58 12.56 -20.33
N ARG B 352 -10.55 13.33 -20.71
CA ARG B 352 -10.74 14.61 -21.39
C ARG B 352 -11.42 14.44 -22.74
N ARG B 353 -10.90 13.53 -23.54
CA ARG B 353 -11.45 13.28 -24.88
C ARG B 353 -12.96 12.96 -24.80
N ARG B 354 -13.32 12.04 -23.91
CA ARG B 354 -14.70 11.59 -23.73
C ARG B 354 -15.62 12.74 -23.34
N THR B 355 -15.18 13.57 -22.37
CA THR B 355 -15.95 14.70 -21.85
C THR B 355 -16.10 15.84 -22.85
N GLN B 356 -15.02 16.16 -23.57
CA GLN B 356 -15.10 17.12 -24.69
C GLN B 356 -16.01 16.59 -25.82
N ALA B 357 -15.93 15.29 -26.11
CA ALA B 357 -16.86 14.68 -27.08
C ALA B 357 -18.32 14.75 -26.66
N LEU B 358 -18.59 14.37 -25.41
CA LEU B 358 -19.95 14.44 -24.87
C LEU B 358 -20.53 15.86 -25.01
N ALA B 359 -19.79 16.86 -24.53
CA ALA B 359 -20.17 18.26 -24.64
C ALA B 359 -20.41 18.65 -26.10
N THR B 360 -19.54 18.18 -26.98
CA THR B 360 -19.63 18.55 -28.39
C THR B 360 -20.89 17.94 -29.01
N TYR B 361 -21.15 16.67 -28.71
CA TYR B 361 -22.32 15.98 -29.22
C TYR B 361 -23.61 16.57 -28.65
N MSE B 362 -23.56 17.00 -27.39
CA MSE B 362 -24.71 17.64 -26.77
C MSE B 362 -25.00 19.05 -27.31
O MSE B 362 -26.17 19.37 -27.55
CB MSE B 362 -24.58 17.64 -25.24
CG MSE B 362 -24.79 16.26 -24.60
SE MSE B 362 -24.54 16.38 -22.67
CE MSE B 362 -26.23 17.31 -22.31
N HIS B 363 -23.97 19.88 -27.51
CA HIS B 363 -24.12 21.24 -28.05
C HIS B 363 -24.97 21.31 -29.33
N GLY B 364 -24.81 20.32 -30.21
CA GLY B 364 -25.52 20.30 -31.49
C GLY B 364 -26.76 19.42 -31.51
N LEU B 365 -27.33 19.15 -30.32
CA LEU B 365 -28.51 18.31 -30.18
C LEU B 365 -29.67 19.15 -29.60
N PRO B 366 -30.60 19.58 -30.48
CA PRO B 366 -31.82 20.25 -30.06
C PRO B 366 -32.61 19.47 -28.99
N ASP B 367 -32.71 18.15 -29.17
CA ASP B 367 -33.41 17.25 -28.26
C ASP B 367 -32.43 16.34 -27.50
N LYS B 368 -32.09 16.76 -26.28
CA LYS B 368 -31.10 16.09 -25.44
C LYS B 368 -31.69 15.00 -24.56
N SER B 369 -32.95 14.64 -24.80
CA SER B 369 -33.62 13.63 -23.97
C SER B 369 -33.05 12.21 -24.15
N SER B 370 -32.34 11.96 -25.25
CA SER B 370 -31.74 10.67 -25.45
C SER B 370 -30.42 10.52 -24.68
N VAL B 371 -29.85 11.64 -24.23
CA VAL B 371 -28.55 11.60 -23.54
C VAL B 371 -28.68 11.44 -22.02
N SER B 372 -28.05 10.39 -21.50
CA SER B 372 -27.99 10.16 -20.05
C SER B 372 -26.72 9.44 -19.68
N LEU B 373 -26.05 9.96 -18.65
CA LEU B 373 -24.83 9.33 -18.14
C LEU B 373 -25.11 7.92 -17.59
N THR B 374 -26.38 7.56 -17.42
CA THR B 374 -26.77 6.21 -17.01
C THR B 374 -27.67 5.47 -18.00
N ALA B 375 -27.60 5.80 -19.29
CA ALA B 375 -28.43 5.13 -20.33
C ALA B 375 -28.46 3.58 -20.30
N ASP B 376 -27.32 2.98 -19.93
CA ASP B 376 -27.12 1.52 -19.98
C ASP B 376 -27.29 0.80 -18.65
N ALA B 377 -27.64 1.56 -17.61
CA ALA B 377 -27.72 1.02 -16.26
C ALA B 377 -29.01 0.22 -16.05
N ASN B 378 -28.82 -0.97 -15.49
CA ASN B 378 -29.89 -1.89 -15.15
C ASN B 378 -29.93 -1.94 -13.60
N PRO B 379 -31.03 -1.47 -12.95
CA PRO B 379 -31.10 -1.56 -11.48
C PRO B 379 -30.70 -2.93 -10.92
N SER B 380 -31.13 -4.01 -11.57
CA SER B 380 -30.91 -5.38 -11.06
C SER B 380 -29.44 -5.79 -11.01
N SER B 381 -28.65 -5.35 -11.97
CA SER B 381 -27.32 -5.92 -12.16
C SER B 381 -26.18 -4.91 -12.15
N SER B 382 -26.51 -3.62 -12.24
CA SER B 382 -25.50 -2.57 -12.24
C SER B 382 -25.06 -2.13 -10.87
N ILE B 383 -24.05 -1.28 -10.85
CA ILE B 383 -23.74 -0.39 -9.74
C ILE B 383 -23.58 1.01 -10.33
N MSE B 384 -24.20 2.00 -9.69
CA MSE B 384 -23.94 3.39 -10.04
C MSE B 384 -23.36 4.09 -8.82
O MSE B 384 -24.07 4.29 -7.83
CB MSE B 384 -25.22 4.06 -10.50
CG MSE B 384 -25.84 3.40 -11.72
SE MSE B 384 -27.61 4.05 -11.98
CE MSE B 384 -28.45 2.80 -10.75
N LEU B 385 -22.07 4.39 -8.85
CA LEU B 385 -21.39 4.90 -7.68
C LEU B 385 -20.89 6.32 -7.88
N SER B 386 -21.12 7.17 -6.88
CA SER B 386 -20.51 8.49 -6.82
C SER B 386 -19.67 8.64 -5.54
N SER B 387 -18.37 8.81 -5.72
CA SER B 387 -17.49 8.94 -4.58
C SER B 387 -17.40 10.42 -4.23
N TRP B 388 -17.86 10.75 -3.03
CA TRP B 388 -17.67 12.11 -2.52
C TRP B 388 -16.49 12.17 -1.57
N ALA B 389 -15.62 11.17 -1.53
CA ALA B 389 -14.56 11.12 -0.52
C ALA B 389 -13.64 12.36 -0.49
N LYS B 390 -13.46 13.01 -1.64
CA LYS B 390 -12.51 14.15 -1.72
C LYS B 390 -13.13 15.46 -1.27
N VAL B 391 -14.45 15.53 -1.20
CA VAL B 391 -15.23 16.71 -0.76
C VAL B 391 -14.73 17.25 0.60
N GLY B 392 -14.65 18.59 0.74
CA GLY B 392 -13.91 19.21 1.85
C GLY B 392 -14.73 19.58 3.08
N CYS B 393 -15.96 19.08 3.16
CA CYS B 393 -16.99 19.48 4.15
C CYS B 393 -16.62 19.26 5.63
N TRP B 394 -15.74 18.30 5.91
CA TRP B 394 -15.32 18.03 7.28
C TRP B 394 -14.46 19.16 7.90
N GLU B 395 -14.09 20.13 7.08
CA GLU B 395 -13.24 21.26 7.49
C GLU B 395 -13.98 22.58 7.70
N TYR B 396 -15.29 22.62 7.40
CA TYR B 396 -16.00 23.90 7.50
C TYR B 396 -16.65 24.11 8.87
N ASP B 397 -16.40 25.27 9.46
CA ASP B 397 -16.95 25.67 10.76
C ASP B 397 -17.97 26.85 10.68
N PHE B 398 -17.96 27.55 9.55
CA PHE B 398 -18.86 28.68 9.27
C PHE B 398 -18.84 29.84 10.26
N GLY B 399 -17.79 29.91 11.07
CA GLY B 399 -17.73 30.91 12.14
C GLY B 399 -18.78 30.67 13.20
N PHE B 400 -19.31 29.46 13.28
CA PHE B 400 -20.33 29.15 14.31
C PHE B 400 -19.69 29.02 15.70
N GLY B 401 -18.38 28.76 15.77
CA GLY B 401 -17.71 28.54 17.07
C GLY B 401 -18.04 27.20 17.70
N LEU B 402 -18.47 26.26 16.87
CA LEU B 402 -18.91 24.93 17.30
C LEU B 402 -17.82 23.90 17.03
N GLY B 403 -16.80 24.33 16.29
CA GLY B 403 -15.75 23.45 15.77
C GLY B 403 -16.09 22.92 14.38
N LYS B 404 -15.41 21.85 14.01
CA LYS B 404 -15.60 21.20 12.73
C LYS B 404 -16.76 20.21 12.86
N PRO B 405 -17.36 19.78 11.70
CA PRO B 405 -18.44 18.82 11.81
C PRO B 405 -18.03 17.53 12.49
N GLU B 406 -18.95 16.97 13.25
CA GLU B 406 -18.74 15.71 13.93
C GLU B 406 -19.19 14.57 13.00
N SER B 407 -20.08 14.89 12.06
CA SER B 407 -20.50 13.95 11.00
C SER B 407 -20.91 14.69 9.75
N VAL B 408 -20.64 14.07 8.60
CA VAL B 408 -21.08 14.60 7.32
C VAL B 408 -21.78 13.48 6.56
N ARG B 409 -23.09 13.63 6.42
CA ARG B 409 -23.94 12.58 5.86
C ARG B 409 -24.79 13.08 4.73
N ARG B 410 -25.10 12.18 3.79
CA ARG B 410 -26.07 12.47 2.74
C ARG B 410 -27.45 12.00 3.22
N PRO B 411 -28.46 12.89 3.22
CA PRO B 411 -29.82 12.46 3.62
C PRO B 411 -30.37 11.26 2.85
N ARG B 412 -31.22 10.50 3.53
CA ARG B 412 -31.93 9.38 2.93
C ARG B 412 -33.07 9.89 2.08
N PHE B 413 -33.18 9.39 0.85
CA PHE B 413 -34.36 9.61 0.02
C PHE B 413 -34.96 8.25 -0.38
N GLU B 414 -35.84 8.23 -1.38
CA GLU B 414 -36.45 6.96 -1.80
C GLU B 414 -35.39 5.96 -2.23
N PRO B 415 -35.59 4.67 -1.89
CA PRO B 415 -34.65 3.65 -2.33
C PRO B 415 -34.49 3.67 -3.87
N PHE B 416 -33.30 3.33 -4.33
CA PHE B 416 -32.96 3.43 -5.74
C PHE B 416 -31.94 2.32 -5.95
N GLU B 417 -32.43 1.13 -6.31
CA GLU B 417 -31.59 -0.07 -6.39
C GLU B 417 -30.29 0.17 -7.17
N SER B 418 -29.17 -0.19 -6.55
CA SER B 418 -27.81 -0.14 -7.14
C SER B 418 -27.15 1.25 -7.14
N LEU B 419 -27.88 2.28 -6.71
CA LEU B 419 -27.28 3.61 -6.49
C LEU B 419 -26.47 3.64 -5.17
N MSE B 420 -25.24 4.17 -5.21
CA MSE B 420 -24.36 4.15 -4.04
C MSE B 420 -23.51 5.42 -4.01
O MSE B 420 -23.24 5.99 -5.04
CB MSE B 420 -23.42 2.95 -4.04
CG MSE B 420 -24.10 1.61 -4.32
SE MSE B 420 -22.82 0.19 -4.22
CE MSE B 420 -24.05 -1.27 -4.76
N TYR B 421 -23.11 5.84 -2.81
CA TYR B 421 -22.21 6.99 -2.60
C TYR B 421 -21.12 6.63 -1.60
N PHE B 422 -19.97 7.26 -1.73
CA PHE B 422 -18.99 7.31 -0.63
C PHE B 422 -19.15 8.71 -0.02
N MSE B 423 -19.12 8.78 1.29
CA MSE B 423 -19.25 10.03 2.03
C MSE B 423 -17.90 10.76 1.94
O MSE B 423 -16.88 10.13 1.61
CB MSE B 423 -19.60 9.70 3.48
CG MSE B 423 -21.05 9.22 3.68
SE MSE B 423 -22.25 10.47 2.87
CE MSE B 423 -23.00 9.36 1.38
N PRO B 424 -17.88 12.07 2.22
CA PRO B 424 -16.57 12.73 2.35
C PRO B 424 -15.75 11.97 3.39
N LYS B 425 -14.49 11.68 3.07
CA LYS B 425 -13.68 10.85 3.93
C LYS B 425 -13.51 11.51 5.28
N LYS B 426 -13.75 10.76 6.36
CA LYS B 426 -13.55 11.28 7.71
C LYS B 426 -12.07 11.63 7.88
N PRO B 427 -11.74 12.73 8.59
CA PRO B 427 -10.32 13.10 8.82
C PRO B 427 -9.41 11.97 9.34
N ASP B 428 -9.96 11.01 10.10
CA ASP B 428 -9.18 9.83 10.51
C ASP B 428 -8.93 8.76 9.42
N GLY B 429 -9.48 9.00 8.21
CA GLY B 429 -9.31 8.10 7.08
C GLY B 429 -10.46 7.11 6.84
N GLU B 430 -11.45 7.14 7.73
CA GLU B 430 -12.57 6.21 7.63
C GLU B 430 -13.44 6.54 6.41
N PHE B 431 -13.85 5.51 5.67
CA PHE B 431 -14.87 5.63 4.59
C PHE B 431 -16.25 5.19 5.06
N THR B 432 -17.26 5.93 4.62
CA THR B 432 -18.64 5.44 4.70
C THR B 432 -19.21 5.30 3.31
N ALA B 433 -19.79 4.13 3.05
CA ALA B 433 -20.57 3.90 1.83
C ALA B 433 -22.07 3.94 2.14
N SER B 434 -22.80 4.75 1.37
CA SER B 434 -24.25 4.75 1.37
C SER B 434 -24.70 3.87 0.20
N ILE B 435 -25.41 2.79 0.49
CA ILE B 435 -25.68 1.76 -0.50
C ILE B 435 -27.18 1.48 -0.54
N SER B 436 -27.74 1.45 -1.75
CA SER B 436 -29.11 1.01 -1.94
C SER B 436 -29.13 -0.28 -2.74
N LEU B 437 -29.78 -1.31 -2.19
CA LEU B 437 -29.88 -2.64 -2.80
C LEU B 437 -31.27 -3.19 -2.50
N ARG B 438 -31.77 -4.05 -3.40
CA ARG B 438 -33.03 -4.72 -3.15
C ARG B 438 -32.91 -5.54 -1.87
N ASP B 439 -34.04 -5.81 -1.22
CA ASP B 439 -34.06 -6.44 0.11
C ASP B 439 -33.28 -7.73 0.20
N GLU B 440 -33.42 -8.61 -0.77
CA GLU B 440 -32.71 -9.88 -0.69
C GLU B 440 -31.19 -9.73 -0.80
N ASP B 441 -30.74 -8.76 -1.60
CA ASP B 441 -29.28 -8.51 -1.78
C ASP B 441 -28.74 -7.88 -0.50
N MSE B 442 -29.46 -6.87 0.00
CA MSE B 442 -29.06 -6.20 1.25
C MSE B 442 -28.86 -7.20 2.39
O MSE B 442 -27.83 -7.18 3.05
CB MSE B 442 -30.05 -5.11 1.67
CG MSE B 442 -29.53 -4.32 2.89
SE MSE B 442 -28.07 -3.04 2.43
CE MSE B 442 -29.25 -1.62 1.83
N GLU B 443 -29.84 -8.10 2.59
CA GLU B 443 -29.79 -9.02 3.71
C GLU B 443 -28.73 -10.11 3.55
N ARG B 444 -28.48 -10.54 2.32
CA ARG B 444 -27.36 -11.43 2.04
C ARG B 444 -26.01 -10.74 2.22
N LEU B 445 -25.91 -9.49 1.75
CA LEU B 445 -24.69 -8.73 1.95
C LEU B 445 -24.33 -8.62 3.44
N LYS B 446 -25.29 -8.12 4.24
CA LYS B 446 -25.09 -7.95 5.69
C LYS B 446 -24.65 -9.26 6.39
N ALA B 447 -25.09 -10.39 5.84
CA ALA B 447 -24.79 -11.71 6.39
C ALA B 447 -23.52 -12.34 5.82
N ASP B 448 -22.96 -11.73 4.76
CA ASP B 448 -21.82 -12.28 4.05
C ASP B 448 -20.53 -12.10 4.84
N GLU B 449 -19.89 -13.22 5.17
CA GLU B 449 -18.70 -13.23 6.01
C GLU B 449 -17.54 -12.40 5.45
N GLU B 450 -17.29 -12.50 4.15
CA GLU B 450 -16.19 -11.76 3.51
C GLU B 450 -16.43 -10.24 3.56
N TRP B 451 -17.67 -9.86 3.27
CA TRP B 451 -18.10 -8.47 3.36
C TRP B 451 -17.87 -7.89 4.76
N THR B 452 -18.35 -8.60 5.79
CA THR B 452 -18.30 -8.12 7.17
C THR B 452 -16.86 -8.09 7.74
N LYS B 453 -15.93 -8.79 7.10
CA LYS B 453 -14.52 -8.65 7.44
C LYS B 453 -14.04 -7.20 7.30
N TYR B 454 -14.62 -6.47 6.36
CA TYR B 454 -14.18 -5.10 6.07
C TYR B 454 -15.24 -4.03 6.31
N ALA B 455 -16.50 -4.40 6.16
CA ALA B 455 -17.61 -3.46 6.25
C ALA B 455 -18.45 -3.67 7.48
N LYS B 456 -18.64 -2.59 8.24
CA LYS B 456 -19.58 -2.61 9.37
C LYS B 456 -20.90 -1.96 8.98
N TYR B 457 -21.98 -2.69 9.19
CA TYR B 457 -23.32 -2.18 8.95
C TYR B 457 -23.71 -1.15 9.99
N ILE B 458 -24.08 0.04 9.55
CA ILE B 458 -24.48 1.14 10.42
C ILE B 458 -26.00 1.31 10.27
N GLY B 459 -26.51 1.25 9.04
CA GLY B 459 -27.93 1.54 8.80
C GLY B 459 -28.22 3.01 8.55
C GLN C 10 2.98 24.28 -48.39
N SER C 11 2.57 24.69 -47.20
CA SER C 11 1.50 25.65 -47.01
C SER C 11 0.93 25.54 -45.59
N PHE C 12 1.66 26.13 -44.66
CA PHE C 12 1.22 26.30 -43.29
C PHE C 12 2.07 27.41 -42.69
N ASP C 13 1.59 27.94 -41.57
CA ASP C 13 2.18 29.11 -40.93
C ASP C 13 1.65 29.10 -39.48
N ILE C 14 2.31 28.29 -38.64
CA ILE C 14 1.88 28.04 -37.28
C ILE C 14 2.69 28.89 -36.30
N GLU C 15 2.05 29.88 -35.69
CA GLU C 15 2.71 30.68 -34.67
C GLU C 15 3.09 29.77 -33.49
N LEU C 16 4.29 29.96 -32.94
CA LEU C 16 4.72 29.19 -31.77
C LEU C 16 3.84 29.50 -30.57
N ASP C 17 3.84 28.62 -29.58
CA ASP C 17 3.35 28.94 -28.23
C ASP C 17 3.89 30.30 -27.77
N ILE C 18 3.01 31.09 -27.15
CA ILE C 18 3.47 32.35 -26.55
C ILE C 18 4.72 32.11 -25.73
N ILE C 19 4.70 31.09 -24.87
CA ILE C 19 5.80 30.77 -23.97
C ILE C 19 7.05 30.36 -24.74
N GLY C 20 6.83 29.82 -25.95
CA GLY C 20 7.93 29.49 -26.85
C GLY C 20 8.58 30.65 -27.57
N GLN C 21 8.10 31.88 -27.35
CA GLN C 21 8.65 33.06 -28.02
C GLN C 21 9.81 33.72 -27.25
N GLN C 22 10.28 33.05 -26.19
CA GLN C 22 11.49 33.49 -25.48
C GLN C 22 12.71 33.36 -26.36
N PRO C 23 13.51 34.45 -26.43
CA PRO C 23 14.80 34.51 -27.12
C PRO C 23 15.75 33.34 -26.86
N PRO C 24 16.02 32.98 -25.57
CA PRO C 24 16.88 31.81 -25.35
C PRO C 24 16.47 30.54 -26.15
N LEU C 25 15.17 30.33 -26.35
CA LEU C 25 14.68 29.07 -26.89
C LEU C 25 15.00 28.79 -28.36
N LEU C 26 15.27 29.84 -29.13
CA LEU C 26 15.53 29.73 -30.58
C LEU C 26 16.96 29.32 -30.88
N SER C 27 17.82 29.40 -29.88
CA SER C 27 19.19 29.00 -30.06
C SER C 27 19.47 27.66 -29.36
N ILE C 28 18.41 26.95 -28.98
CA ILE C 28 18.54 25.64 -28.31
C ILE C 28 17.85 24.48 -29.06
N TYR C 29 18.56 23.36 -29.18
CA TYR C 29 17.99 22.09 -29.61
C TYR C 29 18.03 21.08 -28.48
N THR C 30 16.88 20.46 -28.23
CA THR C 30 16.80 19.34 -27.28
C THR C 30 17.09 18.03 -28.00
N GLN C 31 18.00 17.26 -27.41
CA GLN C 31 18.54 16.07 -28.02
C GLN C 31 18.24 14.88 -27.12
N ILE C 32 17.97 13.71 -27.72
CA ILE C 32 17.79 12.48 -26.95
CA ILE C 32 17.77 12.48 -26.95
C ILE C 32 18.22 11.32 -27.83
N SER C 33 18.89 10.34 -27.21
CA SER C 33 19.45 9.17 -27.91
C SER C 33 18.86 7.86 -27.42
N LEU C 34 18.48 7.00 -28.34
CA LEU C 34 17.93 5.68 -28.02
C LEU C 34 18.86 4.64 -28.63
N VAL C 35 19.27 3.67 -27.80
CA VAL C 35 20.29 2.71 -28.16
C VAL C 35 19.68 1.30 -28.26
N TYR C 36 20.00 0.60 -29.35
CA TYR C 36 19.52 -0.76 -29.63
C TYR C 36 20.68 -1.69 -30.05
N PRO C 37 20.64 -2.99 -29.71
CA PRO C 37 21.59 -3.91 -30.36
C PRO C 37 21.15 -4.27 -31.78
N VAL C 38 22.10 -4.57 -32.64
CA VAL C 38 21.85 -5.10 -34.00
C VAL C 38 22.80 -6.30 -34.17
N SER C 39 22.23 -7.50 -34.23
CA SER C 39 23.03 -8.73 -34.23
C SER C 39 23.50 -9.15 -35.62
N ASP C 40 22.82 -8.62 -36.64
CA ASP C 40 23.09 -8.98 -38.01
C ASP C 40 23.30 -7.71 -38.82
N PRO C 41 24.51 -7.50 -39.36
CA PRO C 41 24.81 -6.33 -40.21
C PRO C 41 23.95 -6.17 -41.49
N SER C 42 23.22 -7.21 -41.89
CA SER C 42 22.31 -7.11 -43.04
C SER C 42 21.01 -6.34 -42.68
N GLN C 43 20.80 -6.13 -41.38
CA GLN C 43 19.61 -5.44 -40.89
C GLN C 43 19.62 -3.93 -41.13
N TYR C 44 20.81 -3.34 -41.23
CA TYR C 44 20.92 -1.88 -41.31
C TYR C 44 20.12 -1.18 -42.42
N PRO C 45 20.19 -1.66 -43.69
CA PRO C 45 19.40 -0.97 -44.72
C PRO C 45 17.90 -1.03 -44.45
N THR C 46 17.43 -2.11 -43.84
CA THR C 46 16.01 -2.26 -43.47
C THR C 46 15.60 -1.26 -42.39
N ILE C 47 16.41 -1.16 -41.33
CA ILE C 47 16.25 -0.10 -40.33
C ILE C 47 16.10 1.25 -41.00
N VAL C 48 16.98 1.55 -41.96
CA VAL C 48 16.99 2.86 -42.64
C VAL C 48 15.68 3.08 -43.43
N SER C 49 15.29 2.11 -44.25
CA SER C 49 14.05 2.27 -45.02
C SER C 49 12.82 2.35 -44.12
N THR C 50 12.82 1.59 -43.02
CA THR C 50 11.70 1.63 -42.08
C THR C 50 11.52 3.03 -41.50
N LEU C 51 12.62 3.66 -41.07
CA LEU C 51 12.59 5.03 -40.53
C LEU C 51 12.15 6.04 -41.60
N GLU C 52 12.68 5.87 -42.80
CA GLU C 52 12.38 6.80 -43.90
C GLU C 52 10.91 6.72 -44.26
N GLU C 53 10.34 5.53 -44.26
CA GLU C 53 8.92 5.37 -44.54
C GLU C 53 8.05 5.91 -43.39
N GLY C 54 8.49 5.73 -42.15
CA GLY C 54 7.79 6.33 -41.02
C GLY C 54 7.81 7.84 -41.07
N LEU C 55 8.98 8.43 -41.36
CA LEU C 55 9.07 9.87 -41.54
C LEU C 55 8.13 10.43 -42.64
N LYS C 56 8.06 9.70 -43.75
CA LYS C 56 7.11 10.03 -44.84
C LYS C 56 5.66 10.03 -44.37
N ARG C 57 5.24 8.92 -43.76
CA ARG C 57 3.90 8.73 -43.18
C ARG C 57 3.58 9.83 -42.15
N LEU C 58 4.54 10.13 -41.28
CA LEU C 58 4.35 11.19 -40.27
C LEU C 58 4.13 12.56 -40.93
N SER C 59 4.99 12.89 -41.90
CA SER C 59 4.96 14.17 -42.62
C SER C 59 3.72 14.31 -43.50
N GLN C 60 3.23 13.18 -44.01
CA GLN C 60 1.96 13.12 -44.78
C GLN C 60 0.80 13.55 -43.91
N THR C 61 0.73 12.96 -42.71
CA THR C 61 -0.30 13.25 -41.72
C THR C 61 -0.12 14.62 -41.06
N PHE C 62 1.11 14.96 -40.70
CA PHE C 62 1.39 16.25 -40.05
C PHE C 62 2.49 17.01 -40.80
N PRO C 63 2.13 17.69 -41.94
CA PRO C 63 3.16 18.40 -42.73
C PRO C 63 4.10 19.34 -41.92
N TRP C 64 3.57 20.02 -40.90
CA TRP C 64 4.37 20.92 -40.07
C TRP C 64 5.65 20.32 -39.42
N VAL C 65 5.64 19.01 -39.13
CA VAL C 65 6.82 18.35 -38.52
C VAL C 65 8.08 18.43 -39.38
N ALA C 66 7.89 18.56 -40.69
CA ALA C 66 9.00 18.70 -41.63
C ALA C 66 9.37 20.16 -41.87
N GLY C 67 8.81 21.05 -41.06
CA GLY C 67 8.99 22.49 -41.23
C GLY C 67 10.19 23.06 -40.51
N GLN C 68 10.26 24.39 -40.54
CA GLN C 68 11.31 25.15 -39.89
C GLN C 68 10.72 26.32 -39.12
N VAL C 69 11.50 26.78 -38.15
CA VAL C 69 11.11 27.89 -37.34
C VAL C 69 11.73 29.17 -37.93
N LYS C 70 10.88 30.14 -38.20
CA LYS C 70 11.28 31.45 -38.71
C LYS C 70 10.72 32.56 -37.82
N THR C 71 11.54 33.56 -37.55
CA THR C 71 11.13 34.76 -36.83
C THR C 71 10.97 35.94 -37.81
N GLU C 72 9.82 36.60 -37.74
CA GLU C 72 9.53 37.80 -38.52
C GLU C 72 9.12 38.97 -37.63
N GLY C 73 8.99 40.14 -38.23
CA GLY C 73 8.51 41.34 -37.54
C GLY C 73 9.49 41.87 -36.53
N ILE C 74 10.78 41.68 -36.80
CA ILE C 74 11.85 42.12 -35.92
C ILE C 74 12.18 43.58 -36.24
N SER C 75 12.33 44.40 -35.20
CA SER C 75 12.66 45.81 -35.37
C SER C 75 13.76 46.26 -34.42
N GLU C 76 13.31 46.73 -33.25
CA GLU C 76 14.08 47.51 -32.28
C GLU C 76 12.98 47.78 -31.27
N GLY C 77 13.16 47.26 -30.06
CA GLY C 77 12.04 47.16 -29.12
C GLY C 77 10.92 46.23 -29.62
N ASN C 78 11.26 45.36 -30.59
CA ASN C 78 10.41 44.22 -30.99
C ASN C 78 11.27 43.03 -31.40
N THR C 79 11.31 42.03 -30.53
CA THR C 79 12.10 40.80 -30.77
C THR C 79 11.47 39.86 -31.82
N GLY C 80 10.26 40.19 -32.27
CA GLY C 80 9.62 39.49 -33.36
C GLY C 80 8.64 38.41 -32.93
N THR C 81 8.03 37.77 -33.91
CA THR C 81 7.11 36.67 -33.66
C THR C 81 7.58 35.48 -34.49
N SER C 82 7.80 34.37 -33.81
CA SER C 82 8.24 33.14 -34.49
C SER C 82 7.08 32.25 -34.85
N LYS C 83 7.28 31.49 -35.92
CA LYS C 83 6.29 30.57 -36.44
C LYS C 83 6.96 29.39 -37.15
N ILE C 84 6.20 28.32 -37.34
CA ILE C 84 6.65 27.15 -38.14
C ILE C 84 6.13 27.24 -39.57
N ILE C 85 7.05 27.15 -40.53
CA ILE C 85 6.76 27.27 -41.95
C ILE C 85 7.42 26.12 -42.73
N PRO C 86 6.96 25.86 -43.97
CA PRO C 86 7.53 24.78 -44.79
C PRO C 86 9.04 24.81 -44.91
N TYR C 87 9.61 23.63 -45.06
CA TYR C 87 11.05 23.45 -45.21
C TYR C 87 11.30 22.36 -46.26
N GLU C 88 11.63 21.16 -45.85
CA GLU C 88 11.80 20.03 -46.76
C GLU C 88 10.61 19.10 -46.61
N GLU C 89 10.51 18.10 -47.47
CA GLU C 89 9.34 17.23 -47.49
C GLU C 89 9.24 16.35 -46.24
N THR C 90 10.39 16.00 -45.64
CA THR C 90 10.40 15.22 -44.41
C THR C 90 11.38 15.82 -43.40
N PRO C 91 11.23 15.49 -42.09
CA PRO C 91 12.33 15.86 -41.19
C PRO C 91 13.66 15.28 -41.68
N ARG C 92 14.71 16.10 -41.68
CA ARG C 92 16.05 15.66 -42.13
C ARG C 92 16.56 14.49 -41.34
N LEU C 93 16.97 13.44 -42.05
CA LEU C 93 17.63 12.26 -41.47
C LEU C 93 19.06 12.19 -41.96
N VAL C 94 19.99 12.10 -41.02
CA VAL C 94 21.41 11.84 -41.29
C VAL C 94 21.63 10.38 -40.96
N VAL C 95 22.23 9.62 -41.88
CA VAL C 95 22.71 8.27 -41.56
C VAL C 95 24.25 8.36 -41.41
N LYS C 96 24.74 7.95 -40.25
CA LYS C 96 26.16 8.06 -39.96
C LYS C 96 26.67 6.69 -39.48
N ASP C 97 27.60 6.13 -40.25
CA ASP C 97 28.27 4.91 -39.87
C ASP C 97 29.47 5.23 -38.98
N LEU C 98 29.37 4.83 -37.71
CA LEU C 98 30.43 5.07 -36.74
C LEU C 98 31.36 3.85 -36.60
N ARG C 99 31.08 2.78 -37.34
CA ARG C 99 31.77 1.51 -37.13
C ARG C 99 33.25 1.55 -37.49
N ASP C 100 33.65 2.53 -38.31
CA ASP C 100 35.09 2.68 -38.61
C ASP C 100 35.71 3.91 -37.94
N ASP C 101 35.03 4.46 -36.94
CA ASP C 101 35.55 5.54 -36.12
C ASP C 101 36.03 4.87 -34.83
N SER C 102 37.35 4.85 -34.65
CA SER C 102 37.98 4.07 -33.58
C SER C 102 37.60 4.50 -32.14
N SER C 103 37.31 5.78 -31.90
CA SER C 103 36.90 6.16 -30.53
C SER C 103 35.39 6.17 -30.33
N ALA C 104 34.63 5.81 -31.36
CA ALA C 104 33.16 5.83 -31.28
C ALA C 104 32.67 4.78 -30.30
N PRO C 105 31.49 5.00 -29.65
CA PRO C 105 30.97 3.96 -28.77
C PRO C 105 30.59 2.71 -29.53
N THR C 106 30.75 1.57 -28.89
CA THR C 106 30.27 0.31 -29.42
C THR C 106 29.27 -0.23 -28.40
N ILE C 107 28.47 -1.20 -28.82
CA ILE C 107 27.46 -1.78 -27.91
C ILE C 107 28.12 -2.46 -26.69
N GLU C 108 29.21 -3.20 -26.92
CA GLU C 108 29.94 -3.85 -25.82
C GLU C 108 30.65 -2.88 -24.89
N GLY C 109 31.22 -1.80 -25.43
CA GLY C 109 31.91 -0.83 -24.62
C GLY C 109 30.91 0.04 -23.83
N LEU C 110 29.74 0.25 -24.42
CA LEU C 110 28.64 0.96 -23.74
C LEU C 110 28.07 0.12 -22.59
N ARG C 111 27.81 -1.15 -22.88
CA ARG C 111 27.39 -2.14 -21.87
C ARG C 111 28.38 -2.25 -20.72
N LYS C 112 29.66 -2.45 -21.04
CA LYS C 112 30.71 -2.53 -20.03
C LYS C 112 30.81 -1.32 -19.10
N ALA C 113 30.63 -0.13 -19.66
CA ALA C 113 30.83 1.10 -18.90
C ALA C 113 29.55 1.68 -18.27
N GLY C 114 28.39 1.10 -18.59
CA GLY C 114 27.14 1.54 -18.00
C GLY C 114 26.52 2.68 -18.78
N PHE C 115 26.76 2.69 -20.10
CA PHE C 115 26.29 3.77 -21.00
C PHE C 115 26.59 5.18 -20.45
N PRO C 116 27.90 5.52 -20.29
CA PRO C 116 28.31 6.79 -19.70
C PRO C 116 28.05 7.98 -20.64
N LEU C 117 27.89 9.17 -20.06
CA LEU C 117 27.66 10.37 -20.85
C LEU C 117 28.81 10.68 -21.79
N GLU C 118 30.04 10.36 -21.36
CA GLU C 118 31.25 10.58 -22.16
C GLU C 118 31.16 9.89 -23.51
N MSE C 119 30.37 8.83 -23.59
CA MSE C 119 30.19 8.04 -24.81
C MSE C 119 29.05 8.52 -25.71
O MSE C 119 28.76 7.90 -26.73
CB MSE C 119 30.06 6.56 -24.48
CG MSE C 119 31.40 5.96 -24.08
SE MSE C 119 31.29 4.12 -23.65
N PHE C 120 28.43 9.65 -25.35
CA PHE C 120 27.36 10.26 -26.15
C PHE C 120 27.70 11.69 -26.49
N ASP C 121 28.84 11.88 -27.15
CA ASP C 121 29.29 13.19 -27.54
C ASP C 121 28.31 13.69 -28.63
N GLU C 122 27.65 14.82 -28.36
CA GLU C 122 26.68 15.37 -29.33
C GLU C 122 27.31 15.58 -30.70
N ASN C 123 28.61 15.91 -30.73
CA ASN C 123 29.29 16.13 -32.03
C ASN C 123 29.41 14.85 -32.81
N VAL C 124 29.37 13.74 -32.09
CA VAL C 124 29.48 12.41 -32.69
C VAL C 124 28.11 11.77 -32.99
N VAL C 125 27.14 11.92 -32.08
CA VAL C 125 25.86 11.20 -32.24
C VAL C 125 24.63 12.03 -32.61
N ALA C 126 24.73 13.35 -32.58
CA ALA C 126 23.57 14.22 -32.81
C ALA C 126 23.68 14.99 -34.13
N PRO C 127 22.53 15.22 -34.82
CA PRO C 127 22.57 15.91 -36.11
C PRO C 127 22.90 17.41 -36.06
N ARG C 128 22.85 17.99 -34.86
CA ARG C 128 23.11 19.40 -34.67
C ARG C 128 23.32 19.62 -33.19
N LYS C 129 24.02 20.70 -32.83
CA LYS C 129 24.40 20.97 -31.44
C LYS C 129 23.22 21.48 -30.63
N THR C 130 23.27 21.27 -29.32
CA THR C 130 22.27 21.81 -28.40
C THR C 130 22.25 23.33 -28.44
N LEU C 131 23.43 23.94 -28.40
CA LEU C 131 23.55 25.38 -28.26
C LEU C 131 24.06 25.96 -29.55
N ALA C 132 23.62 27.18 -29.86
CA ALA C 132 24.04 27.87 -31.09
C ALA C 132 25.45 28.44 -30.90
N ILE C 133 26.44 27.63 -31.25
CA ILE C 133 27.84 27.95 -30.97
C ILE C 133 28.68 26.79 -31.45
N ASP C 141 21.91 28.91 -39.32
CA ASP C 141 20.82 29.86 -39.53
C ASP C 141 19.43 29.26 -39.85
N PRO C 142 19.33 28.24 -40.73
CA PRO C 142 17.99 27.63 -40.75
C PRO C 142 17.76 26.84 -39.44
N LYS C 143 16.51 26.79 -39.00
CA LYS C 143 16.15 26.11 -37.75
C LYS C 143 15.04 25.07 -37.97
N PRO C 144 15.38 23.89 -38.50
CA PRO C 144 14.34 22.88 -38.74
C PRO C 144 13.65 22.51 -37.41
N VAL C 145 12.38 22.14 -37.48
CA VAL C 145 11.62 21.77 -36.29
C VAL C 145 12.18 20.49 -35.67
N LEU C 146 12.47 19.51 -36.51
CA LEU C 146 12.88 18.20 -36.06
C LEU C 146 13.98 17.64 -36.96
N LEU C 147 15.03 17.09 -36.35
CA LEU C 147 16.16 16.46 -37.04
C LEU C 147 16.49 15.10 -36.41
N LEU C 148 16.89 14.14 -37.24
CA LEU C 148 17.23 12.81 -36.77
C LEU C 148 18.57 12.36 -37.29
N GLN C 149 19.22 11.52 -36.51
CA GLN C 149 20.47 10.88 -36.90
C GLN C 149 20.49 9.43 -36.47
N LEU C 150 20.63 8.53 -37.45
CA LEU C 150 20.77 7.12 -37.21
C LEU C 150 22.26 6.82 -37.24
N ASN C 151 22.79 6.32 -36.11
CA ASN C 151 24.23 6.04 -35.96
C ASN C 151 24.46 4.54 -35.87
N PHE C 152 25.11 3.99 -36.87
CA PHE C 152 25.52 2.59 -36.84
C PHE C 152 26.76 2.50 -35.98
N ILE C 153 26.70 1.67 -34.95
CA ILE C 153 27.82 1.43 -34.04
C ILE C 153 28.10 -0.07 -34.08
N LYS C 154 29.28 -0.48 -33.59
CA LYS C 154 29.64 -1.90 -33.65
C LYS C 154 28.66 -2.68 -32.76
N GLY C 155 27.96 -3.62 -33.37
CA GLY C 155 26.94 -4.44 -32.71
C GLY C 155 25.64 -3.71 -32.37
N GLY C 156 25.39 -2.55 -32.98
CA GLY C 156 24.21 -1.76 -32.60
C GLY C 156 23.89 -0.46 -33.33
N LEU C 157 23.03 0.34 -32.70
CA LEU C 157 22.42 1.49 -33.31
C LEU C 157 22.16 2.55 -32.24
N ILE C 158 22.39 3.81 -32.56
CA ILE C 158 21.97 4.90 -31.70
C ILE C 158 21.12 5.85 -32.54
N LEU C 159 19.82 5.91 -32.24
CA LEU C 159 18.93 6.87 -32.88
C LEU C 159 18.88 8.15 -32.06
N THR C 160 19.34 9.27 -32.64
CA THR C 160 19.27 10.56 -31.96
C THR C 160 18.22 11.46 -32.56
N VAL C 161 17.39 12.07 -31.70
CA VAL C 161 16.39 13.00 -32.15
C VAL C 161 16.60 14.40 -31.54
N ASN C 162 16.70 15.39 -32.42
CA ASN C 162 16.75 16.80 -32.09
C ASN C 162 15.43 17.50 -32.33
N GLY C 163 15.06 18.38 -31.42
CA GLY C 163 13.89 19.23 -31.62
C GLY C 163 14.20 20.66 -31.22
N GLN C 164 13.78 21.59 -32.07
CA GLN C 164 13.92 23.02 -31.83
C GLN C 164 13.12 23.44 -30.58
N HIS C 165 13.80 24.01 -29.59
CA HIS C 165 13.15 24.25 -28.28
C HIS C 165 12.04 25.31 -28.26
N GLY C 166 12.00 26.24 -29.21
CA GLY C 166 10.84 27.16 -29.26
C GLY C 166 9.59 26.39 -29.74
N ALA C 167 9.84 25.36 -30.55
CA ALA C 167 8.79 24.54 -31.16
C ALA C 167 8.28 23.40 -30.28
N MSE C 168 9.09 22.93 -29.34
CA MSE C 168 8.72 21.82 -28.45
C MSE C 168 9.57 21.81 -27.19
O MSE C 168 10.79 22.05 -27.24
CB MSE C 168 8.86 20.49 -29.17
CG MSE C 168 10.31 20.12 -29.58
SE MSE C 168 10.42 18.65 -30.83
CE MSE C 168 9.95 19.61 -32.50
N ASP C 169 8.95 21.48 -26.06
CA ASP C 169 9.69 21.02 -24.89
C ASP C 169 9.96 19.51 -25.07
N MSE C 170 10.62 18.87 -24.11
CA MSE C 170 10.93 17.43 -24.27
C MSE C 170 9.66 16.54 -24.19
O MSE C 170 9.60 15.47 -24.81
CB MSE C 170 12.00 16.95 -23.24
CG MSE C 170 12.46 15.51 -23.44
SE MSE C 170 13.42 15.21 -25.10
CE MSE C 170 12.34 13.57 -25.69
N THR C 171 8.66 16.97 -23.42
CA THR C 171 7.34 16.30 -23.44
C THR C 171 6.71 16.30 -24.83
N GLY C 172 6.70 17.46 -25.47
CA GLY C 172 6.21 17.56 -26.85
C GLY C 172 7.02 16.74 -27.82
N GLN C 173 8.34 16.71 -27.60
CA GLN C 173 9.25 15.97 -28.47
C GLN C 173 8.98 14.47 -28.34
N ASP C 174 8.80 14.00 -27.11
CA ASP C 174 8.46 12.60 -26.83
C ASP C 174 7.13 12.20 -27.52
N ALA C 175 6.17 13.11 -27.54
CA ALA C 175 4.89 12.93 -28.26
C ALA C 175 5.10 12.68 -29.75
N ILE C 176 5.96 13.51 -30.35
CA ILE C 176 6.27 13.42 -31.78
C ILE C 176 7.02 12.11 -32.04
N ILE C 177 7.96 11.79 -31.17
CA ILE C 177 8.72 10.54 -31.31
C ILE C 177 7.82 9.30 -31.17
N ARG C 178 6.93 9.33 -30.18
CA ARG C 178 5.92 8.28 -29.99
C ARG C 178 5.12 8.02 -31.26
N LEU C 179 4.65 9.10 -31.87
CA LEU C 179 3.83 8.99 -33.06
C LEU C 179 4.62 8.53 -34.28
N LEU C 180 5.88 8.95 -34.34
CA LEU C 180 6.83 8.47 -35.37
C LEU C 180 7.01 6.96 -35.25
N SER C 181 7.09 6.46 -34.02
CA SER C 181 7.27 5.04 -33.84
C SER C 181 6.04 4.32 -34.37
N LYS C 182 4.84 4.86 -34.09
CA LYS C 182 3.59 4.33 -34.65
C LYS C 182 3.61 4.38 -36.19
N ALA C 183 3.98 5.55 -36.72
CA ALA C 183 4.11 5.74 -38.17
C ALA C 183 5.04 4.70 -38.83
N CYS C 184 6.18 4.41 -38.19
CA CYS C 184 7.16 3.42 -38.70
C CYS C 184 6.60 2.02 -38.68
N ARG C 185 5.72 1.77 -37.72
CA ARG C 185 5.06 0.49 -37.60
C ARG C 185 3.79 0.41 -38.45
N ASN C 186 3.51 1.46 -39.21
CA ASN C 186 2.29 1.57 -40.02
C ASN C 186 1.02 1.36 -39.16
N GLU C 187 1.06 1.88 -37.94
CA GLU C 187 -0.10 1.89 -37.07
C GLU C 187 -0.84 3.21 -37.16
N SER C 188 -2.18 3.15 -37.11
CA SER C 188 -3.03 4.32 -37.25
CA SER C 188 -3.02 4.33 -37.25
C SER C 188 -2.99 5.25 -36.02
N PHE C 189 -3.18 6.55 -36.25
CA PHE C 189 -3.27 7.52 -35.16
C PHE C 189 -4.73 7.52 -34.72
N THR C 190 -4.93 7.78 -33.44
CA THR C 190 -6.27 7.99 -32.92
C THR C 190 -6.72 9.41 -33.29
N GLU C 191 -8.02 9.63 -33.29
CA GLU C 191 -8.55 10.98 -33.47
C GLU C 191 -8.08 11.93 -32.36
N GLU C 192 -7.97 11.44 -31.14
CA GLU C 192 -7.40 12.24 -30.04
C GLU C 192 -5.96 12.68 -30.39
N GLU C 193 -5.16 11.77 -30.93
CA GLU C 193 -3.80 12.11 -31.35
C GLU C 193 -3.76 13.18 -32.45
N ILE C 194 -4.63 13.04 -33.46
CA ILE C 194 -4.72 14.01 -34.55
C ILE C 194 -5.09 15.36 -33.97
N SER C 195 -6.03 15.37 -33.01
CA SER C 195 -6.48 16.61 -32.42
C SER C 195 -5.37 17.33 -31.66
N ALA C 196 -4.60 16.57 -30.88
CA ALA C 196 -3.48 17.11 -30.14
C ALA C 196 -2.41 17.67 -31.08
N MSE C 197 -2.11 16.93 -32.15
CA MSE C 197 -1.10 17.38 -33.11
C MSE C 197 -1.50 18.62 -33.91
O MSE C 197 -0.64 19.35 -34.39
CB MSE C 197 -0.70 16.24 -34.03
CG MSE C 197 0.14 15.19 -33.33
SE MSE C 197 2.05 15.72 -32.89
CE MSE C 197 2.79 15.18 -34.60
N ASN C 198 -2.79 18.87 -34.03
CA ASN C 198 -3.28 20.03 -34.77
C ASN C 198 -3.89 21.12 -33.88
N LEU C 199 -3.75 20.98 -32.56
CA LEU C 199 -4.25 21.98 -31.61
C LEU C 199 -3.58 23.34 -31.85
N ASP C 200 -4.40 24.39 -31.88
CA ASP C 200 -3.90 25.75 -32.10
C ASP C 200 -3.02 26.16 -30.91
N ARG C 201 -1.79 26.60 -31.21
CA ARG C 201 -0.78 26.88 -30.16
C ARG C 201 -0.98 28.24 -29.48
N LYS C 202 -1.55 29.16 -30.24
CA LYS C 202 -1.80 30.56 -29.82
C LYS C 202 -2.68 30.67 -28.60
N THR C 203 -3.58 29.71 -28.45
CA THR C 203 -4.64 29.79 -27.44
C THR C 203 -4.65 28.57 -26.54
N VAL C 204 -3.57 27.79 -26.54
CA VAL C 204 -3.47 26.64 -25.62
C VAL C 204 -3.40 27.09 -24.14
N VAL C 205 -2.90 28.30 -23.92
CA VAL C 205 -2.93 28.92 -22.59
C VAL C 205 -3.88 30.13 -22.63
N PRO C 206 -5.07 29.99 -22.01
CA PRO C 206 -6.06 31.09 -21.94
C PRO C 206 -5.48 32.28 -21.20
N LEU C 207 -5.63 33.48 -21.77
CA LEU C 207 -5.06 34.67 -21.17
C LEU C 207 -5.84 35.14 -19.92
N LEU C 208 -5.18 35.87 -19.02
CA LEU C 208 -5.86 36.43 -17.85
C LEU C 208 -6.57 37.74 -18.24
N GLU C 209 -7.73 37.99 -17.63
CA GLU C 209 -8.70 39.00 -18.14
C GLU C 209 -8.26 40.47 -18.08
N ASN C 210 -7.87 40.92 -16.90
CA ASN C 210 -7.36 42.28 -16.68
C ASN C 210 -6.16 42.15 -15.77
N TYR C 211 -5.08 41.62 -16.33
CA TYR C 211 -3.91 41.29 -15.53
C TYR C 211 -2.85 42.38 -15.50
N LYS C 212 -2.46 42.77 -14.29
CA LYS C 212 -1.29 43.64 -14.10
C LYS C 212 -0.13 42.76 -13.65
N VAL C 213 1.01 42.88 -14.34
CA VAL C 213 2.18 42.04 -14.04
C VAL C 213 2.42 42.02 -12.53
N GLY C 214 2.27 40.82 -11.96
CA GLY C 214 2.43 40.60 -10.54
C GLY C 214 3.49 39.57 -10.22
N PRO C 215 3.26 38.78 -9.16
CA PRO C 215 4.19 37.82 -8.57
C PRO C 215 4.34 36.30 -8.89
N GLU C 216 3.45 35.53 -9.53
CA GLU C 216 3.38 35.23 -10.99
C GLU C 216 4.64 35.28 -11.85
N LEU C 217 5.23 36.46 -12.05
CA LEU C 217 6.38 36.59 -12.93
C LEU C 217 7.71 36.68 -12.18
N ASP C 218 7.69 36.42 -10.88
CA ASP C 218 8.91 36.36 -10.08
C ASP C 218 9.83 35.31 -10.70
N HIS C 219 11.13 35.65 -10.76
CA HIS C 219 12.20 34.76 -11.25
C HIS C 219 12.26 34.63 -12.77
N GLN C 220 11.39 35.37 -13.47
CA GLN C 220 11.20 35.19 -14.92
C GLN C 220 11.57 36.40 -15.78
N ILE C 221 11.92 37.52 -15.13
CA ILE C 221 12.31 38.72 -15.86
C ILE C 221 13.71 39.18 -15.49
N ALA C 222 14.58 39.27 -16.50
CA ALA C 222 15.95 39.73 -16.35
C ALA C 222 16.06 41.22 -16.68
C ALA C 233 32.71 33.14 -14.83
N PRO C 234 32.51 32.37 -15.93
CA PRO C 234 32.11 30.97 -15.81
C PRO C 234 33.29 30.09 -15.34
N ALA C 235 33.02 29.17 -14.42
CA ALA C 235 34.05 28.26 -13.94
C ALA C 235 34.26 27.04 -14.86
N LYS C 236 35.43 26.41 -14.77
CA LYS C 236 35.66 25.15 -15.45
C LYS C 236 34.76 24.05 -14.85
N ALA C 237 33.97 23.41 -15.71
CA ALA C 237 32.85 22.54 -15.29
C ALA C 237 32.82 21.28 -16.14
N THR C 238 32.10 20.25 -15.70
CA THR C 238 32.01 19.03 -16.49
C THR C 238 30.57 18.52 -16.45
N TRP C 239 30.32 17.44 -17.19
CA TRP C 239 29.04 16.74 -17.17
C TRP C 239 29.26 15.33 -16.64
N ALA C 240 28.32 14.78 -15.90
CA ALA C 240 28.41 13.37 -15.50
C ALA C 240 27.06 12.77 -15.22
N PHE C 241 26.91 11.48 -15.58
CA PHE C 241 25.77 10.68 -15.16
C PHE C 241 26.01 10.07 -13.78
N PHE C 242 24.93 10.05 -13.01
CA PHE C 242 24.90 9.31 -11.74
C PHE C 242 23.64 8.46 -11.74
N SER C 243 23.79 7.19 -11.38
CA SER C 243 22.62 6.33 -11.30
C SER C 243 22.14 6.06 -9.88
N PHE C 244 20.83 5.80 -9.74
CA PHE C 244 20.19 5.49 -8.46
C PHE C 244 19.31 4.24 -8.63
N THR C 245 19.64 3.17 -7.90
CA THR C 245 18.83 1.94 -7.94
C THR C 245 17.42 2.25 -7.42
N PRO C 246 16.40 1.47 -7.87
CA PRO C 246 15.07 1.59 -7.27
C PRO C 246 15.07 1.50 -5.73
N LYS C 247 15.93 0.64 -5.18
CA LYS C 247 16.13 0.46 -3.74
C LYS C 247 16.68 1.76 -3.09
N ALA C 248 17.74 2.34 -3.67
CA ALA C 248 18.23 3.64 -3.20
C ALA C 248 17.14 4.73 -3.23
N LEU C 249 16.40 4.80 -4.35
CA LEU C 249 15.31 5.78 -4.49
C LEU C 249 14.21 5.58 -3.42
N SER C 250 13.86 4.31 -3.18
CA SER C 250 12.85 3.93 -2.19
C SER C 250 13.28 4.33 -0.79
N GLU C 251 14.55 4.12 -0.51
CA GLU C 251 15.21 4.56 0.75
C GLU C 251 15.20 6.08 0.89
N LEU C 252 15.52 6.79 -0.20
CA LEU C 252 15.48 8.26 -0.18
C LEU C 252 14.08 8.82 -0.01
N LYS C 253 13.10 8.21 -0.67
CA LYS C 253 11.71 8.63 -0.57
C LYS C 253 11.17 8.36 0.85
N ASP C 254 11.54 7.22 1.44
CA ASP C 254 11.18 6.92 2.84
C ASP C 254 11.78 7.95 3.82
N ALA C 255 13.06 8.27 3.65
CA ALA C 255 13.73 9.32 4.45
C ALA C 255 12.98 10.64 4.45
N ALA C 256 12.62 11.11 3.26
CA ALA C 256 11.75 12.29 3.08
C ALA C 256 10.36 12.13 3.67
N THR C 257 9.70 10.99 3.43
CA THR C 257 8.38 10.76 3.99
C THR C 257 8.49 10.73 5.53
N LYS C 258 9.48 10.03 6.07
CA LYS C 258 9.62 9.95 7.55
C LYS C 258 9.89 11.30 8.23
N THR C 259 10.13 12.36 7.45
CA THR C 259 10.50 13.69 7.97
C THR C 259 9.73 14.86 7.34
N LEU C 260 8.51 14.61 6.91
CA LEU C 260 7.72 15.56 6.10
C LEU C 260 7.22 16.84 6.77
N ASP C 261 6.90 16.72 8.06
CA ASP C 261 5.99 17.59 8.83
C ASP C 261 4.57 16.97 8.80
N ALA C 262 3.84 17.06 9.92
CA ALA C 262 2.42 16.66 9.96
C ALA C 262 1.60 17.29 8.81
N SER C 263 1.88 18.56 8.50
CA SER C 263 1.08 19.39 7.58
C SER C 263 1.14 19.03 6.09
N SER C 264 2.05 18.15 5.72
CA SER C 264 2.40 17.94 4.31
C SER C 264 2.02 16.52 3.92
N LYS C 265 1.09 16.37 2.98
CA LYS C 265 0.46 15.05 2.71
C LYS C 265 1.43 14.02 2.16
N PHE C 266 2.12 14.36 1.07
CA PHE C 266 3.05 13.41 0.48
C PHE C 266 4.15 14.11 -0.30
N VAL C 267 5.24 13.37 -0.54
CA VAL C 267 6.22 13.69 -1.59
C VAL C 267 6.38 12.50 -2.57
N SER C 268 6.94 12.78 -3.75
CA SER C 268 7.20 11.70 -4.71
C SER C 268 8.66 11.28 -4.68
N THR C 269 8.98 10.18 -5.34
CA THR C 269 10.37 9.80 -5.63
C THR C 269 11.11 10.96 -6.31
N ASP C 270 10.48 11.55 -7.33
CA ASP C 270 11.08 12.66 -8.05
C ASP C 270 11.42 13.84 -7.11
N ASP C 271 10.44 14.23 -6.29
CA ASP C 271 10.63 15.24 -5.25
C ASP C 271 11.81 14.90 -4.34
N ALA C 272 11.87 13.66 -3.89
CA ALA C 272 12.88 13.24 -2.94
C ALA C 272 14.27 13.27 -3.58
N LEU C 273 14.38 12.76 -4.81
CA LEU C 273 15.65 12.79 -5.52
C LEU C 273 16.11 14.23 -5.79
N SER C 274 15.17 15.08 -6.23
CA SER C 274 15.44 16.51 -6.50
C SER C 274 15.98 17.22 -5.25
N ALA C 275 15.27 17.01 -4.15
CA ALA C 275 15.65 17.45 -2.82
C ALA C 275 17.02 16.96 -2.35
N PHE C 276 17.31 15.67 -2.56
CA PHE C 276 18.60 15.07 -2.12
C PHE C 276 19.76 15.70 -2.89
N ILE C 277 19.49 16.01 -4.15
CA ILE C 277 20.45 16.73 -4.97
C ILE C 277 20.63 18.17 -4.49
N TRP C 278 19.54 18.88 -4.22
CA TRP C 278 19.68 20.24 -3.73
C TRP C 278 20.48 20.23 -2.40
N GLN C 279 20.12 19.34 -1.48
CA GLN C 279 20.86 19.22 -0.22
C GLN C 279 22.34 18.91 -0.40
N SER C 280 22.65 17.91 -1.21
CA SER C 280 24.01 17.42 -1.38
C SER C 280 24.89 18.45 -2.09
N THR C 281 24.33 19.09 -3.10
CA THR C 281 25.02 20.15 -3.83
C THR C 281 25.29 21.35 -2.89
N SER C 282 24.33 21.70 -2.06
CA SER C 282 24.44 22.81 -1.11
C SER C 282 25.48 22.52 -0.04
N ARG C 283 25.48 21.28 0.45
CA ARG C 283 26.41 20.84 1.47
C ARG C 283 27.83 20.90 0.94
N VAL C 284 28.08 20.40 -0.26
CA VAL C 284 29.43 20.53 -0.83
C VAL C 284 29.82 22.00 -1.16
N ARG C 285 28.85 22.83 -1.49
CA ARG C 285 29.16 24.24 -1.79
C ARG C 285 29.51 25.03 -0.52
N LEU C 286 29.16 24.48 0.64
CA LEU C 286 29.59 25.04 1.94
C LEU C 286 31.11 25.08 2.08
N ALA C 287 31.81 24.30 1.24
CA ALA C 287 33.25 24.31 1.22
C ALA C 287 33.84 25.60 0.61
N ARG C 288 33.03 26.35 -0.16
CA ARG C 288 33.50 27.57 -0.81
C ARG C 288 32.53 28.76 -0.69
N LEU C 289 31.33 28.54 -0.14
CA LEU C 289 30.34 29.61 0.00
C LEU C 289 29.93 29.76 1.44
N ASP C 290 29.76 31.02 1.86
CA ASP C 290 29.20 31.32 3.18
C ASP C 290 27.85 30.65 3.39
N ALA C 291 27.59 30.24 4.63
CA ALA C 291 26.31 29.65 5.04
C ALA C 291 25.06 30.40 4.56
N SER C 292 25.13 31.73 4.56
CA SER C 292 23.99 32.62 4.35
C SER C 292 23.78 32.90 2.86
N THR C 293 24.65 32.33 2.03
CA THR C 293 24.57 32.46 0.59
C THR C 293 23.20 32.01 0.05
N PRO C 294 22.53 32.88 -0.71
CA PRO C 294 21.21 32.53 -1.24
C PRO C 294 21.33 31.38 -2.25
N THR C 295 20.38 30.45 -2.19
CA THR C 295 20.28 29.39 -3.21
C THR C 295 18.88 29.30 -3.79
N GLU C 296 18.81 29.24 -5.12
CA GLU C 296 17.53 29.10 -5.81
C GLU C 296 17.48 27.78 -6.58
N PHE C 297 16.47 26.98 -6.30
CA PHE C 297 16.19 25.79 -7.08
C PHE C 297 15.11 26.12 -8.12
N CYS C 298 15.41 25.87 -9.39
CA CYS C 298 14.47 26.05 -10.50
C CYS C 298 14.13 24.68 -11.04
N ARG C 299 12.86 24.31 -10.98
CA ARG C 299 12.42 22.97 -11.35
C ARG C 299 11.46 23.02 -12.54
N ALA C 300 11.81 22.39 -13.66
CA ALA C 300 10.88 22.34 -14.81
C ALA C 300 9.60 21.54 -14.52
N VAL C 301 8.48 21.99 -15.07
CA VAL C 301 7.18 21.38 -14.86
C VAL C 301 6.41 21.40 -16.18
N ASP C 302 6.01 20.22 -16.63
CA ASP C 302 5.12 20.07 -17.76
C ASP C 302 3.76 20.65 -17.37
N MSE C 303 3.30 21.63 -18.15
CA MSE C 303 2.02 22.32 -17.86
C MSE C 303 0.81 21.75 -18.58
O MSE C 303 -0.31 22.25 -18.37
CB MSE C 303 2.14 23.81 -18.20
CG MSE C 303 3.01 24.61 -17.24
SE MSE C 303 2.42 24.39 -15.36
CE MSE C 303 0.44 24.85 -15.61
N ARG C 304 0.99 20.72 -19.41
CA ARG C 304 -0.18 20.11 -20.10
C ARG C 304 -1.26 19.67 -19.11
N GLY C 305 -0.86 18.92 -18.09
CA GLY C 305 -1.79 18.44 -17.06
C GLY C 305 -2.66 19.52 -16.43
N PRO C 306 -2.05 20.50 -15.72
CA PRO C 306 -2.85 21.58 -15.15
C PRO C 306 -3.60 22.48 -16.16
N MSE C 307 -3.12 22.54 -17.40
CA MSE C 307 -3.82 23.32 -18.43
C MSE C 307 -4.99 22.56 -19.07
O MSE C 307 -5.79 23.15 -19.74
CB MSE C 307 -2.87 23.83 -19.52
CG MSE C 307 -1.77 24.78 -19.00
SE MSE C 307 -2.38 26.37 -17.97
CE MSE C 307 -3.64 26.84 -19.00
N GLY C 308 -5.07 21.25 -18.84
CA GLY C 308 -6.14 20.44 -19.41
C GLY C 308 -5.84 20.14 -20.87
N VAL C 309 -4.58 19.89 -21.17
CA VAL C 309 -4.10 19.71 -22.53
C VAL C 309 -3.54 18.28 -22.70
N SER C 310 -3.78 17.69 -23.87
CA SER C 310 -3.38 16.32 -24.15
C SER C 310 -1.88 16.12 -23.95
N SER C 311 -1.49 14.95 -23.44
CA SER C 311 -0.07 14.61 -23.28
C SER C 311 0.59 14.43 -24.67
N THR C 312 -0.22 14.30 -25.72
CA THR C 312 0.31 14.26 -27.07
C THR C 312 0.48 15.64 -27.70
N TYR C 313 0.09 16.71 -26.98
CA TYR C 313 0.32 18.07 -27.48
C TYR C 313 1.84 18.27 -27.72
N PRO C 314 2.23 18.56 -28.98
CA PRO C 314 3.66 18.58 -29.31
C PRO C 314 4.40 19.88 -29.07
N GLY C 315 3.74 20.91 -28.56
CA GLY C 315 4.29 22.26 -28.50
C GLY C 315 5.19 22.45 -27.28
N LEU C 316 5.38 23.71 -26.92
CA LEU C 316 6.21 24.08 -25.78
C LEU C 316 5.21 24.59 -24.72
N LEU C 317 4.97 23.75 -23.71
CA LEU C 317 4.00 24.04 -22.63
C LEU C 317 4.56 23.58 -21.28
N GLN C 318 5.34 24.46 -20.69
CA GLN C 318 6.24 24.14 -19.62
C GLN C 318 6.42 25.41 -18.82
N ASN C 319 6.54 25.28 -17.51
CA ASN C 319 6.95 26.41 -16.67
C ASN C 319 8.05 25.88 -15.74
N MSE C 320 8.29 26.60 -14.65
CA MSE C 320 9.25 26.18 -13.63
C MSE C 320 8.59 26.45 -12.28
O MSE C 320 7.73 27.33 -12.17
CB MSE C 320 10.58 26.97 -13.74
CG MSE C 320 11.32 26.76 -15.05
SE MSE C 320 13.29 26.90 -15.07
CE MSE C 320 13.63 25.11 -14.62
N THR C 321 8.98 25.71 -11.25
CA THR C 321 8.73 26.18 -9.89
C THR C 321 10.05 26.67 -9.29
N TYR C 322 9.96 27.68 -8.43
CA TYR C 322 11.13 28.37 -7.89
C TYR C 322 11.13 28.31 -6.37
N HIS C 323 12.32 28.12 -5.80
CA HIS C 323 12.46 27.90 -4.37
C HIS C 323 13.72 28.58 -3.89
N ASP C 324 13.56 29.54 -2.98
CA ASP C 324 14.72 30.30 -2.50
C ASP C 324 14.95 29.98 -1.03
N SER C 325 16.20 29.71 -0.69
CA SER C 325 16.57 29.50 0.72
C SER C 325 18.02 29.92 0.80
N THR C 326 18.78 29.38 1.76
CA THR C 326 20.22 29.62 1.77
C THR C 326 20.92 28.27 1.80
N VAL C 327 22.22 28.30 1.49
CA VAL C 327 23.00 27.09 1.32
C VAL C 327 23.02 26.23 2.60
N ALA C 328 23.29 26.86 3.76
CA ALA C 328 23.29 26.11 5.01
C ALA C 328 21.92 25.59 5.41
N GLU C 329 20.86 26.37 5.17
CA GLU C 329 19.51 25.93 5.56
C GLU C 329 19.09 24.66 4.79
N ILE C 330 19.29 24.66 3.48
CA ILE C 330 19.07 23.48 2.64
C ILE C 330 19.95 22.30 3.02
N ALA C 331 21.25 22.54 3.19
CA ALA C 331 22.18 21.46 3.55
C ALA C 331 21.76 20.70 4.79
N ASN C 332 21.24 21.44 5.78
CA ASN C 332 21.11 20.96 7.16
C ASN C 332 19.71 20.61 7.65
N GLU C 333 18.70 20.96 6.86
CA GLU C 333 17.32 20.68 7.23
C GLU C 333 16.99 19.22 6.87
N PRO C 334 15.90 18.67 7.45
CA PRO C 334 15.51 17.30 7.13
C PRO C 334 15.18 17.15 5.64
N LEU C 335 15.42 15.97 5.07
CA LEU C 335 15.16 15.72 3.63
C LEU C 335 13.73 16.02 3.23
N GLY C 336 12.76 15.57 4.04
CA GLY C 336 11.33 15.84 3.83
C GLY C 336 10.94 17.30 3.86
N ALA C 337 11.64 18.09 4.67
CA ALA C 337 11.54 19.56 4.57
C ALA C 337 11.86 20.10 3.16
N THR C 338 13.01 19.69 2.62
CA THR C 338 13.43 20.17 1.30
C THR C 338 12.44 19.64 0.24
N ALA C 339 12.03 18.38 0.36
CA ALA C 339 11.06 17.77 -0.59
C ALA C 339 9.70 18.46 -0.57
N SER C 340 9.32 18.93 0.63
CA SER C 340 8.10 19.73 0.83
C SER C 340 8.15 21.10 0.19
N ARG C 341 9.32 21.74 0.16
CA ARG C 341 9.43 23.04 -0.52
C ARG C 341 9.01 22.81 -1.96
N LEU C 342 9.50 21.70 -2.51
CA LEU C 342 9.27 21.34 -3.91
C LEU C 342 7.80 21.02 -4.19
N ARG C 343 7.23 20.06 -3.47
CA ARG C 343 5.82 19.66 -3.63
C ARG C 343 4.81 20.80 -3.40
N SER C 344 5.10 21.71 -2.47
CA SER C 344 4.20 22.82 -2.12
C SER C 344 3.89 23.70 -3.34
N GLU C 345 4.81 23.74 -4.31
CA GLU C 345 4.64 24.59 -5.46
C GLU C 345 3.91 23.91 -6.64
N LEU C 346 3.52 22.66 -6.46
CA LEU C 346 2.87 21.86 -7.52
C LEU C 346 1.36 21.80 -7.37
N ASN C 347 0.81 22.79 -6.68
CA ASN C 347 -0.63 22.97 -6.61
C ASN C 347 -1.11 23.37 -8.01
N SER C 348 -2.03 22.62 -8.60
CA SER C 348 -2.39 22.87 -10.01
C SER C 348 -3.03 24.22 -10.30
N ASP C 349 -3.73 24.79 -9.31
CA ASP C 349 -4.35 26.11 -9.42
C ASP C 349 -3.32 27.25 -9.45
N ARG C 350 -2.27 27.08 -8.66
CA ARG C 350 -1.17 28.05 -8.67
C ARG C 350 -0.37 27.88 -9.99
N LEU C 351 -0.08 26.63 -10.35
CA LEU C 351 0.63 26.33 -11.59
C LEU C 351 -0.10 26.95 -12.78
N ARG C 352 -1.42 26.74 -12.83
CA ARG C 352 -2.28 27.29 -13.87
C ARG C 352 -2.24 28.81 -13.90
N ARG C 353 -2.49 29.45 -12.76
CA ARG C 353 -2.45 30.92 -12.69
C ARG C 353 -1.08 31.52 -13.06
N ARG C 354 0.02 30.94 -12.56
CA ARG C 354 1.35 31.47 -12.87
C ARG C 354 1.64 31.37 -14.37
N THR C 355 1.26 30.24 -14.97
CA THR C 355 1.44 29.99 -16.42
C THR C 355 0.56 30.91 -17.28
N GLN C 356 -0.69 31.09 -16.89
CA GLN C 356 -1.55 32.02 -17.61
C GLN C 356 -1.02 33.45 -17.55
N ALA C 357 -0.56 33.86 -16.36
CA ALA C 357 0.05 35.18 -16.17
C ALA C 357 1.29 35.37 -17.05
N LEU C 358 2.10 34.33 -17.20
CA LEU C 358 3.33 34.50 -17.95
C LEU C 358 3.00 34.73 -19.43
N ALA C 359 2.04 33.96 -19.94
CA ALA C 359 1.63 34.05 -21.32
C ALA C 359 0.93 35.39 -21.56
N THR C 360 0.14 35.82 -20.59
CA THR C 360 -0.50 37.16 -20.65
C THR C 360 0.52 38.31 -20.72
N TYR C 361 1.49 38.36 -19.80
CA TYR C 361 2.58 39.37 -19.84
C TYR C 361 3.38 39.34 -21.16
N MSE C 362 3.82 38.14 -21.56
CA MSE C 362 4.57 37.99 -22.81
C MSE C 362 3.77 38.40 -24.04
O MSE C 362 4.32 38.97 -24.99
CB MSE C 362 5.04 36.55 -22.98
CG MSE C 362 6.07 36.14 -21.94
SE MSE C 362 6.84 34.37 -22.27
CE MSE C 362 7.51 34.65 -23.97
N HIS C 363 2.47 38.13 -24.02
CA HIS C 363 1.60 38.38 -25.19
C HIS C 363 1.49 39.87 -25.48
N GLY C 364 1.42 40.69 -24.43
CA GLY C 364 1.47 42.15 -24.59
C GLY C 364 2.85 42.77 -24.62
N LEU C 365 3.89 41.95 -24.73
CA LEU C 365 5.26 42.44 -24.71
C LEU C 365 5.95 42.36 -26.09
N PRO C 366 6.12 43.51 -26.79
CA PRO C 366 6.86 43.48 -28.06
C PRO C 366 8.33 43.05 -27.97
N ASP C 367 9.02 43.50 -26.93
CA ASP C 367 10.42 43.18 -26.69
C ASP C 367 10.51 42.15 -25.56
N LYS C 368 10.84 40.90 -25.93
CA LYS C 368 10.81 39.78 -24.98
C LYS C 368 12.21 39.40 -24.49
N SER C 369 13.21 40.23 -24.80
CA SER C 369 14.61 39.95 -24.46
C SER C 369 14.89 39.74 -22.97
N SER C 370 13.99 40.25 -22.13
CA SER C 370 14.15 40.21 -20.68
CA SER C 370 14.18 40.19 -20.69
C SER C 370 13.48 38.99 -20.07
N VAL C 371 12.59 38.36 -20.83
CA VAL C 371 11.92 37.16 -20.35
C VAL C 371 12.87 35.96 -20.45
N SER C 372 13.03 35.27 -19.32
CA SER C 372 13.82 34.03 -19.21
C SER C 372 13.40 33.26 -17.97
N LEU C 373 13.04 31.99 -18.14
CA LEU C 373 12.55 31.16 -17.03
C LEU C 373 13.63 30.86 -15.96
N THR C 374 14.89 31.14 -16.29
CA THR C 374 15.97 31.04 -15.31
C THR C 374 16.57 32.43 -14.99
N ALA C 375 15.77 33.48 -15.16
CA ALA C 375 16.25 34.86 -14.96
C ALA C 375 16.90 35.06 -13.59
N ASN C 378 21.66 32.01 -10.45
CA ASN C 378 23.12 32.14 -10.28
C ASN C 378 23.81 30.78 -10.43
N PRO C 379 24.73 30.65 -11.40
CA PRO C 379 25.45 29.39 -11.66
C PRO C 379 26.17 28.82 -10.43
N SER C 380 26.61 29.71 -9.54
CA SER C 380 27.45 29.33 -8.41
C SER C 380 26.66 28.67 -7.29
N SER C 381 25.38 29.02 -7.17
CA SER C 381 24.57 28.64 -6.00
C SER C 381 23.19 28.10 -6.32
N SER C 382 22.75 28.19 -7.58
CA SER C 382 21.44 27.65 -7.95
CA SER C 382 21.44 27.66 -7.96
C SER C 382 21.51 26.18 -8.42
N ILE C 383 20.34 25.62 -8.72
CA ILE C 383 20.19 24.37 -9.45
C ILE C 383 19.08 24.62 -10.49
N MSE C 384 19.35 24.30 -11.75
CA MSE C 384 18.30 24.35 -12.79
C MSE C 384 18.09 22.92 -13.25
O MSE C 384 18.91 22.41 -14.00
CB MSE C 384 18.72 25.27 -13.95
CG MSE C 384 19.05 26.72 -13.53
SE MSE C 384 20.16 27.75 -14.81
CE MSE C 384 21.89 26.86 -14.47
N LEU C 385 17.03 22.25 -12.80
CA LEU C 385 16.82 20.84 -13.08
C LEU C 385 15.59 20.59 -13.96
N SER C 386 15.74 19.72 -14.95
CA SER C 386 14.59 19.28 -15.73
C SER C 386 14.45 17.77 -15.67
N SER C 387 13.36 17.31 -15.10
CA SER C 387 13.14 15.86 -15.02
C SER C 387 12.44 15.34 -16.28
N TRP C 388 13.15 14.47 -17.01
CA TRP C 388 12.60 13.76 -18.17
C TRP C 388 12.04 12.42 -17.75
N ALA C 389 11.93 12.18 -16.46
CA ALA C 389 11.55 10.85 -15.93
C ALA C 389 10.27 10.26 -16.50
N LYS C 390 9.30 11.11 -16.84
CA LYS C 390 8.02 10.62 -17.35
C LYS C 390 8.01 10.42 -18.88
N VAL C 391 9.12 10.77 -19.55
CA VAL C 391 9.24 10.58 -21.01
C VAL C 391 9.12 9.06 -21.33
N GLY C 392 8.39 8.70 -22.38
CA GLY C 392 8.07 7.28 -22.65
C GLY C 392 8.97 6.55 -23.64
N CYS C 393 10.15 7.12 -23.89
CA CYS C 393 11.07 6.67 -24.95
C CYS C 393 11.62 5.22 -24.81
N TRP C 394 11.64 4.70 -23.59
CA TRP C 394 12.07 3.32 -23.34
C TRP C 394 11.11 2.29 -23.97
N GLU C 395 9.98 2.75 -24.50
CA GLU C 395 9.00 1.84 -25.08
C GLU C 395 9.00 1.73 -26.59
N TYR C 396 9.67 2.65 -27.28
CA TYR C 396 9.52 2.77 -28.73
C TYR C 396 10.50 1.89 -29.45
N ASP C 397 9.98 1.15 -30.43
CA ASP C 397 10.77 0.19 -31.22
C ASP C 397 10.83 0.57 -32.71
N PHE C 398 9.88 1.38 -33.17
CA PHE C 398 9.93 1.96 -34.52
C PHE C 398 9.78 0.88 -35.61
N GLY C 399 9.32 -0.30 -35.22
CA GLY C 399 9.30 -1.45 -36.13
C GLY C 399 10.66 -1.90 -36.67
N PHE C 400 11.73 -1.61 -35.92
CA PHE C 400 13.08 -1.96 -36.38
C PHE C 400 13.37 -3.45 -36.17
N GLY C 401 12.52 -4.11 -35.39
CA GLY C 401 12.70 -5.50 -34.97
C GLY C 401 13.86 -5.75 -34.00
N LEU C 402 14.27 -4.71 -33.28
CA LEU C 402 15.43 -4.80 -32.41
C LEU C 402 15.08 -4.89 -30.93
N GLY C 403 13.79 -4.84 -30.62
CA GLY C 403 13.31 -4.74 -29.24
C GLY C 403 13.24 -3.26 -28.85
N LYS C 404 12.96 -3.01 -27.58
CA LYS C 404 12.88 -1.66 -27.08
C LYS C 404 14.32 -1.19 -26.78
N PRO C 405 14.53 0.12 -26.57
CA PRO C 405 15.87 0.58 -26.29
C PRO C 405 16.52 -0.14 -25.13
N GLU C 406 17.82 -0.38 -25.28
CA GLU C 406 18.64 -0.89 -24.20
C GLU C 406 19.10 0.21 -23.25
N SER C 407 19.12 1.44 -23.76
CA SER C 407 19.50 2.64 -23.00
C SER C 407 18.86 3.87 -23.67
N VAL C 408 18.46 4.86 -22.87
CA VAL C 408 17.94 6.15 -23.36
C VAL C 408 18.74 7.24 -22.64
N ARG C 409 19.55 7.97 -23.40
CA ARG C 409 20.46 8.96 -22.81
C ARG C 409 20.30 10.31 -23.51
N ARG C 410 20.57 11.39 -22.79
CA ARG C 410 20.69 12.72 -23.39
C ARG C 410 22.16 12.95 -23.72
N PRO C 411 22.49 13.34 -24.99
CA PRO C 411 23.90 13.64 -25.35
C PRO C 411 24.59 14.75 -24.54
N ARG C 412 25.91 14.65 -24.47
CA ARG C 412 26.76 15.66 -23.83
C ARG C 412 27.00 16.88 -24.71
N PHE C 413 26.81 18.06 -24.14
CA PHE C 413 27.21 19.32 -24.80
C PHE C 413 28.20 20.06 -23.94
N GLU C 414 28.42 21.35 -24.19
CA GLU C 414 29.33 22.16 -23.37
C GLU C 414 28.90 22.10 -21.90
N PRO C 415 29.89 22.07 -21.00
CA PRO C 415 29.50 22.14 -19.58
C PRO C 415 28.70 23.40 -19.29
N PHE C 416 27.77 23.26 -18.36
CA PHE C 416 26.84 24.31 -18.06
C PHE C 416 26.59 24.22 -16.56
N GLU C 417 27.44 24.89 -15.78
CA GLU C 417 27.38 24.83 -14.34
C GLU C 417 25.95 24.98 -13.81
N SER C 418 25.54 24.02 -12.98
CA SER C 418 24.23 23.99 -12.28
C SER C 418 23.04 23.46 -13.09
N LEU C 419 23.24 23.19 -14.38
CA LEU C 419 22.19 22.54 -15.19
C LEU C 419 22.14 21.01 -14.95
N MSE C 420 20.94 20.49 -14.75
CA MSE C 420 20.78 19.08 -14.41
C MSE C 420 19.55 18.50 -15.06
O MSE C 420 18.57 19.21 -15.25
CB MSE C 420 20.69 18.93 -12.88
CG MSE C 420 21.83 19.65 -12.16
SE MSE C 420 22.06 19.10 -10.31
CE MSE C 420 23.40 20.34 -9.87
N TYR C 421 19.62 17.21 -15.42
CA TYR C 421 18.45 16.47 -15.92
C TYR C 421 18.25 15.16 -15.20
N PHE C 422 16.99 14.68 -15.15
CA PHE C 422 16.73 13.26 -14.91
C PHE C 422 16.41 12.64 -16.25
N MSE C 423 16.96 11.47 -16.52
CA MSE C 423 16.69 10.73 -17.75
C MSE C 423 15.28 10.12 -17.71
O MSE C 423 14.69 10.01 -16.62
CB MSE C 423 17.72 9.62 -17.96
CG MSE C 423 19.18 10.08 -18.20
SE MSE C 423 19.35 11.28 -19.72
CE MSE C 423 19.34 12.97 -18.88
N PRO C 424 14.73 9.70 -18.86
CA PRO C 424 13.47 8.98 -18.74
C PRO C 424 13.69 7.80 -17.81
N LYS C 425 12.73 7.55 -16.92
CA LYS C 425 12.87 6.50 -15.92
C LYS C 425 12.97 5.15 -16.62
N LYS C 426 13.91 4.32 -16.17
CA LYS C 426 14.07 3.01 -16.75
C LYS C 426 12.86 2.17 -16.32
N PRO C 427 12.37 1.25 -17.19
CA PRO C 427 11.17 0.52 -16.82
C PRO C 427 11.30 -0.29 -15.56
N ASP C 428 12.52 -0.59 -15.15
CA ASP C 428 12.74 -1.28 -13.89
C ASP C 428 12.77 -0.33 -12.67
N GLY C 429 12.62 0.98 -12.91
CA GLY C 429 12.58 1.93 -11.80
C GLY C 429 13.84 2.75 -11.57
N GLU C 430 14.95 2.34 -12.22
CA GLU C 430 16.21 3.09 -12.12
C GLU C 430 16.11 4.55 -12.60
N PHE C 431 16.69 5.47 -11.83
CA PHE C 431 16.88 6.86 -12.28
C PHE C 431 18.36 7.12 -12.63
N THR C 432 18.59 7.96 -13.61
CA THR C 432 19.91 8.52 -13.88
C THR C 432 19.80 10.03 -13.92
N ALA C 433 20.63 10.70 -13.13
CA ALA C 433 20.74 12.17 -13.19
C ALA C 433 21.96 12.54 -14.03
N SER C 434 21.77 13.53 -14.91
CA SER C 434 22.85 14.10 -15.69
C SER C 434 23.14 15.44 -15.04
N ILE C 435 24.34 15.55 -14.51
CA ILE C 435 24.67 16.67 -13.66
C ILE C 435 25.86 17.46 -14.21
N SER C 436 25.70 18.78 -14.29
CA SER C 436 26.83 19.66 -14.58
C SER C 436 27.12 20.61 -13.41
N LEU C 437 28.38 20.59 -12.96
CA LEU C 437 28.87 21.41 -11.86
C LEU C 437 30.30 21.78 -12.17
N ARG C 438 30.75 22.90 -11.62
CA ARG C 438 32.18 23.23 -11.65
C ARG C 438 33.00 22.11 -11.03
N ASP C 439 34.25 21.96 -11.48
CA ASP C 439 35.09 20.82 -11.09
C ASP C 439 35.24 20.61 -9.59
N GLU C 440 35.43 21.69 -8.86
CA GLU C 440 35.54 21.65 -7.41
C GLU C 440 34.28 21.12 -6.74
N ASP C 441 33.11 21.50 -7.22
CA ASP C 441 31.84 20.98 -6.66
C ASP C 441 31.65 19.51 -7.02
N MSE C 442 31.92 19.19 -8.28
CA MSE C 442 31.86 17.83 -8.81
C MSE C 442 32.74 16.84 -8.03
O MSE C 442 32.29 15.76 -7.61
CB MSE C 442 32.26 17.86 -10.30
CG MSE C 442 32.13 16.54 -11.03
SE MSE C 442 30.28 16.01 -11.13
CE MSE C 442 29.76 16.93 -12.73
N GLU C 443 34.01 17.22 -7.83
CA GLU C 443 34.92 16.38 -7.06
C GLU C 443 34.42 16.17 -5.63
N ARG C 444 34.00 17.24 -4.96
CA ARG C 444 33.49 17.15 -3.59
C ARG C 444 32.18 16.40 -3.48
N LEU C 445 31.31 16.53 -4.47
CA LEU C 445 30.09 15.69 -4.51
C LEU C 445 30.39 14.17 -4.59
N LYS C 446 31.31 13.80 -5.49
CA LYS C 446 31.72 12.41 -5.68
C LYS C 446 32.37 11.79 -4.43
N ALA C 447 32.96 12.64 -3.59
CA ALA C 447 33.53 12.30 -2.28
C ALA C 447 32.57 12.44 -1.08
N ASP C 448 31.44 13.12 -1.28
CA ASP C 448 30.52 13.44 -0.18
C ASP C 448 30.00 12.17 0.51
N GLU C 449 29.97 12.18 1.84
CA GLU C 449 29.68 10.95 2.60
C GLU C 449 28.24 10.47 2.54
N GLU C 450 27.31 11.37 2.27
CA GLU C 450 25.92 10.99 2.18
C GLU C 450 25.55 10.71 0.72
N TRP C 451 26.07 11.54 -0.19
CA TRP C 451 25.87 11.33 -1.61
C TRP C 451 26.28 9.90 -2.00
N THR C 452 27.49 9.50 -1.62
CA THR C 452 27.99 8.15 -1.96
C THR C 452 27.24 6.95 -1.34
N LYS C 453 26.40 7.19 -0.34
CA LYS C 453 25.50 6.15 0.18
C LYS C 453 24.43 5.75 -0.87
N TYR C 454 24.09 6.67 -1.78
CA TYR C 454 22.95 6.45 -2.67
C TYR C 454 23.27 6.49 -4.14
N ALA C 455 24.24 7.32 -4.53
CA ALA C 455 24.48 7.65 -5.92
C ALA C 455 25.71 6.94 -6.44
N LYS C 456 25.59 6.32 -7.61
CA LYS C 456 26.73 5.69 -8.27
C LYS C 456 27.27 6.57 -9.41
N TYR C 457 28.55 6.95 -9.33
CA TYR C 457 29.16 7.72 -10.41
C TYR C 457 29.31 6.86 -11.69
N ILE C 458 28.63 7.27 -12.74
CA ILE C 458 28.71 6.58 -14.04
C ILE C 458 29.70 7.32 -14.94
N GLY C 459 29.57 8.64 -15.01
CA GLY C 459 30.43 9.43 -15.89
C GLY C 459 29.80 9.70 -17.24
N PHE D 12 27.23 -16.35 -29.15
CA PHE D 12 27.87 -15.84 -27.90
C PHE D 12 29.04 -16.73 -27.60
N ASP D 13 28.93 -17.98 -28.07
CA ASP D 13 29.88 -19.04 -27.73
C ASP D 13 30.27 -19.00 -26.23
N ILE D 14 29.53 -19.77 -25.44
CA ILE D 14 29.80 -19.94 -24.02
C ILE D 14 30.03 -21.42 -23.77
N GLU D 15 31.27 -21.80 -23.44
CA GLU D 15 31.58 -23.19 -23.15
C GLU D 15 30.89 -23.63 -21.86
N LEU D 16 30.36 -24.85 -21.85
CA LEU D 16 29.69 -25.40 -20.67
C LEU D 16 30.69 -25.49 -19.53
N ASP D 17 30.20 -25.59 -18.29
CA ASP D 17 31.03 -26.03 -17.19
C ASP D 17 31.73 -27.34 -17.59
N ILE D 18 33.01 -27.47 -17.25
CA ILE D 18 33.75 -28.72 -17.37
C ILE D 18 32.90 -29.91 -16.90
N ILE D 19 32.32 -29.82 -15.70
CA ILE D 19 31.47 -30.91 -15.17
C ILE D 19 30.17 -31.08 -15.99
N GLY D 20 29.82 -30.03 -16.73
CA GLY D 20 28.67 -30.07 -17.65
C GLY D 20 28.94 -30.85 -18.92
N GLN D 21 30.20 -31.25 -19.11
CA GLN D 21 30.66 -31.92 -20.32
C GLN D 21 30.40 -33.44 -20.28
N GLN D 22 29.77 -33.92 -19.21
CA GLN D 22 29.30 -35.31 -19.14
C GLN D 22 28.38 -35.59 -20.32
N PRO D 23 28.73 -36.60 -21.13
CA PRO D 23 28.03 -37.00 -22.34
C PRO D 23 26.53 -37.33 -22.13
N PRO D 24 26.15 -38.05 -21.04
CA PRO D 24 24.71 -38.16 -20.75
C PRO D 24 23.98 -36.81 -20.67
N LEU D 25 24.45 -35.89 -19.84
CA LEU D 25 23.81 -34.58 -19.61
C LEU D 25 23.22 -33.92 -20.85
N LEU D 26 23.83 -34.15 -22.01
CA LEU D 26 23.35 -33.62 -23.28
C LEU D 26 22.03 -34.27 -23.74
N SER D 27 21.66 -35.35 -23.06
CA SER D 27 20.43 -36.12 -23.33
C SER D 27 19.34 -35.92 -22.28
N ILE D 28 19.54 -34.96 -21.37
CA ILE D 28 18.58 -34.74 -20.29
C ILE D 28 18.00 -33.31 -20.26
N TYR D 29 16.74 -33.23 -19.88
CA TYR D 29 16.05 -31.99 -19.61
C TYR D 29 15.40 -32.08 -18.24
N THR D 30 15.71 -31.10 -17.40
CA THR D 30 15.11 -30.99 -16.08
C THR D 30 13.82 -30.21 -16.20
N GLN D 31 12.76 -30.75 -15.59
CA GLN D 31 11.43 -30.14 -15.71
C GLN D 31 10.92 -29.77 -14.36
N ILE D 32 10.20 -28.64 -14.30
CA ILE D 32 9.50 -28.24 -13.09
C ILE D 32 8.18 -27.60 -13.53
N SER D 33 7.11 -27.90 -12.80
CA SER D 33 5.77 -27.39 -13.12
C SER D 33 5.22 -26.55 -12.00
N LEU D 34 4.72 -25.35 -12.33
CA LEU D 34 4.11 -24.47 -11.31
C LEU D 34 2.64 -24.27 -11.63
N VAL D 35 1.78 -24.49 -10.63
CA VAL D 35 0.33 -24.51 -10.82
C VAL D 35 -0.30 -23.30 -10.16
N TYR D 36 -1.20 -22.62 -10.89
CA TYR D 36 -1.93 -21.47 -10.36
C TYR D 36 -3.41 -21.53 -10.69
N PRO D 37 -4.28 -21.03 -9.78
CA PRO D 37 -5.69 -20.92 -10.15
C PRO D 37 -5.90 -19.72 -11.10
N VAL D 38 -6.89 -19.85 -11.99
CA VAL D 38 -7.28 -18.81 -12.93
C VAL D 38 -8.82 -18.74 -12.96
N SER D 39 -9.39 -17.64 -12.48
CA SER D 39 -10.83 -17.59 -12.22
C SER D 39 -11.68 -17.48 -13.49
N ASP D 40 -11.11 -16.89 -14.54
CA ASP D 40 -11.82 -16.72 -15.81
C ASP D 40 -10.84 -16.88 -16.98
N PRO D 41 -11.25 -17.62 -18.03
CA PRO D 41 -10.35 -17.75 -19.20
C PRO D 41 -10.01 -16.43 -19.95
N SER D 42 -10.71 -15.35 -19.65
CA SER D 42 -10.42 -14.03 -20.22
C SER D 42 -9.04 -13.54 -19.81
N GLN D 43 -8.50 -14.14 -18.75
CA GLN D 43 -7.17 -13.82 -18.23
C GLN D 43 -6.03 -14.45 -19.03
N TYR D 44 -6.34 -15.47 -19.82
CA TYR D 44 -5.27 -16.23 -20.48
C TYR D 44 -4.36 -15.40 -21.40
N PRO D 45 -4.94 -14.59 -22.33
CA PRO D 45 -4.07 -13.74 -23.20
C PRO D 45 -3.19 -12.75 -22.46
N THR D 46 -3.65 -12.21 -21.33
CA THR D 46 -2.85 -11.31 -20.49
C THR D 46 -1.67 -12.04 -19.86
N ILE D 47 -1.94 -13.23 -19.32
CA ILE D 47 -0.90 -14.09 -18.73
C ILE D 47 0.17 -14.42 -19.79
N VAL D 48 -0.28 -14.80 -20.99
CA VAL D 48 0.64 -15.08 -22.11
C VAL D 48 1.49 -13.87 -22.49
N SER D 49 0.84 -12.70 -22.65
CA SER D 49 1.50 -11.46 -22.93
C SER D 49 2.53 -11.09 -21.85
N THR D 50 2.17 -11.30 -20.58
CA THR D 50 3.03 -10.96 -19.48
C THR D 50 4.29 -11.83 -19.49
N LEU D 51 4.10 -13.13 -19.71
CA LEU D 51 5.22 -14.07 -19.87
C LEU D 51 6.12 -13.74 -21.07
N GLU D 52 5.50 -13.49 -22.23
CA GLU D 52 6.25 -13.12 -23.44
C GLU D 52 7.15 -11.90 -23.25
N GLU D 53 6.57 -10.82 -22.73
CA GLU D 53 7.31 -9.61 -22.34
C GLU D 53 8.44 -9.90 -21.32
N GLY D 54 8.19 -10.79 -20.37
CA GLY D 54 9.23 -11.19 -19.41
C GLY D 54 10.41 -11.88 -20.08
N LEU D 55 10.10 -12.81 -21.00
CA LEU D 55 11.12 -13.55 -21.76
C LEU D 55 11.95 -12.66 -22.66
N LYS D 56 11.29 -11.62 -23.17
CA LYS D 56 11.88 -10.67 -24.09
C LYS D 56 12.94 -9.81 -23.37
N ARG D 57 12.61 -9.29 -22.19
CA ARG D 57 13.59 -8.48 -21.48
C ARG D 57 14.65 -9.29 -20.72
N LEU D 58 14.37 -10.56 -20.43
CA LEU D 58 15.38 -11.48 -19.91
C LEU D 58 16.43 -11.76 -20.98
N SER D 59 15.96 -12.09 -22.19
CA SER D 59 16.84 -12.37 -23.31
C SER D 59 17.58 -11.12 -23.79
N GLN D 60 17.00 -9.94 -23.60
CA GLN D 60 17.69 -8.69 -23.92
C GLN D 60 18.92 -8.51 -23.03
N THR D 61 18.75 -8.67 -21.71
CA THR D 61 19.84 -8.48 -20.75
C THR D 61 20.86 -9.60 -20.79
N PHE D 62 20.35 -10.84 -20.90
CA PHE D 62 21.17 -12.04 -20.95
C PHE D 62 20.86 -12.88 -22.20
N PRO D 63 21.30 -12.43 -23.40
CA PRO D 63 20.99 -13.13 -24.65
C PRO D 63 21.14 -14.66 -24.68
N TRP D 64 22.14 -15.20 -23.96
CA TRP D 64 22.45 -16.64 -24.00
C TRP D 64 21.30 -17.60 -23.54
N VAL D 65 20.36 -17.08 -22.75
CA VAL D 65 19.23 -17.92 -22.28
C VAL D 65 18.34 -18.41 -23.43
N ALA D 66 18.34 -17.65 -24.52
CA ALA D 66 17.63 -17.99 -25.75
C ALA D 66 18.41 -18.91 -26.71
N GLY D 67 19.58 -19.39 -26.26
CA GLY D 67 20.48 -20.19 -27.12
C GLY D 67 20.28 -21.68 -27.08
N GLN D 68 21.29 -22.40 -27.58
CA GLN D 68 21.26 -23.86 -27.70
C GLN D 68 22.61 -24.51 -27.38
N VAL D 69 22.59 -25.77 -26.97
CA VAL D 69 23.80 -26.53 -26.72
C VAL D 69 24.31 -27.07 -28.07
N LYS D 70 25.58 -26.78 -28.38
CA LYS D 70 26.24 -27.25 -29.60
C LYS D 70 27.53 -27.93 -29.20
N THR D 71 27.70 -29.18 -29.63
CA THR D 71 28.85 -30.01 -29.26
C THR D 71 29.81 -30.19 -30.45
N GLU D 72 31.03 -29.69 -30.28
CA GLU D 72 32.07 -29.68 -31.32
C GLU D 72 33.29 -30.55 -30.96
N GLY D 73 34.04 -30.96 -31.99
CA GLY D 73 35.34 -31.65 -31.82
C GLY D 73 35.27 -33.13 -31.51
C GLY D 77 37.22 -34.30 -27.82
N ASN D 78 36.48 -35.40 -27.77
CA ASN D 78 36.42 -36.33 -28.88
C ASN D 78 35.43 -37.51 -28.92
N THR D 79 34.58 -37.81 -27.91
CA THR D 79 33.51 -37.03 -27.23
C THR D 79 33.11 -35.58 -27.46
N GLY D 80 34.06 -34.66 -27.49
CA GLY D 80 33.79 -33.28 -27.83
C GLY D 80 33.58 -32.33 -26.66
N THR D 81 33.44 -31.06 -27.03
CA THR D 81 33.32 -29.93 -26.11
C THR D 81 32.07 -29.13 -26.49
N SER D 82 31.11 -29.07 -25.56
CA SER D 82 29.85 -28.36 -25.80
C SER D 82 29.92 -26.93 -25.31
N LYS D 83 29.11 -26.10 -25.97
CA LYS D 83 29.04 -24.66 -25.75
C LYS D 83 27.59 -24.20 -25.95
N ILE D 84 27.29 -22.99 -25.51
CA ILE D 84 26.01 -22.35 -25.78
C ILE D 84 26.19 -21.34 -26.90
N ILE D 85 25.44 -21.56 -27.99
CA ILE D 85 25.48 -20.75 -29.20
C ILE D 85 24.05 -20.35 -29.55
N PRO D 86 23.88 -19.24 -30.31
CA PRO D 86 22.56 -18.75 -30.76
C PRO D 86 21.61 -19.78 -31.39
N TYR D 87 20.34 -19.68 -31.04
CA TYR D 87 19.29 -20.53 -31.59
C TYR D 87 18.17 -19.61 -32.10
N GLU D 88 17.24 -19.23 -31.21
CA GLU D 88 16.16 -18.27 -31.52
C GLU D 88 16.30 -17.01 -30.63
N GLU D 89 15.43 -16.02 -30.81
CA GLU D 89 15.57 -14.73 -30.10
C GLU D 89 15.14 -14.74 -28.61
N THR D 90 14.27 -15.69 -28.27
CA THR D 90 13.77 -15.82 -26.91
C THR D 90 13.70 -17.30 -26.62
N PRO D 91 13.75 -17.69 -25.32
CA PRO D 91 13.53 -19.11 -25.03
C PRO D 91 12.14 -19.48 -25.56
N ARG D 92 12.02 -20.66 -26.17
CA ARG D 92 10.78 -21.03 -26.82
C ARG D 92 9.65 -21.32 -25.82
N LEU D 93 8.49 -20.72 -26.11
CA LEU D 93 7.28 -20.90 -25.32
C LEU D 93 6.19 -21.58 -26.16
N VAL D 94 5.75 -22.74 -25.70
CA VAL D 94 4.59 -23.43 -26.23
C VAL D 94 3.39 -23.06 -25.37
N VAL D 95 2.33 -22.56 -26.00
CA VAL D 95 1.07 -22.30 -25.31
C VAL D 95 0.11 -23.43 -25.70
N LYS D 96 -0.26 -24.25 -24.70
CA LYS D 96 -1.03 -25.46 -24.93
C LYS D 96 -2.35 -25.48 -24.16
N ASP D 97 -3.47 -25.55 -24.87
CA ASP D 97 -4.79 -25.59 -24.25
C ASP D 97 -5.23 -27.00 -23.99
N LEU D 98 -5.26 -27.41 -22.72
CA LEU D 98 -5.64 -28.79 -22.35
C LEU D 98 -7.11 -28.94 -22.00
N ARG D 99 -7.85 -27.83 -22.03
CA ARG D 99 -9.25 -27.84 -21.63
C ARG D 99 -10.13 -28.68 -22.58
N ASP D 100 -9.77 -28.72 -23.86
CA ASP D 100 -10.49 -29.55 -24.84
C ASP D 100 -10.26 -31.08 -24.65
N ASP D 101 -9.15 -31.42 -23.98
CA ASP D 101 -8.78 -32.82 -23.68
C ASP D 101 -9.38 -33.36 -22.36
N SER D 102 -10.30 -34.33 -22.47
CA SER D 102 -11.04 -34.94 -21.35
C SER D 102 -10.20 -35.67 -20.30
N SER D 103 -9.00 -36.11 -20.68
CA SER D 103 -8.11 -36.82 -19.75
C SER D 103 -7.23 -35.89 -18.89
N ALA D 104 -7.17 -34.61 -19.25
CA ALA D 104 -6.21 -33.67 -18.65
C ALA D 104 -6.60 -33.27 -17.23
N PRO D 105 -5.60 -32.82 -16.42
CA PRO D 105 -5.96 -32.31 -15.10
C PRO D 105 -6.78 -31.02 -15.18
N THR D 106 -7.64 -30.83 -14.17
CA THR D 106 -8.36 -29.61 -13.92
C THR D 106 -7.90 -29.11 -12.56
N ILE D 107 -8.16 -27.84 -12.25
CA ILE D 107 -7.78 -27.32 -10.94
C ILE D 107 -8.51 -28.04 -9.79
N GLU D 108 -9.80 -28.31 -9.96
CA GLU D 108 -10.55 -29.06 -8.95
C GLU D 108 -10.07 -30.51 -8.77
N GLY D 109 -9.81 -31.19 -9.88
CA GLY D 109 -9.24 -32.52 -9.87
C GLY D 109 -7.90 -32.61 -9.18
N LEU D 110 -6.98 -31.69 -9.53
CA LEU D 110 -5.67 -31.56 -8.86
C LEU D 110 -5.82 -31.34 -7.36
N ARG D 111 -6.60 -30.33 -6.95
CA ARG D 111 -6.82 -30.04 -5.54
C ARG D 111 -7.40 -31.22 -4.73
N LYS D 112 -8.35 -31.95 -5.33
CA LYS D 112 -8.98 -33.08 -4.66
C LYS D 112 -7.97 -34.19 -4.39
N ALA D 113 -7.19 -34.54 -5.42
CA ALA D 113 -6.20 -35.61 -5.35
C ALA D 113 -4.84 -35.18 -4.76
N GLY D 114 -4.71 -33.90 -4.41
CA GLY D 114 -3.51 -33.38 -3.75
C GLY D 114 -2.34 -33.19 -4.71
N PHE D 115 -2.66 -32.90 -5.98
CA PHE D 115 -1.67 -32.70 -7.05
C PHE D 115 -0.76 -33.95 -7.13
N PRO D 116 -1.36 -35.10 -7.53
CA PRO D 116 -0.57 -36.33 -7.69
C PRO D 116 0.29 -36.35 -8.95
N LEU D 117 1.35 -37.17 -8.91
CA LEU D 117 2.30 -37.27 -10.02
C LEU D 117 1.68 -37.73 -11.33
N GLU D 118 0.66 -38.58 -11.22
CA GLU D 118 -0.08 -39.10 -12.38
C GLU D 118 -0.66 -37.97 -13.26
N MSE D 119 -1.13 -36.90 -12.63
CA MSE D 119 -1.71 -35.77 -13.37
C MSE D 119 -0.66 -34.81 -13.95
O MSE D 119 -1.02 -33.77 -14.52
CB MSE D 119 -2.70 -35.02 -12.50
CG MSE D 119 -3.94 -35.84 -12.10
SE MSE D 119 -4.99 -34.84 -10.84
N PHE D 120 0.64 -35.14 -13.83
CA PHE D 120 1.69 -34.33 -14.43
C PHE D 120 2.53 -35.15 -15.39
N ASP D 121 1.87 -35.83 -16.33
CA ASP D 121 2.56 -36.54 -17.41
C ASP D 121 3.33 -35.52 -18.24
N GLU D 122 4.60 -35.80 -18.48
CA GLU D 122 5.46 -34.88 -19.22
C GLU D 122 4.97 -34.70 -20.65
N ASN D 123 4.36 -35.76 -21.20
CA ASN D 123 3.88 -35.72 -22.56
C ASN D 123 2.70 -34.76 -22.71
N VAL D 124 1.99 -34.55 -21.60
CA VAL D 124 0.89 -33.58 -21.51
C VAL D 124 1.36 -32.14 -21.16
N VAL D 125 2.14 -31.99 -20.07
CA VAL D 125 2.47 -30.66 -19.52
C VAL D 125 3.84 -30.04 -19.90
N ALA D 126 4.73 -30.83 -20.50
CA ALA D 126 6.11 -30.39 -20.76
C ALA D 126 6.42 -30.25 -22.25
N PRO D 127 7.21 -29.21 -22.62
CA PRO D 127 7.53 -28.94 -24.03
C PRO D 127 8.50 -29.95 -24.66
N ARG D 128 9.24 -30.69 -23.83
CA ARG D 128 10.12 -31.77 -24.30
C ARG D 128 10.24 -32.83 -23.24
N LYS D 129 10.54 -34.05 -23.68
CA LYS D 129 10.82 -35.17 -22.79
C LYS D 129 12.05 -34.94 -21.91
N THR D 130 12.01 -35.43 -20.68
CA THR D 130 13.18 -35.49 -19.81
C THR D 130 14.36 -36.16 -20.52
N LEU D 131 14.11 -37.35 -21.08
CA LEU D 131 15.16 -38.16 -21.72
C LEU D 131 15.04 -38.13 -23.25
N ALA D 132 16.16 -37.86 -23.91
CA ALA D 132 16.20 -37.70 -25.37
C ALA D 132 16.81 -38.93 -26.06
N PRO D 142 18.16 -30.07 -32.56
CA PRO D 142 18.84 -29.06 -31.74
C PRO D 142 18.39 -29.09 -30.27
N LYS D 143 19.24 -28.57 -29.38
CA LYS D 143 18.99 -28.63 -27.95
C LYS D 143 18.97 -27.21 -27.38
N PRO D 144 17.76 -26.62 -27.26
CA PRO D 144 17.72 -25.27 -26.71
C PRO D 144 18.12 -25.29 -25.21
N VAL D 145 18.66 -24.18 -24.75
CA VAL D 145 19.07 -24.07 -23.37
C VAL D 145 17.85 -24.17 -22.43
N LEU D 146 16.73 -23.59 -22.86
CA LEU D 146 15.58 -23.35 -21.97
C LEU D 146 14.28 -23.35 -22.75
N LEU D 147 13.29 -24.08 -22.25
CA LEU D 147 11.98 -24.18 -22.93
C LEU D 147 10.85 -24.05 -21.93
N LEU D 148 9.76 -23.39 -22.33
CA LEU D 148 8.62 -23.22 -21.45
C LEU D 148 7.34 -23.69 -22.13
N GLN D 149 6.42 -24.18 -21.31
CA GLN D 149 5.08 -24.50 -21.76
C GLN D 149 4.09 -23.93 -20.78
N LEU D 150 3.22 -23.06 -21.30
CA LEU D 150 2.07 -22.58 -20.55
C LEU D 150 0.86 -23.46 -20.89
N ASN D 151 0.36 -24.19 -19.90
CA ASN D 151 -0.78 -25.10 -20.11
C ASN D 151 -2.06 -24.54 -19.53
N PHE D 152 -3.07 -24.33 -20.36
CA PHE D 152 -4.41 -23.97 -19.86
C PHE D 152 -5.15 -25.23 -19.41
N ILE D 153 -5.56 -25.25 -18.14
CA ILE D 153 -6.41 -26.30 -17.59
C ILE D 153 -7.72 -25.65 -17.14
N LYS D 154 -8.74 -26.44 -16.84
CA LYS D 154 -9.99 -25.88 -16.39
C LYS D 154 -9.77 -25.29 -15.00
N GLY D 155 -10.05 -24.00 -14.88
CA GLY D 155 -9.92 -23.25 -13.63
C GLY D 155 -8.50 -22.84 -13.26
N GLY D 156 -7.56 -22.97 -14.19
CA GLY D 156 -6.16 -22.81 -13.84
C GLY D 156 -5.13 -22.84 -14.95
N LEU D 157 -3.88 -23.06 -14.53
CA LEU D 157 -2.73 -22.94 -15.40
C LEU D 157 -1.58 -23.78 -14.87
N ILE D 158 -0.87 -24.44 -15.77
CA ILE D 158 0.38 -25.10 -15.40
C ILE D 158 1.51 -24.51 -16.22
N LEU D 159 2.45 -23.88 -15.52
CA LEU D 159 3.61 -23.34 -16.17
C LEU D 159 4.76 -24.33 -15.97
N THR D 160 5.26 -24.90 -17.06
CA THR D 160 6.36 -25.88 -17.04
C THR D 160 7.61 -25.25 -17.69
N VAL D 161 8.75 -25.35 -17.03
CA VAL D 161 10.03 -24.90 -17.57
C VAL D 161 11.01 -26.07 -17.70
N ASN D 162 11.67 -26.13 -18.85
CA ASN D 162 12.69 -27.13 -19.19
C ASN D 162 14.03 -26.46 -19.35
N GLY D 163 15.07 -27.11 -18.83
CA GLY D 163 16.44 -26.63 -18.91
C GLY D 163 17.36 -27.77 -19.30
N GLN D 164 18.20 -27.54 -20.30
CA GLN D 164 19.14 -28.56 -20.77
C GLN D 164 20.15 -28.84 -19.67
N HIS D 165 20.25 -30.11 -19.26
CA HIS D 165 21.03 -30.47 -18.06
C HIS D 165 22.56 -30.24 -18.08
N GLY D 166 23.18 -30.15 -19.25
CA GLY D 166 24.59 -29.80 -19.35
C GLY D 166 24.77 -28.31 -19.18
N ALA D 167 23.73 -27.56 -19.51
CA ALA D 167 23.73 -26.12 -19.37
C ALA D 167 23.37 -25.68 -17.93
N MSE D 168 22.67 -26.53 -17.19
CA MSE D 168 22.19 -26.13 -15.87
C MSE D 168 21.72 -27.26 -14.97
O MSE D 168 21.07 -28.22 -15.42
CB MSE D 168 21.08 -25.07 -16.00
CG MSE D 168 19.75 -25.60 -16.57
SE MSE D 168 18.50 -24.17 -16.87
CE MSE D 168 19.20 -23.54 -18.52
N ASP D 169 22.02 -27.12 -13.69
CA ASP D 169 21.41 -27.97 -12.69
C ASP D 169 20.13 -27.27 -12.21
N MSE D 170 19.37 -27.92 -11.34
CA MSE D 170 18.11 -27.33 -10.89
C MSE D 170 18.33 -26.04 -10.09
O MSE D 170 17.50 -25.16 -10.10
CB MSE D 170 17.30 -28.35 -10.08
CG MSE D 170 15.90 -27.89 -9.69
SE MSE D 170 14.86 -27.46 -11.25
CE MSE D 170 14.15 -25.74 -10.70
N THR D 171 19.47 -25.95 -9.39
CA THR D 171 19.82 -24.72 -8.66
C THR D 171 19.98 -23.54 -9.63
N GLY D 172 20.71 -23.78 -10.71
CA GLY D 172 20.89 -22.82 -11.79
C GLY D 172 19.59 -22.52 -12.53
N GLN D 173 18.76 -23.55 -12.70
CA GLN D 173 17.50 -23.39 -13.41
C GLN D 173 16.57 -22.49 -12.59
N ASP D 174 16.55 -22.72 -11.28
CA ASP D 174 15.75 -21.90 -10.37
C ASP D 174 16.14 -20.42 -10.39
N ALA D 175 17.45 -20.14 -10.43
CA ALA D 175 17.98 -18.78 -10.53
C ALA D 175 17.52 -18.06 -11.81
N ILE D 176 17.51 -18.76 -12.94
CA ILE D 176 17.00 -18.23 -14.19
C ILE D 176 15.49 -17.92 -14.09
N ILE D 177 14.71 -18.87 -13.55
CA ILE D 177 13.26 -18.69 -13.36
C ILE D 177 12.97 -17.54 -12.38
N ARG D 178 13.78 -17.46 -11.34
CA ARG D 178 13.66 -16.33 -10.41
C ARG D 178 13.84 -14.97 -11.11
N LEU D 179 14.88 -14.85 -11.91
CA LEU D 179 15.11 -13.63 -12.67
C LEU D 179 14.05 -13.41 -13.74
N LEU D 180 13.55 -14.49 -14.36
CA LEU D 180 12.42 -14.39 -15.29
C LEU D 180 11.19 -13.84 -14.60
N SER D 181 10.90 -14.30 -13.37
CA SER D 181 9.79 -13.69 -12.62
C SER D 181 10.03 -12.20 -12.41
N LYS D 182 11.26 -11.81 -12.08
CA LYS D 182 11.64 -10.39 -11.90
C LYS D 182 11.36 -9.61 -13.19
N ALA D 183 11.81 -10.18 -14.30
CA ALA D 183 11.65 -9.55 -15.59
C ALA D 183 10.16 -9.30 -15.91
N CYS D 184 9.34 -10.34 -15.74
CA CYS D 184 7.90 -10.25 -15.97
C CYS D 184 7.29 -9.13 -15.13
N ARG D 185 7.80 -8.99 -13.91
CA ARG D 185 7.37 -7.96 -12.97
C ARG D 185 8.02 -6.57 -13.15
N ASN D 186 8.96 -6.41 -14.08
CA ASN D 186 9.76 -5.17 -14.18
C ASN D 186 10.58 -4.86 -12.94
N GLU D 187 11.08 -5.92 -12.34
CA GLU D 187 11.97 -5.79 -11.21
C GLU D 187 13.38 -5.75 -11.73
N SER D 188 14.14 -4.90 -11.06
CA SER D 188 15.48 -4.57 -11.44
C SER D 188 16.43 -5.72 -11.10
N PHE D 189 17.26 -6.10 -12.08
CA PHE D 189 18.34 -7.03 -11.81
C PHE D 189 19.44 -6.32 -11.07
N THR D 190 19.95 -6.94 -10.01
CA THR D 190 21.08 -6.37 -9.29
C THR D 190 22.36 -6.62 -10.11
N GLU D 191 23.41 -5.86 -9.83
CA GLU D 191 24.72 -6.11 -10.45
C GLU D 191 25.30 -7.48 -10.04
N GLU D 192 25.02 -7.90 -8.80
CA GLU D 192 25.40 -9.23 -8.34
C GLU D 192 24.73 -10.33 -9.21
N GLU D 193 23.44 -10.19 -9.46
CA GLU D 193 22.73 -11.12 -10.36
C GLU D 193 23.31 -11.09 -11.78
N ILE D 194 23.63 -9.89 -12.27
CA ILE D 194 24.17 -9.74 -13.62
C ILE D 194 25.56 -10.37 -13.73
N SER D 195 26.42 -10.12 -12.74
CA SER D 195 27.73 -10.76 -12.67
C SER D 195 27.60 -12.29 -12.68
N ALA D 196 26.68 -12.82 -11.87
CA ALA D 196 26.43 -14.28 -11.80
C ALA D 196 25.95 -14.88 -13.14
N MSE D 197 25.09 -14.15 -13.84
CA MSE D 197 24.58 -14.59 -15.12
C MSE D 197 25.59 -14.59 -16.25
O MSE D 197 25.44 -15.35 -17.22
CB MSE D 197 23.37 -13.76 -15.54
CG MSE D 197 22.16 -14.03 -14.66
SE MSE D 197 21.50 -15.80 -14.92
CE MSE D 197 20.44 -15.47 -16.60
N ASN D 198 26.61 -13.75 -16.14
CA ASN D 198 27.65 -13.65 -17.16
C ASN D 198 28.96 -14.27 -16.75
N LEU D 199 29.01 -14.85 -15.56
CA LEU D 199 30.23 -15.50 -15.05
C LEU D 199 30.79 -16.59 -15.98
N ASP D 200 32.09 -16.50 -16.30
CA ASP D 200 32.76 -17.48 -17.12
C ASP D 200 32.69 -18.88 -16.47
N ARG D 201 32.12 -19.82 -17.20
CA ARG D 201 31.87 -21.16 -16.67
C ARG D 201 33.12 -22.05 -16.65
N LYS D 202 34.04 -21.83 -17.60
CA LYS D 202 35.21 -22.71 -17.79
C LYS D 202 36.29 -22.55 -16.69
N THR D 203 36.15 -21.53 -15.86
CA THR D 203 37.10 -21.24 -14.79
C THR D 203 36.41 -21.18 -13.40
N VAL D 204 35.13 -21.56 -13.35
CA VAL D 204 34.38 -21.50 -12.09
C VAL D 204 34.85 -22.55 -11.07
N VAL D 205 35.42 -23.66 -11.56
CA VAL D 205 36.12 -24.62 -10.70
C VAL D 205 37.62 -24.57 -11.07
N PRO D 206 38.43 -23.93 -10.21
CA PRO D 206 39.89 -23.92 -10.43
C PRO D 206 40.47 -25.34 -10.46
N LEU D 207 41.37 -25.57 -11.41
CA LEU D 207 42.02 -26.85 -11.59
C LEU D 207 43.17 -27.06 -10.60
N LEU D 208 43.39 -28.34 -10.25
CA LEU D 208 44.43 -28.73 -9.29
C LEU D 208 45.79 -28.91 -9.96
N VAL D 213 45.36 -38.60 -10.22
CA VAL D 213 44.05 -39.27 -10.25
C VAL D 213 43.95 -40.22 -9.06
N GLY D 214 43.16 -39.83 -8.06
CA GLY D 214 43.12 -40.54 -6.79
C GLY D 214 41.72 -40.97 -6.37
N PRO D 215 41.48 -41.02 -5.03
CA PRO D 215 40.21 -41.49 -4.48
C PRO D 215 39.07 -40.48 -4.62
N GLU D 216 39.42 -39.22 -4.84
CA GLU D 216 38.43 -38.14 -4.99
C GLU D 216 37.48 -38.42 -6.16
N LEU D 217 37.79 -39.50 -6.89
CA LEU D 217 37.01 -39.90 -8.05
C LEU D 217 36.40 -41.30 -7.93
N ASP D 218 36.42 -41.84 -6.71
CA ASP D 218 35.72 -43.07 -6.41
C ASP D 218 34.24 -42.92 -6.74
N HIS D 219 33.70 -43.88 -7.49
CA HIS D 219 32.25 -43.97 -7.77
C HIS D 219 31.79 -43.17 -9.01
N GLN D 220 32.77 -42.61 -9.74
CA GLN D 220 32.51 -41.71 -10.84
C GLN D 220 33.22 -42.20 -12.10
N ILE D 221 33.91 -43.34 -11.92
CA ILE D 221 34.87 -43.96 -12.87
C ILE D 221 35.68 -43.02 -13.79
C THR D 238 7.71 -45.37 -10.64
N TRP D 239 6.71 -44.49 -10.60
CA TRP D 239 6.84 -43.17 -9.97
C TRP D 239 5.64 -42.85 -9.06
N ALA D 240 5.92 -42.30 -7.87
CA ALA D 240 4.86 -41.78 -6.99
C ALA D 240 5.37 -40.67 -6.08
N PHE D 241 4.48 -39.73 -5.72
CA PHE D 241 4.75 -38.75 -4.67
C PHE D 241 4.34 -39.25 -3.30
N PHE D 242 5.20 -38.99 -2.32
CA PHE D 242 4.87 -39.11 -0.89
C PHE D 242 5.15 -37.78 -0.23
N SER D 243 4.22 -37.34 0.60
CA SER D 243 4.37 -36.10 1.38
C SER D 243 4.71 -36.39 2.84
N PHE D 244 5.45 -35.45 3.43
CA PHE D 244 5.83 -35.50 4.83
C PHE D 244 5.49 -34.15 5.41
N THR D 245 4.64 -34.16 6.42
CA THR D 245 4.18 -32.96 7.12
C THR D 245 5.35 -32.40 7.94
N PRO D 246 5.36 -31.08 8.22
CA PRO D 246 6.42 -30.57 9.10
C PRO D 246 6.54 -31.38 10.41
N LYS D 247 5.40 -31.75 11.00
CA LYS D 247 5.38 -32.59 12.22
C LYS D 247 6.10 -33.92 12.01
N ALA D 248 5.70 -34.65 10.97
CA ALA D 248 6.37 -35.89 10.57
C ALA D 248 7.87 -35.68 10.41
N LEU D 249 8.22 -34.60 9.70
CA LEU D 249 9.60 -34.17 9.52
C LEU D 249 10.35 -33.79 10.81
N SER D 250 9.71 -33.03 11.70
CA SER D 250 10.30 -32.64 12.99
C SER D 250 10.61 -33.85 13.90
N GLU D 251 9.85 -34.93 13.74
CA GLU D 251 9.99 -36.12 14.57
C GLU D 251 11.10 -37.06 14.09
N LEU D 252 11.29 -37.11 12.77
CA LEU D 252 12.38 -37.87 12.19
C LEU D 252 13.74 -37.19 12.45
N LYS D 253 13.71 -35.87 12.72
CA LYS D 253 14.91 -35.11 13.02
C LYS D 253 15.19 -35.06 14.52
N LYS D 265 28.51 -31.78 15.70
CA LYS D 265 27.60 -32.79 15.20
C LYS D 265 26.16 -32.30 15.25
N PHE D 266 25.58 -32.17 14.05
CA PHE D 266 24.15 -31.99 13.87
C PHE D 266 23.75 -32.74 12.60
N VAL D 267 22.44 -32.81 12.37
CA VAL D 267 21.89 -33.30 11.09
C VAL D 267 20.70 -32.41 10.73
N SER D 268 20.44 -32.29 9.43
CA SER D 268 19.33 -31.47 8.95
C SER D 268 18.06 -32.29 8.73
N THR D 269 16.98 -31.58 8.41
CA THR D 269 15.74 -32.20 7.99
C THR D 269 16.00 -33.05 6.74
N ASP D 270 16.70 -32.48 5.76
CA ASP D 270 17.05 -33.17 4.51
C ASP D 270 17.87 -34.43 4.78
N ASP D 271 18.82 -34.33 5.71
CA ASP D 271 19.62 -35.47 6.18
C ASP D 271 18.68 -36.54 6.78
N ALA D 272 17.79 -36.09 7.67
CA ALA D 272 16.87 -37.01 8.39
C ALA D 272 15.96 -37.75 7.41
N LEU D 273 15.34 -37.01 6.49
CA LEU D 273 14.45 -37.58 5.50
C LEU D 273 15.18 -38.54 4.55
N SER D 274 16.35 -38.12 4.08
CA SER D 274 17.16 -38.94 3.17
C SER D 274 17.52 -40.28 3.81
N ALA D 275 17.92 -40.23 5.08
CA ALA D 275 18.33 -41.41 5.87
C ALA D 275 17.18 -42.38 6.06
N PHE D 276 16.03 -41.83 6.47
CA PHE D 276 14.78 -42.56 6.63
C PHE D 276 14.33 -43.25 5.35
N ILE D 277 14.53 -42.58 4.21
CA ILE D 277 14.20 -43.19 2.91
C ILE D 277 15.21 -44.28 2.52
N TRP D 278 16.46 -44.13 2.95
CA TRP D 278 17.48 -45.17 2.71
C TRP D 278 17.17 -46.44 3.51
N GLN D 279 16.89 -46.24 4.79
CA GLN D 279 16.55 -47.31 5.73
C GLN D 279 15.31 -48.10 5.34
N SER D 280 14.55 -47.57 4.38
CA SER D 280 13.12 -47.87 4.32
C SER D 280 12.55 -49.13 3.71
N THR D 281 12.58 -49.38 2.38
CA THR D 281 13.70 -49.39 1.43
C THR D 281 14.59 -50.62 1.74
N SER D 282 14.65 -50.97 3.03
CA SER D 282 14.86 -52.34 3.48
C SER D 282 13.97 -52.65 4.70
N ARG D 283 12.81 -53.30 4.52
CA ARG D 283 12.14 -53.58 3.22
C ARG D 283 13.07 -53.94 2.06
N THR D 293 22.92 -57.44 0.24
CA THR D 293 24.33 -57.17 -0.03
C THR D 293 24.62 -55.67 -0.19
N PRO D 294 25.49 -55.31 -1.15
CA PRO D 294 25.98 -53.93 -1.33
C PRO D 294 24.92 -52.93 -1.81
N THR D 295 24.85 -51.79 -1.12
CA THR D 295 23.93 -50.69 -1.47
C THR D 295 24.60 -49.30 -1.40
N GLU D 296 24.60 -48.58 -2.53
CA GLU D 296 25.12 -47.21 -2.59
C GLU D 296 24.05 -46.12 -2.56
N PHE D 297 24.15 -45.21 -1.59
CA PHE D 297 23.39 -43.96 -1.62
C PHE D 297 24.22 -42.89 -2.38
N CYS D 298 23.63 -42.30 -3.42
CA CYS D 298 24.23 -41.19 -4.18
C CYS D 298 23.38 -39.94 -3.99
N ARG D 299 23.94 -38.96 -3.28
CA ARG D 299 23.24 -37.70 -2.97
C ARG D 299 23.79 -36.52 -3.79
N ALA D 300 22.93 -35.89 -4.58
CA ALA D 300 23.28 -34.64 -5.28
C ALA D 300 23.63 -33.52 -4.29
N VAL D 301 24.67 -32.74 -4.62
CA VAL D 301 25.11 -31.60 -3.78
C VAL D 301 25.44 -30.38 -4.67
N ASP D 302 24.83 -29.25 -4.35
CA ASP D 302 25.14 -27.95 -4.99
C ASP D 302 26.51 -27.48 -4.51
N MSE D 303 27.40 -27.24 -5.45
CA MSE D 303 28.81 -26.91 -5.16
C MSE D 303 29.15 -25.40 -5.20
O MSE D 303 30.30 -25.01 -4.99
CB MSE D 303 29.75 -27.69 -6.10
CG MSE D 303 29.95 -29.16 -5.76
SE MSE D 303 30.72 -29.39 -3.94
CE MSE D 303 32.35 -28.32 -4.10
N ARG D 304 28.16 -24.57 -5.47
CA ARG D 304 28.32 -23.11 -5.46
C ARG D 304 28.93 -22.57 -4.15
N GLY D 305 28.29 -22.85 -3.02
CA GLY D 305 28.76 -22.37 -1.72
C GLY D 305 30.17 -22.82 -1.42
N PRO D 306 30.43 -24.15 -1.40
CA PRO D 306 31.81 -24.62 -1.16
C PRO D 306 32.83 -24.02 -2.13
N MSE D 307 32.42 -23.70 -3.36
CA MSE D 307 33.32 -23.09 -4.35
C MSE D 307 33.50 -21.58 -4.21
O MSE D 307 34.38 -21.00 -4.83
CB MSE D 307 32.93 -23.47 -5.79
CG MSE D 307 33.09 -24.97 -6.12
SE MSE D 307 34.91 -25.72 -5.74
CE MSE D 307 35.89 -24.50 -6.74
N GLY D 308 32.67 -20.95 -3.38
CA GLY D 308 32.72 -19.51 -3.21
C GLY D 308 32.07 -18.79 -4.38
N VAL D 309 31.03 -19.43 -4.91
CA VAL D 309 30.30 -18.95 -6.09
C VAL D 309 28.86 -18.55 -5.71
N SER D 310 28.31 -17.60 -6.46
CA SER D 310 27.01 -17.00 -6.16
C SER D 310 25.91 -18.05 -6.23
N SER D 311 24.94 -17.96 -5.33
CA SER D 311 23.74 -18.83 -5.42
C SER D 311 22.96 -18.64 -6.74
N THR D 312 23.18 -17.51 -7.40
CA THR D 312 22.52 -17.17 -8.67
C THR D 312 23.31 -17.67 -9.90
N TYR D 313 24.49 -18.25 -9.69
CA TYR D 313 25.22 -18.85 -10.83
C TYR D 313 24.26 -19.84 -11.55
N PRO D 314 24.01 -19.62 -12.85
CA PRO D 314 22.98 -20.38 -13.56
C PRO D 314 23.47 -21.68 -14.21
N GLY D 315 24.74 -22.04 -14.00
CA GLY D 315 25.35 -23.15 -14.72
C GLY D 315 25.07 -24.48 -14.06
N LEU D 316 25.99 -25.43 -14.26
CA LEU D 316 25.92 -26.73 -13.64
C LEU D 316 27.13 -26.82 -12.72
N LEU D 317 26.90 -26.59 -11.44
CA LEU D 317 27.98 -26.63 -10.46
C LEU D 317 27.49 -27.50 -9.32
N GLN D 318 27.80 -28.79 -9.43
CA GLN D 318 27.12 -29.82 -8.68
C GLN D 318 28.01 -31.05 -8.63
N ASN D 319 27.96 -31.76 -7.51
CA ASN D 319 28.59 -33.08 -7.39
C ASN D 319 27.61 -33.98 -6.64
N MSE D 320 28.12 -35.13 -6.18
CA MSE D 320 27.39 -36.03 -5.36
C MSE D 320 28.30 -36.45 -4.25
O MSE D 320 29.51 -36.44 -4.40
CB MSE D 320 26.96 -37.25 -6.17
CG MSE D 320 25.81 -36.97 -7.13
SE MSE D 320 25.32 -38.59 -8.00
N THR D 321 27.71 -36.82 -3.11
CA THR D 321 28.43 -37.57 -2.10
C THR D 321 28.01 -39.05 -2.20
N TYR D 322 28.96 -39.95 -1.91
CA TYR D 322 28.71 -41.38 -2.07
C TYR D 322 28.85 -42.10 -0.73
N HIS D 323 27.93 -43.02 -0.47
CA HIS D 323 27.83 -43.71 0.83
C HIS D 323 27.56 -45.21 0.62
N ASP D 324 28.56 -46.03 0.91
CA ASP D 324 28.48 -47.49 0.68
C ASP D 324 28.31 -48.30 1.96
N SER D 325 27.53 -49.37 1.84
CA SER D 325 27.14 -50.25 2.94
C SER D 325 26.42 -51.47 2.39
N THR D 326 25.70 -52.15 3.28
CA THR D 326 24.91 -53.33 2.95
C THR D 326 23.43 -53.08 3.26
N VAL D 327 22.55 -53.61 2.40
CA VAL D 327 21.09 -53.41 2.55
C VAL D 327 20.67 -53.73 3.98
N ALA D 328 21.27 -54.78 4.53
CA ALA D 328 21.03 -55.22 5.91
C ALA D 328 21.39 -54.17 6.98
N GLU D 329 22.59 -53.60 6.88
CA GLU D 329 23.13 -52.73 7.94
C GLU D 329 22.41 -51.38 8.06
N ILE D 330 21.96 -50.82 6.95
CA ILE D 330 21.26 -49.54 6.96
C ILE D 330 19.89 -49.65 7.64
N ALA D 331 19.16 -50.72 7.30
CA ALA D 331 17.85 -51.01 7.90
C ALA D 331 17.87 -51.05 9.43
N ASN D 332 18.89 -51.72 9.98
CA ASN D 332 18.94 -52.04 11.41
C ASN D 332 19.61 -50.98 12.29
N GLU D 333 20.38 -50.08 11.68
CA GLU D 333 21.05 -49.04 12.46
C GLU D 333 20.08 -47.89 12.80
N PRO D 334 20.40 -47.11 13.85
CA PRO D 334 19.49 -46.03 14.19
C PRO D 334 19.50 -44.93 13.14
N LEU D 335 18.48 -44.07 13.15
CA LEU D 335 18.31 -43.06 12.11
C LEU D 335 19.43 -42.03 12.16
N GLY D 336 19.78 -41.60 13.37
CA GLY D 336 20.92 -40.72 13.62
C GLY D 336 22.24 -41.21 13.04
N ALA D 337 22.38 -42.53 12.88
CA ALA D 337 23.60 -43.14 12.34
C ALA D 337 23.67 -43.08 10.81
N THR D 338 22.54 -43.36 10.16
CA THR D 338 22.42 -43.26 8.70
C THR D 338 22.50 -41.79 8.26
N ALA D 339 21.90 -40.91 9.04
CA ALA D 339 21.97 -39.46 8.79
C ALA D 339 23.40 -38.93 8.93
N SER D 340 24.17 -39.50 9.87
CA SER D 340 25.56 -39.09 10.08
C SER D 340 26.45 -39.49 8.92
N ARG D 341 26.18 -40.66 8.33
CA ARG D 341 26.83 -41.08 7.08
C ARG D 341 26.74 -40.00 6.01
N LEU D 342 25.54 -39.47 5.79
CA LEU D 342 25.31 -38.43 4.78
C LEU D 342 26.02 -37.10 5.10
N ARG D 343 25.76 -36.58 6.30
CA ARG D 343 26.29 -35.30 6.76
C ARG D 343 27.82 -35.29 6.94
N SER D 344 28.40 -36.48 7.13
CA SER D 344 29.86 -36.61 7.30
C SER D 344 30.61 -36.44 5.96
N GLU D 345 29.85 -36.33 4.87
CA GLU D 345 30.45 -36.14 3.57
C GLU D 345 30.29 -34.70 3.06
N LEU D 346 29.59 -33.89 3.86
CA LEU D 346 29.29 -32.51 3.53
C LEU D 346 30.33 -31.54 4.12
N ASN D 347 31.53 -32.06 4.32
CA ASN D 347 32.65 -31.25 4.69
C ASN D 347 33.11 -30.42 3.47
N SER D 348 33.04 -29.09 3.58
CA SER D 348 33.36 -28.18 2.48
C SER D 348 34.78 -28.30 1.90
N ASP D 349 35.78 -28.51 2.75
CA ASP D 349 37.14 -28.84 2.28
C ASP D 349 37.12 -30.08 1.39
N ARG D 350 36.48 -31.15 1.85
CA ARG D 350 36.46 -32.38 1.08
C ARG D 350 35.64 -32.19 -0.20
N LEU D 351 34.50 -31.52 -0.09
CA LEU D 351 33.65 -31.23 -1.26
C LEU D 351 34.42 -30.50 -2.34
N ARG D 352 35.14 -29.45 -1.93
CA ARG D 352 35.94 -28.63 -2.82
C ARG D 352 37.04 -29.45 -3.49
N ARG D 353 37.78 -30.21 -2.69
CA ARG D 353 38.86 -31.07 -3.18
C ARG D 353 38.37 -32.07 -4.23
N ARG D 354 37.34 -32.82 -3.89
CA ARG D 354 36.70 -33.81 -4.79
C ARG D 354 36.26 -33.16 -6.10
N THR D 355 35.59 -32.01 -6.01
CA THR D 355 35.03 -31.32 -7.17
C THR D 355 36.12 -30.75 -8.06
N GLN D 356 37.17 -30.21 -7.44
CA GLN D 356 38.31 -29.69 -8.19
C GLN D 356 39.00 -30.80 -8.94
N ALA D 357 39.13 -31.95 -8.27
CA ALA D 357 39.71 -33.15 -8.86
C ALA D 357 38.90 -33.68 -10.03
N LEU D 358 37.58 -33.82 -9.84
CA LEU D 358 36.69 -34.20 -10.95
C LEU D 358 36.88 -33.27 -12.15
N ALA D 359 36.88 -31.95 -11.91
CA ALA D 359 37.09 -30.98 -13.00
C ALA D 359 38.49 -31.10 -13.64
N THR D 360 39.51 -31.18 -12.80
CA THR D 360 40.88 -31.41 -13.29
C THR D 360 40.95 -32.68 -14.18
N TYR D 361 40.48 -33.83 -13.67
CA TYR D 361 40.49 -35.10 -14.43
C TYR D 361 39.73 -35.00 -15.75
N MSE D 362 38.51 -34.45 -15.71
CA MSE D 362 37.70 -34.27 -16.91
C MSE D 362 38.29 -33.33 -17.98
O MSE D 362 38.17 -33.61 -19.18
CB MSE D 362 36.30 -33.78 -16.55
CG MSE D 362 35.48 -34.80 -15.83
SE MSE D 362 33.70 -34.11 -15.55
CE MSE D 362 33.05 -34.16 -17.38
N HIS D 363 38.91 -32.24 -17.54
CA HIS D 363 39.54 -31.27 -18.43
C HIS D 363 40.65 -31.90 -19.29
N GLY D 364 41.27 -32.96 -18.77
CA GLY D 364 42.33 -33.67 -19.51
C GLY D 364 41.91 -34.93 -20.27
N LEU D 365 40.63 -35.30 -20.16
CA LEU D 365 40.04 -36.44 -20.88
C LEU D 365 39.34 -36.03 -22.18
N PRO D 366 39.93 -36.39 -23.33
CA PRO D 366 39.24 -36.08 -24.59
C PRO D 366 38.04 -37.00 -24.79
N ASP D 367 38.15 -38.23 -24.29
CA ASP D 367 37.07 -39.20 -24.32
C ASP D 367 36.41 -39.30 -22.95
N LYS D 368 35.40 -38.47 -22.73
CA LYS D 368 34.69 -38.40 -21.44
C LYS D 368 33.72 -39.57 -21.24
N SER D 369 34.06 -40.68 -21.90
CA SER D 369 33.51 -42.03 -21.71
C SER D 369 32.21 -42.24 -20.95
N SER D 370 32.26 -42.70 -19.70
CA SER D 370 33.46 -42.96 -18.90
C SER D 370 33.26 -42.26 -17.57
N VAL D 371 33.18 -40.94 -17.60
CA VAL D 371 32.85 -40.16 -16.42
C VAL D 371 31.33 -40.10 -16.27
N SER D 372 30.82 -40.78 -15.25
CA SER D 372 29.40 -40.76 -14.90
C SER D 372 29.23 -40.82 -13.39
N LEU D 373 28.54 -39.82 -12.84
CA LEU D 373 28.37 -39.65 -11.39
C LEU D 373 27.60 -40.79 -10.69
N THR D 374 27.15 -41.79 -11.46
CA THR D 374 26.33 -42.89 -10.96
C THR D 374 26.88 -44.31 -11.26
N ALA D 375 28.16 -44.41 -11.63
CA ALA D 375 28.82 -45.68 -12.00
C ALA D 375 28.70 -46.80 -10.98
N PRO D 379 21.05 -50.07 -8.92
CA PRO D 379 19.64 -49.87 -9.32
C PRO D 379 18.69 -50.71 -8.47
N SER D 380 19.03 -51.98 -8.29
CA SER D 380 18.32 -52.86 -7.36
C SER D 380 18.55 -52.47 -5.90
N SER D 381 19.76 -52.03 -5.60
CA SER D 381 20.21 -51.84 -4.22
C SER D 381 20.45 -50.38 -3.85
N SER D 382 20.67 -49.55 -4.87
CA SER D 382 21.05 -48.15 -4.67
C SER D 382 19.88 -47.19 -4.38
N ILE D 383 20.24 -45.97 -3.99
CA ILE D 383 19.34 -44.82 -4.03
C ILE D 383 20.08 -43.69 -4.75
N MSE D 384 19.44 -43.10 -5.77
CA MSE D 384 19.96 -41.89 -6.42
C MSE D 384 19.02 -40.70 -6.18
O MSE D 384 17.96 -40.57 -6.82
CB MSE D 384 20.21 -42.11 -7.91
CG MSE D 384 21.45 -42.92 -8.20
SE MSE D 384 21.54 -43.53 -10.04
CE MSE D 384 20.25 -45.01 -9.93
N LEU D 385 19.41 -39.84 -5.26
CA LEU D 385 18.56 -38.75 -4.80
C LEU D 385 19.14 -37.36 -5.11
N SER D 386 18.25 -36.47 -5.57
CA SER D 386 18.55 -35.05 -5.69
C SER D 386 17.48 -34.22 -4.97
N SER D 387 17.92 -33.46 -3.98
CA SER D 387 17.00 -32.61 -3.24
C SER D 387 16.84 -31.24 -3.89
N TRP D 388 15.60 -30.90 -4.26
CA TRP D 388 15.29 -29.55 -4.74
C TRP D 388 14.66 -28.73 -3.61
N ALA D 389 14.78 -29.21 -2.37
CA ALA D 389 14.08 -28.60 -1.24
C ALA D 389 14.35 -27.08 -1.12
N LYS D 390 15.59 -26.68 -1.40
CA LYS D 390 16.01 -25.27 -1.30
C LYS D 390 15.59 -24.37 -2.49
N VAL D 391 15.12 -24.99 -3.57
CA VAL D 391 14.59 -24.25 -4.73
C VAL D 391 13.44 -23.26 -4.35
N GLY D 392 13.40 -22.11 -5.03
CA GLY D 392 12.60 -20.95 -4.62
C GLY D 392 11.25 -20.79 -5.30
N CYS D 393 10.84 -21.80 -6.08
CA CYS D 393 9.74 -21.70 -7.05
C CYS D 393 8.37 -21.38 -6.47
N TRP D 394 8.19 -21.69 -5.18
CA TRP D 394 6.96 -21.36 -4.46
C TRP D 394 6.73 -19.87 -4.31
N GLU D 395 7.78 -19.06 -4.52
CA GLU D 395 7.67 -17.62 -4.36
C GLU D 395 7.40 -16.82 -5.64
N TYR D 396 7.31 -17.48 -6.79
CA TYR D 396 7.31 -16.74 -8.06
C TYR D 396 5.87 -16.57 -8.59
N ASP D 397 5.48 -15.33 -8.80
CA ASP D 397 4.17 -15.01 -9.31
C ASP D 397 4.16 -14.54 -10.79
N PHE D 398 5.34 -14.15 -11.31
CA PHE D 398 5.52 -13.70 -12.70
C PHE D 398 4.73 -12.45 -13.13
N GLY D 399 4.24 -11.67 -12.16
CA GLY D 399 3.27 -10.61 -12.40
C GLY D 399 1.98 -11.05 -13.10
N PHE D 400 1.58 -12.30 -12.90
CA PHE D 400 0.36 -12.85 -13.54
C PHE D 400 -0.94 -12.37 -12.88
N GLY D 401 -0.85 -11.98 -11.61
CA GLY D 401 -2.02 -11.56 -10.82
C GLY D 401 -2.77 -12.71 -10.16
N LEU D 402 -2.12 -13.88 -10.09
CA LEU D 402 -2.77 -15.12 -9.66
C LEU D 402 -2.33 -15.60 -8.27
N GLY D 403 -1.51 -14.79 -7.60
CA GLY D 403 -0.82 -15.23 -6.39
C GLY D 403 0.35 -16.15 -6.70
N LYS D 404 0.84 -16.80 -5.66
CA LYS D 404 1.99 -17.67 -5.73
C LYS D 404 1.46 -19.03 -6.15
N PRO D 405 2.35 -19.93 -6.62
CA PRO D 405 1.93 -21.25 -7.04
C PRO D 405 1.15 -22.00 -5.95
N GLU D 406 0.07 -22.68 -6.34
CA GLU D 406 -0.65 -23.54 -5.43
C GLU D 406 0.07 -24.86 -5.24
N SER D 407 0.82 -25.25 -6.27
CA SER D 407 1.63 -26.48 -6.20
C SER D 407 2.85 -26.29 -7.08
N VAL D 408 3.96 -26.93 -6.69
CA VAL D 408 5.19 -26.98 -7.49
C VAL D 408 5.60 -28.45 -7.58
N ARG D 409 5.54 -29.02 -8.79
CA ARG D 409 5.74 -30.48 -8.98
C ARG D 409 6.71 -30.77 -10.11
N ARG D 410 7.38 -31.93 -10.06
CA ARG D 410 8.22 -32.38 -11.19
C ARG D 410 7.40 -33.35 -12.04
N PRO D 411 7.25 -33.06 -13.34
CA PRO D 411 6.47 -33.96 -14.24
C PRO D 411 6.99 -35.41 -14.29
N ARG D 412 6.10 -36.34 -14.63
CA ARG D 412 6.42 -37.77 -14.65
C ARG D 412 7.09 -38.16 -15.95
N PHE D 413 8.21 -38.87 -15.85
CA PHE D 413 8.83 -39.48 -17.04
C PHE D 413 8.97 -41.01 -16.86
N GLU D 414 9.68 -41.68 -17.77
CA GLU D 414 9.79 -43.15 -17.71
C GLU D 414 10.21 -43.61 -16.31
N PRO D 415 9.67 -44.77 -15.86
CA PRO D 415 10.10 -45.25 -14.55
C PRO D 415 11.60 -45.55 -14.59
N PHE D 416 12.27 -45.34 -13.47
CA PHE D 416 13.72 -45.30 -13.45
C PHE D 416 14.07 -45.70 -12.04
N GLU D 417 14.13 -47.01 -11.83
CA GLU D 417 14.33 -47.60 -10.50
C GLU D 417 15.39 -46.92 -9.64
N SER D 418 15.01 -46.63 -8.39
CA SER D 418 15.88 -46.08 -7.34
C SER D 418 16.16 -44.56 -7.45
N LEU D 419 15.75 -43.95 -8.56
CA LEU D 419 15.86 -42.50 -8.73
C LEU D 419 14.80 -41.78 -7.88
N MSE D 420 15.21 -40.68 -7.22
CA MSE D 420 14.33 -39.92 -6.34
C MSE D 420 14.67 -38.43 -6.26
O MSE D 420 15.79 -38.01 -6.59
CB MSE D 420 14.34 -40.49 -4.93
CG MSE D 420 14.75 -41.93 -4.88
SE MSE D 420 14.39 -42.62 -3.19
CE MSE D 420 14.69 -41.08 -2.08
N TYR D 421 13.68 -37.66 -5.82
CA TYR D 421 13.77 -36.20 -5.75
C TYR D 421 13.03 -35.74 -4.52
N PHE D 422 13.50 -34.66 -3.92
CA PHE D 422 12.66 -33.87 -3.03
C PHE D 422 12.23 -32.64 -3.80
N MSE D 423 10.96 -32.29 -3.65
CA MSE D 423 10.40 -31.10 -4.28
C MSE D 423 10.85 -29.87 -3.49
O MSE D 423 11.26 -30.01 -2.33
CB MSE D 423 8.87 -31.20 -4.28
CG MSE D 423 8.30 -32.30 -5.20
SE MSE D 423 8.98 -32.19 -7.02
CE MSE D 423 10.26 -33.64 -7.02
N PRO D 424 10.77 -28.67 -4.12
CA PRO D 424 11.02 -27.46 -3.32
C PRO D 424 10.16 -27.47 -2.07
N LYS D 425 10.77 -27.20 -0.92
CA LYS D 425 10.05 -27.19 0.36
C LYS D 425 8.86 -26.24 0.30
N LYS D 426 7.69 -26.71 0.73
CA LYS D 426 6.48 -25.90 0.67
C LYS D 426 6.56 -24.84 1.77
N PRO D 427 6.01 -23.63 1.54
CA PRO D 427 6.10 -22.60 2.58
C PRO D 427 5.63 -23.02 3.98
N ASP D 428 4.76 -24.03 4.07
CA ASP D 428 4.29 -24.50 5.38
C ASP D 428 5.22 -25.54 6.05
N GLY D 429 6.24 -25.99 5.33
CA GLY D 429 7.24 -26.90 5.89
C GLY D 429 7.19 -28.30 5.30
N GLU D 430 6.13 -28.59 4.57
CA GLU D 430 5.92 -29.92 3.96
C GLU D 430 6.96 -30.27 2.91
N PHE D 431 7.46 -31.51 2.96
CA PHE D 431 8.32 -32.09 1.92
C PHE D 431 7.50 -33.05 1.04
N THR D 432 7.85 -33.10 -0.23
CA THR D 432 7.32 -34.11 -1.11
C THR D 432 8.49 -34.82 -1.76
N ALA D 433 8.53 -36.14 -1.59
CA ALA D 433 9.48 -36.98 -2.29
C ALA D 433 8.80 -37.62 -3.48
N SER D 434 9.46 -37.51 -4.62
CA SER D 434 9.09 -38.23 -5.82
C SER D 434 10.02 -39.44 -5.96
N ILE D 435 9.45 -40.64 -5.93
CA ILE D 435 10.21 -41.88 -5.83
C ILE D 435 9.91 -42.89 -6.95
N SER D 436 10.95 -43.34 -7.64
CA SER D 436 10.83 -44.47 -8.55
C SER D 436 11.37 -45.76 -7.92
N LEU D 437 10.48 -46.72 -7.69
CA LEU D 437 10.86 -48.06 -7.21
C LEU D 437 10.31 -49.17 -8.12
N ARG D 438 10.95 -50.35 -8.05
CA ARG D 438 10.44 -51.54 -8.75
CA ARG D 438 10.45 -51.56 -8.73
C ARG D 438 9.09 -51.92 -8.14
N ASP D 439 8.16 -52.33 -9.01
CA ASP D 439 6.77 -52.62 -8.59
C ASP D 439 6.71 -53.33 -7.23
N GLU D 440 7.54 -54.36 -7.08
CA GLU D 440 7.64 -55.11 -5.81
C GLU D 440 7.90 -54.21 -4.62
N ASP D 441 9.04 -53.50 -4.66
CA ASP D 441 9.46 -52.52 -3.62
C ASP D 441 8.38 -51.49 -3.25
N MSE D 442 7.74 -50.92 -4.27
CA MSE D 442 6.74 -49.86 -4.08
C MSE D 442 5.54 -50.35 -3.26
O MSE D 442 5.16 -49.70 -2.27
CB MSE D 442 6.27 -49.33 -5.44
CG MSE D 442 5.39 -48.10 -5.33
SE MSE D 442 6.41 -46.48 -4.91
CE MSE D 442 7.18 -46.22 -6.64
N GLU D 443 4.98 -51.49 -3.66
CA GLU D 443 3.89 -52.15 -2.91
C GLU D 443 4.29 -52.41 -1.47
N ARG D 444 5.48 -52.99 -1.29
CA ARG D 444 6.05 -53.27 0.04
C ARG D 444 6.15 -52.00 0.86
N LEU D 445 6.72 -50.96 0.25
CA LEU D 445 6.91 -49.66 0.88
C LEU D 445 5.60 -49.00 1.26
N LYS D 446 4.68 -48.90 0.29
CA LYS D 446 3.32 -48.41 0.53
C LYS D 446 2.65 -49.11 1.71
N ALA D 447 2.81 -50.43 1.78
CA ALA D 447 2.18 -51.25 2.82
C ALA D 447 2.92 -51.18 4.15
N ASP D 448 4.17 -50.70 4.11
CA ASP D 448 5.05 -50.71 5.29
C ASP D 448 4.54 -49.87 6.46
N GLU D 449 4.50 -50.49 7.63
CA GLU D 449 4.02 -49.89 8.87
C GLU D 449 4.84 -48.65 9.28
N GLU D 450 6.15 -48.83 9.37
CA GLU D 450 7.13 -47.81 9.77
C GLU D 450 7.09 -46.57 8.87
N TRP D 451 7.08 -46.81 7.57
CA TRP D 451 7.05 -45.80 6.51
C TRP D 451 5.79 -44.95 6.59
N THR D 452 4.64 -45.61 6.62
CA THR D 452 3.32 -44.97 6.60
C THR D 452 3.04 -44.11 7.83
N LYS D 453 3.85 -44.28 8.88
CA LYS D 453 3.74 -43.45 10.08
C LYS D 453 4.14 -41.98 9.80
N TYR D 454 4.88 -41.77 8.72
CA TYR D 454 5.42 -40.46 8.38
C TYR D 454 5.15 -40.01 6.94
N ALA D 455 5.14 -40.96 6.00
CA ALA D 455 4.88 -40.66 4.60
C ALA D 455 3.42 -40.89 4.21
N LYS D 456 2.81 -39.89 3.59
CA LYS D 456 1.46 -40.02 3.05
C LYS D 456 1.56 -40.24 1.54
N TYR D 457 1.02 -41.36 1.07
CA TYR D 457 1.04 -41.67 -0.35
C TYR D 457 0.11 -40.74 -1.12
N ILE D 458 0.65 -40.04 -2.11
CA ILE D 458 -0.12 -39.12 -2.94
C ILE D 458 -0.42 -39.75 -4.31
N GLY D 459 0.62 -40.22 -4.99
CA GLY D 459 0.46 -40.90 -6.26
C GLY D 459 1.11 -40.14 -7.40
N1A COA E . -30.96 -9.84 33.85
C2A COA E . -30.40 -9.76 32.59
N3A COA E . -29.22 -9.03 32.41
C4A COA E . -28.61 -8.42 33.46
C5A COA E . -29.17 -8.50 34.74
C6A COA E . -30.36 -9.21 34.93
N6A COA E . -30.96 -9.21 36.12
N7A COA E . -28.37 -7.81 35.58
C8A COA E . -27.33 -7.30 34.87
N9A COA E . -27.46 -7.68 33.56
C1B COA E . -26.49 -7.44 32.46
C2B COA E . -26.47 -5.97 32.03
O2B COA E . -27.47 -5.73 31.05
C3B COA E . -25.05 -5.82 31.54
O3B COA E . -24.95 -6.57 30.36
P3B COA E . -24.27 -6.08 28.97
O7A COA E . -22.96 -5.41 29.32
O8A COA E . -25.14 -5.06 28.29
O9A COA E . -24.08 -7.34 28.20
C4B COA E . -24.28 -6.65 32.54
O4B COA E . -25.15 -7.72 32.87
C5B COA E . -23.86 -5.94 33.82
O5B COA E . -23.35 -6.96 34.68
P1A COA E . -22.09 -6.69 35.63
O1A COA E . -22.35 -5.55 36.56
O2A COA E . -21.62 -7.95 36.33
O3A COA E . -20.90 -6.13 34.67
P2A COA E . -20.03 -6.97 33.60
O4A COA E . -19.97 -6.14 32.34
O5A COA E . -20.47 -8.40 33.37
O6A COA E . -18.56 -7.06 34.23
CBP COA E . -16.92 -7.82 35.82
CCP COA E . -18.21 -8.15 35.08
CDP COA E . -15.78 -8.07 34.84
CEP COA E . -16.82 -8.74 37.05
CAP COA E . -16.95 -6.34 36.22
OAP COA E . -18.04 -6.10 37.11
C9P COA E . -15.70 -5.82 36.86
O9P COA E . -15.49 -6.01 38.23
N8P COA E . -14.83 -5.14 36.12
C7P COA E . -13.58 -4.62 36.68
C6P COA E . -12.47 -5.67 36.73
C5P COA E . -11.20 -5.06 37.31
O5P COA E . -11.10 -4.79 38.54
N4P COA E . -10.21 -4.80 36.46
C3P COA E . -9.32 -3.68 36.72
C2P COA E . -7.88 -4.09 36.92
S1P COA E . -6.91 -3.03 38.03
O18 ZBA F . 0.69 -11.40 36.57
C44 ZBA F . 1.22 -10.65 37.33
C45 ZBA F . 2.15 -11.01 38.44
C46 ZBA F . 3.29 -10.10 38.64
C48 ZBA F . 4.33 -9.86 37.64
C47 ZBA F . 3.53 -9.31 39.88
O17 ZBA F . 1.00 -9.34 37.23
C31 ZBA F . -0.09 -8.82 36.40
C30 ZBA F . -1.45 -9.17 36.99
C32 ZBA F . 0.21 -7.36 36.21
C39 ZBA F . 1.52 -7.07 35.56
C33 ZBA F . -0.66 -6.44 36.58
C34 ZBA F . -2.00 -6.74 37.16
O10 ZBA F . -2.97 -6.77 36.05
C29 ZBA F . -2.12 -8.11 37.94
C38 ZBA F . -1.34 -8.01 39.26
O12 ZBA F . -0.94 -9.32 39.71
C40 ZBA F . -0.64 -9.45 41.00
C41 ZBA F . -0.17 -10.83 41.31
O13 ZBA F . -0.75 -8.62 41.80
C28 ZBA F . -3.67 -8.45 38.21
C37 ZBA F . -3.82 -9.73 39.09
C35 ZBA F . -4.38 -8.54 36.85
C25 ZBA F . -4.33 -7.16 36.35
C36 ZBA F . -4.61 -9.72 36.04
O11 ZBA F . -5.69 -9.11 36.76
C27 ZBA F . -4.45 -7.18 38.78
C26 ZBA F . -4.99 -6.51 37.53
O16 ZBA F . -4.82 -5.11 37.50
O14 ZBA F . -5.56 -7.44 39.70
CA CA G . -4.56 -25.13 45.67
CA CA H . -2.67 -22.14 46.97
N1A COA I . 1.94 5.18 -7.92
C2A COA I . 1.17 4.63 -6.93
N3A COA I . 0.00 5.27 -6.54
C4A COA I . -0.40 6.42 -7.15
C5A COA I . 0.38 6.98 -8.16
C6A COA I . 1.57 6.34 -8.56
N6A COA I . 2.25 6.78 -9.61
N7A COA I . -0.24 8.11 -8.58
C8A COA I . -1.38 8.27 -7.86
N9A COA I . -1.49 7.26 -6.97
C1B COA I . -2.62 7.04 -6.01
C2B COA I . -2.60 8.08 -4.89
O2B COA I . -1.71 7.73 -3.88
C3B COA I . -4.05 8.08 -4.44
O3B COA I . -4.41 6.87 -3.78
P3B COA I . -4.68 6.73 -2.18
O7A COA I . -5.83 7.63 -1.85
O8A COA I . -3.45 7.18 -1.44
O9A COA I . -4.93 5.30 -1.85
C4B COA I . -4.77 8.01 -5.76
O4B COA I . -3.92 7.23 -6.61
C5B COA I . -5.09 9.38 -6.33
O5B COA I . -5.80 9.07 -7.50
P1A COA I . -7.14 9.79 -8.00
O1A COA I . -6.92 11.26 -8.21
O2A COA I . -7.67 9.16 -9.26
O3A COA I . -8.14 9.75 -6.75
P2A COA I . -8.98 8.52 -6.15
O4A COA I . -9.03 8.68 -4.66
O5A COA I . -8.49 7.16 -6.51
O6A COA I . -10.46 8.87 -6.72
CBP COA I . -12.25 9.20 -8.27
CCP COA I . -10.93 8.48 -7.99
CDP COA I . -13.34 8.61 -7.37
CEP COA I . -12.59 8.96 -9.75
CAP COA I . -12.07 10.70 -7.96
OAP COA I . -10.94 11.25 -8.63
C9P COA I . -13.25 11.61 -8.24
O9P COA I . -13.38 12.20 -9.49
N8P COA I . -14.14 11.83 -7.27
C7P COA I . -15.35 12.63 -7.51
C6P COA I . -16.51 11.77 -8.02
C5P COA I . -17.74 12.61 -8.31
O5P COA I . -17.79 13.31 -9.33
N4P COA I . -18.74 12.53 -7.43
C3P COA I . -19.67 13.63 -7.22
C2P COA I . -21.14 13.26 -7.47
S1P COA I . -22.18 14.64 -8.08
O18 ZBA J . -30.12 7.76 -11.67
C44 ZBA J . -30.47 8.91 -11.74
C45 ZBA J . -31.30 9.52 -12.81
C46 ZBA J . -32.74 9.31 -12.60
C48 ZBA J . -33.35 9.40 -11.28
C47 ZBA J . -33.70 9.01 -13.70
O17 ZBA J . -30.12 9.80 -10.80
C31 ZBA J . -29.24 9.45 -9.68
C30 ZBA J . -27.81 9.35 -10.19
C32 ZBA J . -29.46 10.50 -8.63
C39 ZBA J . -30.78 10.44 -7.92
C33 ZBA J . -28.53 11.39 -8.35
C34 ZBA J . -27.18 11.43 -8.97
O10 ZBA J . -26.27 10.77 -8.02
C29 ZBA J . -27.02 10.71 -10.35
C38 ZBA J . -27.65 11.62 -11.43
O12 ZBA J . -28.10 10.81 -12.54
C40 ZBA J . -28.46 11.40 -13.70
C41 ZBA J . -28.17 10.54 -14.88
O13 ZBA J . -28.97 12.44 -13.79
C28 ZBA J . -25.47 10.44 -10.70
C37 ZBA J . -25.33 9.70 -12.05
C35 ZBA J . -24.81 9.66 -9.54
C25 ZBA J . -24.90 10.61 -8.41
C36 ZBA J . -24.60 8.25 -9.40
O11 ZBA J . -23.51 9.09 -9.78
C27 ZBA J . -24.65 11.79 -10.52
C26 ZBA J . -24.24 11.80 -9.06
O16 ZBA J . -24.57 12.99 -8.39
O14 ZBA J . -23.46 11.94 -11.33
C42 ZBA J . -23.51 12.26 -12.68
O15 ZBA J . -24.37 12.89 -13.17
C43 ZBA J . -22.39 11.73 -13.50
S DMS K . -32.10 21.05 24.28
O DMS K . -31.91 22.72 23.66
C1 DMS K . -32.07 21.07 26.10
C2 DMS K . -33.76 20.49 23.86
N1A COA L . -0.49 10.21 -1.66
C2A COA L . 0.81 9.73 -1.75
N3A COA L . 1.47 9.81 -2.97
C4A COA L . 0.84 10.34 -4.05
C5A COA L . -0.47 10.82 -3.95
C6A COA L . -1.15 10.75 -2.75
N6A COA L . -2.47 11.00 -2.71
N7A COA L . -0.84 11.28 -5.17
C8A COA L . 0.18 11.12 -6.02
N9A COA L . 1.24 10.53 -5.35
C1B COA L . 2.60 10.35 -5.88
C2B COA L . 2.65 9.26 -6.92
O2B COA L . 2.82 8.02 -6.30
C3B COA L . 3.88 9.64 -7.71
O3B COA L . 5.00 9.35 -6.89
P3B COA L . 6.02 8.18 -7.20
O7A COA L . 6.67 8.38 -8.56
O8A COA L . 5.35 6.82 -7.12
O9A COA L . 7.03 8.20 -6.09
C4B COA L . 3.80 11.15 -7.74
O4B COA L . 3.09 11.50 -6.56
C5B COA L . 3.09 11.69 -8.98
O5B COA L . 3.15 13.10 -8.84
P1A COA L . 3.47 14.09 -10.04
O1A COA L . 2.43 13.96 -11.12
O2A COA L . 3.61 15.48 -9.53
O3A COA L . 4.81 13.49 -10.74
P2A COA L . 6.31 13.51 -10.20
O4A COA L . 6.89 12.17 -10.57
O5A COA L . 6.48 13.84 -8.75
O6A COA L . 6.97 14.70 -11.03
CBP COA L . 7.26 16.79 -12.02
CCP COA L . 6.67 16.05 -10.83
CDP COA L . 8.76 16.49 -12.13
CEP COA L . 7.02 18.29 -11.75
CAP COA L . 6.55 16.24 -13.28
OAP COA L . 5.13 16.27 -13.11
C9P COA L . 6.94 16.92 -14.57
O9P COA L . 6.29 18.10 -14.91
N8P COA L . 7.86 16.39 -15.38
C7P COA L . 8.29 17.12 -16.57
C6P COA L . 9.40 18.13 -16.30
C5P COA L . 9.83 18.84 -17.59
O5P COA L . 9.08 19.67 -18.11
N4P COA L . 11.03 18.56 -18.14
C3P COA L . 11.19 18.56 -19.59
C2P COA L . 12.28 19.49 -20.13
S1P COA L . 11.88 20.28 -21.74
O18 ZBA M . 20.01 27.83 -19.16
C44 ZBA M . 19.65 27.97 -20.30
C45 ZBA M . 19.49 29.26 -21.01
C46 ZBA M . 20.45 29.57 -22.09
C48 ZBA M . 21.57 28.74 -22.45
C47 ZBA M . 20.37 30.80 -22.94
O17 ZBA M . 19.32 26.92 -21.05
C31 ZBA M . 19.18 25.58 -20.46
C30 ZBA M . 17.93 25.50 -19.61
C32 ZBA M . 19.22 24.65 -21.63
C39 ZBA M . 20.51 24.63 -22.39
C33 ZBA M . 18.18 23.89 -21.93
C34 ZBA M . 16.89 23.87 -21.20
O10 ZBA M . 16.90 22.64 -20.36
C29 ZBA M . 16.57 25.14 -20.31
C38 ZBA M . 16.14 26.24 -21.33
O12 ZBA M . 16.51 27.61 -21.01
C40 ZBA M . 15.52 28.44 -20.67
C41 ZBA M . 16.00 29.76 -20.16
O13 ZBA M . 14.39 28.18 -20.74
C28 ZBA M . 15.40 24.81 -19.24
C37 ZBA M . 15.09 26.03 -18.32
C35 ZBA M . 15.87 23.61 -18.41
C25 ZBA M . 15.84 22.50 -19.39
C36 ZBA M . 16.60 23.62 -17.17
O11 ZBA M . 15.21 23.32 -17.17
C27 ZBA M . 14.14 24.15 -19.97
C26 ZBA M . 14.41 22.66 -19.86
O16 ZBA M . 14.22 22.01 -21.10
O14 ZBA M . 12.79 24.46 -19.48
C42 ZBA M . 12.15 25.66 -19.80
O15 ZBA M . 12.44 26.27 -20.76
C43 ZBA M . 11.09 26.16 -18.88
C1 GOL N . 2.91 18.06 -11.54
O1 GOL N . 2.25 17.79 -10.31
C2 GOL N . 1.92 18.55 -12.61
O2 GOL N . 0.64 18.07 -12.32
C3 GOL N . 2.27 18.00 -13.98
O3 GOL N . 3.43 18.60 -14.51
N1A COA O . 23.39 -25.86 14.56
C2A COA O . 22.20 -26.49 14.30
N3A COA O . 21.77 -26.71 13.00
C4A COA O . 22.53 -26.30 11.97
C5A COA O . 23.74 -25.65 12.20
C6A COA O . 24.18 -25.42 13.50
N6A COA O . 25.44 -25.06 13.73
N7A COA O . 24.28 -25.32 10.99
C8A COA O . 23.44 -25.77 10.03
N9A COA O . 22.35 -26.37 10.61
C1B COA O . 21.17 -26.94 9.94
C2B COA O . 20.23 -25.86 9.44
O2B COA O . 19.45 -25.37 10.51
C3B COA O . 19.48 -26.61 8.34
O3B COA O . 18.57 -27.57 8.88
P3B COA O . 16.97 -27.41 8.72
O7A COA O . 16.62 -27.56 7.27
O8A COA O . 16.48 -26.08 9.20
O9A COA O . 16.38 -28.54 9.56
C4B COA O . 20.61 -27.39 7.72
O4B COA O . 21.51 -27.68 8.77
C5B COA O . 21.33 -26.62 6.60
O5B COA O . 22.33 -27.49 6.10
P1A COA O . 22.71 -27.50 4.56
O1A COA O . 23.14 -26.13 4.13
O2A COA O . 23.78 -28.48 4.19
O3A COA O . 21.29 -27.78 3.81
P2A COA O . 20.32 -29.08 3.80
O4A COA O . 18.90 -28.58 3.88
O5A COA O . 20.65 -30.10 4.85
O6A COA O . 20.55 -29.73 2.35
CBP COA O . 21.91 -30.55 0.56
CCP COA O . 21.74 -30.42 2.07
CDP COA O . 20.82 -31.50 0.07
CEP COA O . 23.26 -31.23 0.32
CAP COA O . 21.79 -29.15 -0.10
OAP COA O . 22.77 -28.24 0.37
C9P COA O . 21.96 -29.16 -1.58
O9P COA O . 23.25 -29.28 -2.15
N8P COA O . 20.86 -29.02 -2.32
C7P COA O . 20.92 -29.13 -3.77
C6P COA O . 20.93 -30.57 -4.23
C5P COA O . 21.02 -30.60 -5.74
O5P COA O . 22.11 -30.34 -6.27
N4P COA O . 19.91 -30.88 -6.42
C3P COA O . 19.67 -30.30 -7.74
C2P COA O . 19.44 -31.32 -8.86
S1P COA O . 20.02 -30.77 -10.49
O18 ZBA P . 20.89 -41.35 -14.43
C44 ZBA P . 20.79 -40.49 -15.28
C45 ZBA P . 21.58 -40.35 -16.51
C46 ZBA P . 21.22 -41.38 -17.50
C48 ZBA P . 19.90 -41.45 -18.09
C47 ZBA P . 22.16 -42.44 -17.99
O17 ZBA P . 19.89 -39.50 -15.17
C31 ZBA P . 19.14 -39.18 -13.96
C30 ZBA P . 20.05 -38.82 -12.80
C32 ZBA P . 18.23 -38.09 -14.42
C39 ZBA P . 17.07 -38.57 -15.24
C33 ZBA P . 18.47 -36.84 -14.10
C34 ZBA P . 19.38 -36.41 -13.00
O10 ZBA P . 18.55 -36.32 -11.80
C29 ZBA P . 20.61 -37.35 -12.71
C38 ZBA P . 21.61 -37.10 -13.85
O12 ZBA P . 22.54 -38.18 -14.06
C40 ZBA P . 23.58 -37.83 -14.83
C41 ZBA P . 24.89 -38.06 -14.15
O13 ZBA P . 23.47 -37.40 -15.90
C28 ZBA P . 21.26 -36.99 -11.27
C37 ZBA P . 22.49 -37.89 -10.97
C35 ZBA P . 20.17 -37.17 -10.21
C25 ZBA P . 19.22 -36.08 -10.54
C36 ZBA P . 19.87 -38.35 -9.45
O11 ZBA P . 20.50 -37.23 -8.81
C27 ZBA P . 21.48 -35.41 -11.13
C26 ZBA P . 20.20 -34.92 -10.49
O16 ZBA P . 19.63 -33.78 -11.10
O14 ZBA P . 22.64 -34.92 -10.38
C42 ZBA P . 23.85 -34.64 -11.01
O15 ZBA P . 23.90 -34.24 -12.10
C43 ZBA P . 25.12 -34.84 -10.25
#